data_4TTI
#
_entry.id   4TTI
#
_cell.length_a   61.933
_cell.length_b   124.174
_cell.length_c   189.436
_cell.angle_alpha   90.000
_cell.angle_beta   90.000
_cell.angle_gamma   90.000
#
_symmetry.space_group_name_H-M   'P 21 21 21'
#
loop_
_entity.id
_entity.type
_entity.pdbx_description
1 polymer 'Purine nucleoside phosphorylase DeoD-type'
2 non-polymer (1S)-1-(7-amino-1H-pyrazolo[4,3-d]pyrimidin-3-yl)-1,4-anhydro-D-ribitol
3 non-polymer 'PHOSPHATE ION'
4 non-polymer 'SULFATE ION'
5 water water
#
_entity_poly.entity_id   1
_entity_poly.type   'polypeptide(L)'
_entity_poly.pdbx_seq_one_letter_code
;ATPHINAEMGDFADVVLMPGDPLRAKYIAETFLEDAREVNNVRGMLGFTGTYKGRKISVMGHGMGIPSCSIYTKELITDF
GVKKIIRVGSCGAVLPHVKLRDVVIGMGACTDSKVNRIRFKDHDFAAIADFDMVRNAVDAAKALGIDARVGNLFSADLFY
SPDGEMFDVMEKYGILGVEMEAAGIYGVAAEFGAKALTICTVSAHIRTHEQTTAAEAQTTFNDMIKIALESVLLGDK
;
_entity_poly.pdbx_strand_id   A,B,C,D,E,F
#
loop_
_chem_comp.id
_chem_comp.type
_chem_comp.name
_chem_comp.formula
FMC non-polymer (1S)-1-(7-amino-1H-pyrazolo[4,3-d]pyrimidin-3-yl)-1,4-anhydro-D-ribitol 'C10 H13 N5 O4'
PO4 non-polymer 'PHOSPHATE ION' 'O4 P -3'
SO4 non-polymer 'SULFATE ION' 'O4 S -2'
#
# COMPACT_ATOMS: atom_id res chain seq x y z
N ALA A 1 -32.79 -12.55 16.32
CA ALA A 1 -32.47 -13.65 15.42
C ALA A 1 -31.15 -13.48 14.69
N THR A 2 -30.60 -12.27 14.67
CA THR A 2 -29.22 -12.09 14.24
C THR A 2 -28.37 -11.65 15.43
N PRO A 3 -27.02 -11.71 15.30
CA PRO A 3 -26.21 -11.40 16.49
C PRO A 3 -26.37 -9.97 17.05
N HIS A 4 -26.86 -9.02 16.26
CA HIS A 4 -26.97 -7.64 16.76
C HIS A 4 -28.39 -7.07 16.65
N ILE A 5 -29.34 -7.90 16.25
CA ILE A 5 -30.72 -7.48 16.08
C ILE A 5 -31.66 -8.56 16.60
N ASN A 6 -32.29 -8.31 17.74
CA ASN A 6 -33.28 -9.25 18.26
C ASN A 6 -34.65 -9.02 17.63
N ALA A 7 -34.84 -9.57 16.44
CA ALA A 7 -36.11 -9.43 15.73
C ALA A 7 -36.27 -10.62 14.79
N GLU A 8 -37.41 -10.73 14.13
CA GLU A 8 -37.63 -11.83 13.21
C GLU A 8 -38.06 -11.31 11.84
N MET A 9 -37.96 -12.16 10.82
CA MET A 9 -38.41 -11.81 9.47
C MET A 9 -39.82 -11.22 9.50
N GLY A 10 -40.02 -10.14 8.77
CA GLY A 10 -41.32 -9.46 8.77
C GLY A 10 -41.34 -8.26 9.70
N ASP A 11 -40.52 -8.27 10.74
CA ASP A 11 -40.46 -7.15 11.68
C ASP A 11 -39.97 -5.85 11.04
N PHE A 12 -39.18 -5.99 9.97
CA PHE A 12 -38.68 -4.82 9.26
C PHE A 12 -39.38 -4.69 7.92
N ALA A 13 -39.59 -3.45 7.49
CA ALA A 13 -40.05 -3.18 6.14
C ALA A 13 -38.93 -3.50 5.17
N ASP A 14 -39.24 -3.50 3.87
CA ASP A 14 -38.19 -3.81 2.88
C ASP A 14 -37.30 -2.59 2.57
N VAL A 15 -37.65 -1.46 3.18
CA VAL A 15 -36.82 -0.27 3.13
C VAL A 15 -36.54 0.21 4.55
N VAL A 16 -35.27 0.47 4.88
CA VAL A 16 -34.95 0.99 6.21
C VAL A 16 -34.15 2.30 6.15
N LEU A 17 -34.71 3.34 6.76
CA LEU A 17 -33.96 4.58 7.00
C LEU A 17 -33.02 4.36 8.16
N MET A 18 -31.77 4.80 8.03
CA MET A 18 -30.77 4.61 9.08
C MET A 18 -29.92 5.84 9.37
N PRO A 19 -30.17 6.50 10.51
CA PRO A 19 -29.22 7.50 11.01
C PRO A 19 -28.20 6.77 11.88
N GLY A 20 -27.07 7.38 12.20
CA GLY A 20 -26.14 6.74 13.10
C GLY A 20 -26.63 6.76 14.53
N ASP A 21 -27.48 7.74 14.83
CA ASP A 21 -27.98 7.98 16.19
C ASP A 21 -29.32 7.25 16.41
N PRO A 22 -29.33 6.27 17.33
CA PRO A 22 -30.57 5.52 17.62
C PRO A 22 -31.64 6.45 18.21
N LEU A 23 -31.21 7.53 18.87
CA LEU A 23 -32.15 8.50 19.41
C LEU A 23 -32.80 9.34 18.30
N ARG A 24 -32.06 9.57 17.22
CA ARG A 24 -32.66 10.21 16.06
C ARG A 24 -33.65 9.24 15.41
N ALA A 25 -33.31 7.96 15.41
CA ALA A 25 -34.23 6.96 14.85
C ALA A 25 -35.55 6.97 15.64
N LYS A 26 -35.42 6.99 16.97
CA LYS A 26 -36.59 7.08 17.83
C LYS A 26 -37.40 8.35 17.53
N TYR A 27 -36.73 9.49 17.46
CA TYR A 27 -37.41 10.73 17.07
C TYR A 27 -38.16 10.58 15.74
N ILE A 28 -37.50 10.02 14.73
CA ILE A 28 -38.13 9.89 13.41
C ILE A 28 -39.38 9.02 13.52
N ALA A 29 -39.28 7.92 14.24
CA ALA A 29 -40.39 6.98 14.39
C ALA A 29 -41.58 7.67 15.07
N GLU A 30 -41.28 8.38 16.15
CA GLU A 30 -42.30 9.07 16.92
C GLU A 30 -42.94 10.24 16.18
N THR A 31 -42.21 10.80 15.21
CA THR A 31 -42.62 12.05 14.58
C THR A 31 -43.21 11.86 13.18
N PHE A 32 -42.64 10.94 12.41
CA PHE A 32 -42.99 10.79 11.00
C PHE A 32 -43.85 9.56 10.68
N LEU A 33 -43.76 8.54 11.53
CA LEU A 33 -44.46 7.28 11.28
C LEU A 33 -45.70 7.14 12.15
N GLU A 34 -46.74 6.54 11.60
CA GLU A 34 -47.92 6.20 12.38
C GLU A 34 -47.81 4.76 12.85
N ASP A 35 -48.38 4.47 14.03
CA ASP A 35 -48.41 3.11 14.58
C ASP A 35 -47.01 2.50 14.70
N ALA A 36 -46.02 3.33 14.99
CA ALA A 36 -44.64 2.84 15.11
C ALA A 36 -44.50 1.90 16.29
N ARG A 37 -43.78 0.81 16.09
CA ARG A 37 -43.48 -0.10 17.18
C ARG A 37 -41.98 -0.41 17.18
N GLU A 38 -41.39 -0.45 18.37
CA GLU A 38 -39.96 -0.77 18.50
C GLU A 38 -39.74 -2.22 18.11
N VAL A 39 -38.73 -2.48 17.28
CA VAL A 39 -38.48 -3.85 16.84
C VAL A 39 -37.08 -4.34 17.24
N ASN A 40 -36.25 -3.41 17.71
CA ASN A 40 -34.92 -3.79 18.21
C ASN A 40 -34.42 -2.87 19.30
N ASN A 41 -33.81 -3.47 20.32
CA ASN A 41 -33.15 -2.69 21.37
C ASN A 41 -31.76 -3.21 21.73
N VAL A 42 -31.31 -4.24 21.01
CA VAL A 42 -30.00 -4.82 21.27
C VAL A 42 -28.90 -3.76 21.23
N ARG A 43 -28.12 -3.69 22.30
CA ARG A 43 -27.07 -2.69 22.45
C ARG A 43 -27.60 -1.25 22.41
N GLY A 44 -28.88 -1.08 22.69
CA GLY A 44 -29.51 0.22 22.60
C GLY A 44 -29.63 0.77 21.19
N MET A 45 -29.26 -0.04 20.19
CA MET A 45 -29.37 0.42 18.81
C MET A 45 -30.83 0.29 18.33
N LEU A 46 -31.64 1.29 18.66
CA LEU A 46 -33.08 1.21 18.49
C LEU A 46 -33.53 1.19 17.03
N GLY A 47 -34.42 0.26 16.71
CA GLY A 47 -35.07 0.20 15.41
C GLY A 47 -36.59 0.15 15.57
N PHE A 48 -37.31 0.75 14.63
CA PHE A 48 -38.77 0.85 14.71
C PHE A 48 -39.37 0.53 13.36
N THR A 49 -40.61 0.03 13.37
CA THR A 49 -41.36 -0.17 12.14
C THR A 49 -42.74 0.48 12.29
N GLY A 50 -43.15 1.24 11.28
CA GLY A 50 -44.45 1.91 11.29
C GLY A 50 -44.94 2.11 9.87
N THR A 51 -45.88 3.04 9.68
CA THR A 51 -46.31 3.40 8.32
C THR A 51 -46.12 4.89 8.04
N TYR A 52 -45.84 5.21 6.78
CA TYR A 52 -45.80 6.59 6.31
C TYR A 52 -46.69 6.71 5.09
N LYS A 53 -47.78 7.47 5.22
CA LYS A 53 -48.82 7.53 4.18
C LYS A 53 -49.21 6.14 3.70
N GLY A 54 -49.40 5.23 4.66
CA GLY A 54 -49.85 3.88 4.37
C GLY A 54 -48.74 2.91 3.98
N ARG A 55 -47.53 3.42 3.81
CA ARG A 55 -46.40 2.59 3.39
C ARG A 55 -45.64 2.07 4.60
N LYS A 56 -45.43 0.75 4.66
CA LYS A 56 -44.65 0.16 5.74
C LYS A 56 -43.19 0.60 5.63
N ILE A 57 -42.68 1.22 6.68
CA ILE A 57 -41.33 1.79 6.67
C ILE A 57 -40.66 1.53 8.01
N SER A 58 -39.36 1.22 7.99
CA SER A 58 -38.60 1.06 9.23
C SER A 58 -37.52 2.13 9.37
N VAL A 59 -37.14 2.42 10.60
CA VAL A 59 -36.04 3.34 10.87
C VAL A 59 -35.23 2.78 12.05
N MET A 60 -33.90 2.74 11.89
CA MET A 60 -33.03 2.13 12.91
C MET A 60 -31.64 2.76 12.91
N GLY A 61 -31.07 2.95 14.10
CA GLY A 61 -29.71 3.48 14.19
C GLY A 61 -28.69 2.51 13.62
N HIS A 62 -27.56 3.01 13.11
CA HIS A 62 -26.49 2.12 12.63
C HIS A 62 -25.15 2.34 13.35
N GLY A 63 -25.15 3.23 14.35
CA GLY A 63 -23.94 3.51 15.10
C GLY A 63 -22.97 4.33 14.28
N MET A 64 -21.88 4.76 14.91
CA MET A 64 -20.88 5.58 14.23
C MET A 64 -19.75 4.75 13.61
N GLY A 65 -19.46 5.00 12.33
CA GLY A 65 -18.30 4.41 11.70
C GLY A 65 -18.60 3.27 10.74
N ILE A 66 -17.72 3.07 9.77
CA ILE A 66 -17.89 1.99 8.80
C ILE A 66 -18.10 0.60 9.43
N PRO A 67 -17.24 0.19 10.38
CA PRO A 67 -17.44 -1.14 10.95
C PRO A 67 -18.80 -1.33 11.63
N SER A 68 -19.30 -0.30 12.28
CA SER A 68 -20.58 -0.40 13.00
C SER A 68 -21.73 -0.59 12.01
N CYS A 69 -21.85 0.33 11.04
CA CYS A 69 -22.96 0.26 10.08
C CYS A 69 -22.87 -0.95 9.14
N SER A 70 -21.65 -1.45 8.90
CA SER A 70 -21.51 -2.63 8.05
C SER A 70 -22.15 -3.86 8.68
N ILE A 71 -22.09 -3.94 10.01
CA ILE A 71 -22.74 -5.03 10.72
C ILE A 71 -24.25 -4.98 10.55
N TYR A 72 -24.84 -3.84 10.85
CA TYR A 72 -26.30 -3.74 10.82
C TYR A 72 -26.86 -3.82 9.41
N THR A 73 -26.22 -3.15 8.45
CA THR A 73 -26.72 -3.21 7.07
C THR A 73 -26.63 -4.64 6.52
N LYS A 74 -25.54 -5.34 6.82
CA LYS A 74 -25.42 -6.74 6.38
C LYS A 74 -26.55 -7.61 6.93
N GLU A 75 -26.78 -7.52 8.24
CA GLU A 75 -27.78 -8.37 8.90
C GLU A 75 -29.19 -8.11 8.38
N LEU A 76 -29.52 -6.84 8.15
CA LEU A 76 -30.82 -6.46 7.59
C LEU A 76 -31.02 -7.05 6.19
N ILE A 77 -29.96 -6.97 5.37
CA ILE A 77 -30.04 -7.47 4.00
C ILE A 77 -30.13 -8.99 3.93
N THR A 78 -29.27 -9.70 4.68
CA THR A 78 -29.19 -11.15 4.51
C THR A 78 -30.25 -11.89 5.32
N ASP A 79 -30.72 -11.30 6.41
CA ASP A 79 -31.65 -11.99 7.30
C ASP A 79 -33.02 -11.35 7.53
N PHE A 80 -33.23 -10.14 7.03
CA PHE A 80 -34.53 -9.49 7.23
C PHE A 80 -35.19 -9.04 5.94
N GLY A 81 -34.66 -9.50 4.81
CA GLY A 81 -35.27 -9.22 3.53
C GLY A 81 -35.25 -7.77 3.11
N VAL A 82 -34.37 -6.97 3.71
CA VAL A 82 -34.29 -5.55 3.36
C VAL A 82 -33.67 -5.38 1.98
N LYS A 83 -34.33 -4.59 1.15
CA LYS A 83 -33.88 -4.38 -0.23
C LYS A 83 -33.22 -3.03 -0.41
N LYS A 84 -33.66 -2.05 0.38
CA LYS A 84 -33.12 -0.69 0.26
C LYS A 84 -32.75 -0.14 1.62
N ILE A 85 -31.60 0.50 1.69
CA ILE A 85 -31.21 1.23 2.89
C ILE A 85 -30.98 2.69 2.54
N ILE A 86 -31.62 3.59 3.29
CA ILE A 86 -31.37 5.03 3.15
C ILE A 86 -30.74 5.57 4.41
N ARG A 87 -29.43 5.78 4.36
CA ARG A 87 -28.75 6.40 5.48
C ARG A 87 -29.16 7.88 5.52
N VAL A 88 -29.55 8.35 6.70
CA VAL A 88 -29.91 9.76 6.87
C VAL A 88 -29.03 10.33 7.97
N GLY A 89 -27.92 10.96 7.57
CA GLY A 89 -26.88 11.29 8.55
C GLY A 89 -26.57 12.76 8.69
N SER A 90 -25.51 13.06 9.45
CA SER A 90 -24.98 14.41 9.50
C SER A 90 -23.60 14.38 8.87
N CYS A 91 -23.07 15.54 8.51
CA CYS A 91 -21.74 15.60 7.92
C CYS A 91 -21.12 16.98 8.15
N GLY A 92 -19.81 17.05 8.03
CA GLY A 92 -19.12 18.34 8.09
C GLY A 92 -18.81 18.83 6.69
N ALA A 93 -18.89 20.14 6.49
CA ALA A 93 -18.64 20.71 5.17
C ALA A 93 -17.21 21.23 5.08
N VAL A 94 -16.59 21.10 3.91
CA VAL A 94 -15.30 21.74 3.65
C VAL A 94 -15.40 22.86 2.59
N LEU A 95 -16.44 22.81 1.76
CA LEU A 95 -16.60 23.81 0.71
C LEU A 95 -17.11 25.16 1.26
N PRO A 96 -16.65 26.29 0.66
CA PRO A 96 -16.95 27.66 1.09
C PRO A 96 -18.43 28.01 1.29
N HIS A 97 -19.31 27.62 0.37
CA HIS A 97 -20.71 28.05 0.48
C HIS A 97 -21.70 26.92 0.69
N VAL A 98 -21.18 25.78 1.14
CA VAL A 98 -22.02 24.71 1.68
C VAL A 98 -22.21 25.11 3.13
N LYS A 99 -23.47 25.24 3.56
CA LYS A 99 -23.73 25.81 4.87
C LYS A 99 -24.49 24.86 5.81
N LEU A 100 -24.55 25.23 7.09
CA LEU A 100 -25.24 24.44 8.11
C LEU A 100 -26.68 24.16 7.70
N ARG A 101 -27.09 22.89 7.87
CA ARG A 101 -28.44 22.42 7.57
CA ARG A 101 -28.43 22.41 7.57
C ARG A 101 -28.71 22.19 6.07
N ASP A 102 -27.69 22.40 5.24
CA ASP A 102 -27.83 22.03 3.83
C ASP A 102 -27.96 20.53 3.73
N VAL A 103 -28.77 20.07 2.79
CA VAL A 103 -28.89 18.64 2.53
C VAL A 103 -28.02 18.30 1.33
N VAL A 104 -27.21 17.24 1.48
CA VAL A 104 -26.35 16.76 0.39
C VAL A 104 -26.64 15.27 0.17
N ILE A 105 -26.53 14.82 -1.07
CA ILE A 105 -26.82 13.44 -1.42
C ILE A 105 -25.57 12.78 -2.00
N GLY A 106 -25.16 11.67 -1.41
CA GLY A 106 -23.91 11.03 -1.81
C GLY A 106 -24.09 10.00 -2.90
N MET A 107 -24.01 10.42 -4.16
CA MET A 107 -24.09 9.44 -5.23
CA MET A 107 -24.06 9.47 -5.28
C MET A 107 -22.85 8.56 -5.23
N GLY A 108 -21.75 9.11 -4.70
CA GLY A 108 -20.53 8.34 -4.47
C GLY A 108 -19.95 8.65 -3.11
N ALA A 109 -19.08 7.78 -2.61
CA ALA A 109 -18.40 8.08 -1.34
C ALA A 109 -16.94 7.66 -1.29
N CYS A 110 -16.04 8.64 -1.20
CA CYS A 110 -14.64 8.38 -0.95
C CYS A 110 -14.45 7.86 0.48
N THR A 111 -13.27 7.32 0.77
CA THR A 111 -13.00 6.85 2.12
C THR A 111 -11.52 6.67 2.36
N ASP A 112 -11.11 6.72 3.62
CA ASP A 112 -9.74 6.36 4.00
C ASP A 112 -9.74 5.03 4.74
N SER A 113 -10.86 4.34 4.69
CA SER A 113 -10.99 3.00 5.24
C SER A 113 -10.33 1.99 4.33
N LYS A 114 -9.99 0.84 4.90
CA LYS A 114 -9.39 -0.24 4.10
C LYS A 114 -10.42 -1.30 3.71
N VAL A 115 -11.68 -1.15 4.14
CA VAL A 115 -12.67 -2.23 3.94
C VAL A 115 -12.89 -2.57 2.47
N ASN A 116 -12.97 -1.56 1.62
CA ASN A 116 -13.25 -1.86 0.22
C ASN A 116 -12.05 -2.45 -0.52
N ARG A 117 -10.85 -2.05 -0.12
CA ARG A 117 -9.63 -2.63 -0.65
C ARG A 117 -9.52 -4.10 -0.27
N ILE A 118 -9.96 -4.41 0.95
CA ILE A 118 -10.03 -5.78 1.42
C ILE A 118 -11.02 -6.59 0.57
N ARG A 119 -12.11 -5.94 0.14
CA ARG A 119 -13.09 -6.60 -0.73
C ARG A 119 -12.62 -6.72 -2.17
N PHE A 120 -11.78 -5.79 -2.60
CA PHE A 120 -11.56 -5.56 -4.02
C PHE A 120 -10.10 -5.75 -4.44
N LYS A 121 -9.43 -6.72 -3.81
CA LYS A 121 -8.04 -7.07 -4.10
C LYS A 121 -7.11 -5.86 -4.15
N ASP A 122 -7.32 -4.94 -3.21
CA ASP A 122 -6.45 -3.78 -3.04
C ASP A 122 -6.51 -2.78 -4.20
N HIS A 123 -7.54 -2.88 -5.04
CA HIS A 123 -7.74 -1.85 -6.05
C HIS A 123 -8.77 -0.84 -5.57
N ASP A 124 -9.13 0.13 -6.44
CA ASP A 124 -10.09 1.16 -6.06
C ASP A 124 -11.49 0.71 -6.41
N PHE A 125 -12.30 0.44 -5.41
CA PHE A 125 -13.71 0.21 -5.66
C PHE A 125 -14.42 1.56 -5.52
N ALA A 126 -15.14 1.95 -6.56
CA ALA A 126 -15.94 3.18 -6.52
C ALA A 126 -17.22 2.93 -5.73
N ALA A 127 -17.23 3.36 -4.48
CA ALA A 127 -18.40 3.16 -3.62
C ALA A 127 -19.54 4.07 -4.05
N ILE A 128 -20.56 3.50 -4.69
CA ILE A 128 -21.65 4.29 -5.24
C ILE A 128 -23.03 3.88 -4.70
N ALA A 129 -23.95 4.84 -4.73
CA ALA A 129 -25.34 4.60 -4.38
C ALA A 129 -26.05 3.92 -5.55
N ASP A 130 -27.28 3.48 -5.31
CA ASP A 130 -28.16 3.03 -6.39
C ASP A 130 -28.70 4.24 -7.19
N PHE A 131 -28.56 4.23 -8.52
CA PHE A 131 -28.92 5.42 -9.28
C PHE A 131 -30.39 5.82 -9.14
N ASP A 132 -31.28 4.83 -9.19
CA ASP A 132 -32.71 5.10 -9.08
C ASP A 132 -33.04 5.75 -7.72
N MET A 133 -32.37 5.28 -6.66
CA MET A 133 -32.59 5.84 -5.33
C MET A 133 -32.11 7.30 -5.28
N VAL A 134 -31.01 7.58 -5.98
CA VAL A 134 -30.51 8.96 -6.02
C VAL A 134 -31.52 9.86 -6.71
N ARG A 135 -32.02 9.38 -7.84
CA ARG A 135 -33.02 10.13 -8.62
CA ARG A 135 -33.02 10.12 -8.62
C ARG A 135 -34.33 10.34 -7.86
N ASN A 136 -34.80 9.31 -7.16
CA ASN A 136 -35.98 9.46 -6.30
C ASN A 136 -35.80 10.54 -5.25
N ALA A 137 -34.62 10.57 -4.61
CA ALA A 137 -34.37 11.59 -3.60
C ALA A 137 -34.35 13.00 -4.20
N VAL A 138 -33.68 13.13 -5.34
CA VAL A 138 -33.62 14.41 -6.06
C VAL A 138 -35.04 14.90 -6.41
N ASP A 139 -35.85 14.00 -6.97
CA ASP A 139 -37.20 14.34 -7.38
C ASP A 139 -38.07 14.70 -6.18
N ALA A 140 -37.90 13.97 -5.09
CA ALA A 140 -38.66 14.22 -3.87
C ALA A 140 -38.28 15.59 -3.30
N ALA A 141 -37.00 15.91 -3.32
CA ALA A 141 -36.53 17.20 -2.85
C ALA A 141 -37.09 18.35 -3.69
N LYS A 142 -37.18 18.16 -5.00
CA LYS A 142 -37.74 19.18 -5.89
C LYS A 142 -39.20 19.42 -5.53
N ALA A 143 -39.96 18.33 -5.40
CA ALA A 143 -41.38 18.43 -5.05
C ALA A 143 -41.62 19.09 -3.69
N LEU A 144 -40.70 18.89 -2.75
CA LEU A 144 -40.80 19.50 -1.42
C LEU A 144 -40.26 20.92 -1.43
N GLY A 145 -39.67 21.33 -2.55
CA GLY A 145 -39.04 22.63 -2.65
C GLY A 145 -37.87 22.76 -1.68
N ILE A 146 -37.08 21.71 -1.57
CA ILE A 146 -35.87 21.74 -0.74
C ILE A 146 -34.65 21.54 -1.62
N ASP A 147 -33.67 22.44 -1.48
CA ASP A 147 -32.42 22.29 -2.21
C ASP A 147 -31.67 21.07 -1.70
N ALA A 148 -31.04 20.34 -2.62
CA ALA A 148 -30.22 19.20 -2.25
C ALA A 148 -29.15 19.04 -3.33
N ARG A 149 -27.89 19.06 -2.92
CA ARG A 149 -26.78 18.94 -3.87
C ARG A 149 -26.30 17.48 -3.93
N VAL A 150 -26.09 16.99 -5.14
CA VAL A 150 -25.66 15.59 -5.34
C VAL A 150 -24.18 15.54 -5.72
N GLY A 151 -23.44 14.62 -5.12
CA GLY A 151 -22.02 14.49 -5.40
C GLY A 151 -21.30 13.50 -4.52
N ASN A 152 -20.03 13.78 -4.22
CA ASN A 152 -19.20 12.87 -3.45
C ASN A 152 -19.18 13.21 -1.97
N LEU A 153 -19.39 12.19 -1.13
CA LEU A 153 -19.13 12.31 0.31
C LEU A 153 -17.73 11.79 0.58
N PHE A 154 -17.18 12.07 1.76
CA PHE A 154 -15.97 11.38 2.19
C PHE A 154 -16.29 10.66 3.50
N SER A 155 -16.09 9.34 3.50
CA SER A 155 -16.37 8.54 4.70
C SER A 155 -15.08 8.32 5.48
N ALA A 156 -14.96 9.00 6.62
CA ALA A 156 -13.72 8.98 7.38
C ALA A 156 -13.75 7.92 8.48
N ASP A 157 -12.58 7.32 8.75
CA ASP A 157 -12.45 6.42 9.89
C ASP A 157 -12.16 7.25 11.16
N LEU A 158 -11.48 8.38 11.01
CA LEU A 158 -11.14 9.20 12.17
C LEU A 158 -11.85 10.54 12.15
N PHE A 159 -12.88 10.68 12.97
CA PHE A 159 -13.53 11.97 13.16
C PHE A 159 -12.49 13.02 13.56
N TYR A 160 -11.57 12.63 14.44
CA TYR A 160 -10.46 13.50 14.82
C TYR A 160 -9.20 13.12 14.04
N SER A 161 -9.00 13.78 12.91
CA SER A 161 -7.91 13.44 12.01
C SER A 161 -6.59 14.09 12.43
N PRO A 162 -5.50 13.32 12.39
CA PRO A 162 -4.17 13.90 12.63
C PRO A 162 -3.69 14.64 11.38
N ASP A 163 -4.34 14.37 10.25
CA ASP A 163 -3.95 14.93 8.97
C ASP A 163 -4.95 15.97 8.47
N GLY A 164 -4.90 17.18 9.05
CA GLY A 164 -5.78 18.25 8.61
C GLY A 164 -5.60 18.62 7.13
N GLU A 165 -4.45 18.28 6.59
CA GLU A 165 -4.12 18.55 5.20
C GLU A 165 -5.12 17.84 4.27
N MET A 166 -5.63 16.70 4.71
CA MET A 166 -6.58 15.95 3.88
C MET A 166 -7.86 16.75 3.59
N PHE A 167 -8.26 17.62 4.51
CA PHE A 167 -9.42 18.45 4.27
C PHE A 167 -9.25 19.39 3.07
N ASP A 168 -8.02 19.82 2.81
CA ASP A 168 -7.79 20.70 1.64
C ASP A 168 -7.88 19.88 0.36
N VAL A 169 -7.39 18.65 0.44
CA VAL A 169 -7.52 17.72 -0.66
C VAL A 169 -9.00 17.43 -0.95
N MET A 170 -9.77 17.16 0.11
CA MET A 170 -11.19 16.88 -0.09
C MET A 170 -11.87 18.05 -0.77
N GLU A 171 -11.53 19.26 -0.34
CA GLU A 171 -12.16 20.47 -0.83
C GLU A 171 -11.79 20.67 -2.31
N LYS A 172 -10.52 20.45 -2.64
CA LYS A 172 -10.05 20.59 -4.02
C LYS A 172 -10.81 19.64 -4.95
N TYR A 173 -11.20 18.47 -4.44
CA TYR A 173 -11.89 17.49 -5.28
C TYR A 173 -13.42 17.52 -5.15
N GLY A 174 -13.93 18.59 -4.56
CA GLY A 174 -15.36 18.85 -4.51
C GLY A 174 -16.18 18.01 -3.56
N ILE A 175 -15.53 17.45 -2.52
CA ILE A 175 -16.27 16.66 -1.53
C ILE A 175 -17.33 17.54 -0.86
N LEU A 176 -18.58 17.10 -0.88
CA LEU A 176 -19.72 17.85 -0.32
C LEU A 176 -19.82 17.74 1.20
N GLY A 177 -19.52 16.55 1.72
CA GLY A 177 -19.60 16.35 3.16
C GLY A 177 -18.67 15.27 3.64
N VAL A 178 -18.17 15.46 4.87
CA VAL A 178 -17.34 14.46 5.55
C VAL A 178 -18.23 13.77 6.57
N GLU A 179 -18.45 12.48 6.40
CA GLU A 179 -19.14 11.69 7.42
C GLU A 179 -18.35 10.40 7.65
N MET A 180 -18.98 9.34 8.13
CA MET A 180 -18.21 8.18 8.55
C MET A 180 -18.83 6.84 8.15
N GLU A 181 -19.75 6.83 7.19
CA GLU A 181 -20.46 5.57 6.92
C GLU A 181 -20.75 5.23 5.47
N ALA A 182 -21.01 6.24 4.65
CA ALA A 182 -21.55 6.00 3.31
C ALA A 182 -20.77 4.95 2.50
N ALA A 183 -19.46 5.11 2.40
CA ALA A 183 -18.65 4.17 1.63
C ALA A 183 -18.76 2.71 2.11
N GLY A 184 -18.93 2.51 3.41
CA GLY A 184 -19.07 1.17 3.95
C GLY A 184 -20.42 0.56 3.65
N ILE A 185 -21.49 1.35 3.81
CA ILE A 185 -22.80 0.88 3.42
C ILE A 185 -22.85 0.57 1.92
N TYR A 186 -22.26 1.44 1.10
CA TYR A 186 -22.24 1.18 -0.34
C TYR A 186 -21.48 -0.11 -0.67
N GLY A 187 -20.42 -0.39 0.09
CA GLY A 187 -19.68 -1.63 -0.11
C GLY A 187 -20.51 -2.85 0.25
N VAL A 188 -21.19 -2.77 1.39
CA VAL A 188 -22.08 -3.85 1.85
C VAL A 188 -23.19 -4.13 0.83
N ALA A 189 -23.78 -3.07 0.29
CA ALA A 189 -24.88 -3.22 -0.64
C ALA A 189 -24.41 -3.93 -1.92
N ALA A 190 -23.20 -3.62 -2.35
CA ALA A 190 -22.64 -4.26 -3.54
C ALA A 190 -22.31 -5.71 -3.22
N GLU A 191 -21.68 -5.94 -2.06
CA GLU A 191 -21.29 -7.29 -1.65
C GLU A 191 -22.48 -8.25 -1.55
N PHE A 192 -23.54 -7.80 -0.87
CA PHE A 192 -24.65 -8.70 -0.59
C PHE A 192 -25.87 -8.47 -1.50
N GLY A 193 -25.70 -7.60 -2.50
CA GLY A 193 -26.69 -7.45 -3.57
C GLY A 193 -27.97 -6.69 -3.23
N ALA A 194 -27.84 -5.57 -2.53
CA ALA A 194 -28.99 -4.71 -2.26
C ALA A 194 -28.73 -3.30 -2.75
N LYS A 195 -29.60 -2.37 -2.37
CA LYS A 195 -29.50 -1.00 -2.89
C LYS A 195 -29.40 -0.01 -1.74
N ALA A 196 -28.51 0.97 -1.85
CA ALA A 196 -28.35 1.95 -0.76
C ALA A 196 -28.18 3.37 -1.27
N LEU A 197 -28.40 4.33 -0.37
CA LEU A 197 -28.28 5.76 -0.66
C LEU A 197 -27.98 6.44 0.67
N THR A 198 -27.08 7.42 0.66
CA THR A 198 -26.85 8.23 1.85
C THR A 198 -27.26 9.67 1.61
N ILE A 199 -28.09 10.18 2.50
CA ILE A 199 -28.44 11.59 2.49
C ILE A 199 -27.95 12.16 3.82
N CYS A 200 -27.24 13.29 3.79
CA CYS A 200 -26.76 13.89 5.02
C CYS A 200 -27.22 15.33 5.18
N THR A 201 -27.30 15.78 6.43
CA THR A 201 -27.52 17.19 6.71
C THR A 201 -26.22 17.77 7.25
N VAL A 202 -25.82 18.93 6.73
CA VAL A 202 -24.59 19.57 7.21
C VAL A 202 -24.74 20.06 8.65
N SER A 203 -23.95 19.48 9.56
CA SER A 203 -24.06 19.82 10.97
C SER A 203 -22.86 20.60 11.50
N ALA A 204 -21.88 20.83 10.64
CA ALA A 204 -20.67 21.56 11.04
C ALA A 204 -19.96 22.06 9.80
N HIS A 205 -19.32 23.21 9.92
CA HIS A 205 -18.39 23.64 8.88
C HIS A 205 -16.96 23.48 9.39
N ILE A 206 -16.19 22.62 8.74
CA ILE A 206 -14.84 22.29 9.18
C ILE A 206 -13.87 23.50 9.10
N ARG A 207 -14.17 24.45 8.22
CA ARG A 207 -13.35 25.66 8.12
C ARG A 207 -13.76 26.78 9.10
N THR A 208 -15.03 27.18 9.05
CA THR A 208 -15.53 28.27 9.89
C THR A 208 -15.69 27.87 11.37
N HIS A 209 -15.75 26.56 11.64
CA HIS A 209 -15.97 26.00 12.98
C HIS A 209 -17.40 26.19 13.50
N GLU A 210 -18.28 26.71 12.64
CA GLU A 210 -19.71 26.75 12.92
C GLU A 210 -20.21 25.31 13.10
N GLN A 211 -21.12 25.10 14.04
CA GLN A 211 -21.70 23.77 14.23
C GLN A 211 -23.00 23.77 15.03
N THR A 212 -23.87 22.80 14.75
CA THR A 212 -25.12 22.65 15.49
C THR A 212 -24.86 21.89 16.79
N THR A 213 -25.88 21.79 17.64
CA THR A 213 -25.72 21.14 18.93
C THR A 213 -26.07 19.65 18.80
N ALA A 214 -25.75 18.86 19.81
CA ALA A 214 -26.12 17.45 19.78
C ALA A 214 -27.64 17.32 19.71
N ALA A 215 -28.34 18.15 20.48
CA ALA A 215 -29.80 18.11 20.49
C ALA A 215 -30.37 18.45 19.13
N GLU A 216 -29.79 19.45 18.47
CA GLU A 216 -30.29 19.82 17.15
C GLU A 216 -30.13 18.67 16.15
N ALA A 217 -28.99 17.97 16.19
CA ALA A 217 -28.76 16.88 15.22
C ALA A 217 -29.71 15.74 15.48
N GLN A 218 -30.02 15.51 16.76
CA GLN A 218 -30.86 14.40 17.16
C GLN A 218 -32.31 14.53 16.69
N THR A 219 -32.81 15.77 16.57
CA THR A 219 -34.24 15.97 16.45
C THR A 219 -34.71 17.11 15.54
N THR A 220 -33.80 17.80 14.85
CA THR A 220 -34.25 18.91 14.03
C THR A 220 -33.84 18.82 12.56
N PHE A 221 -33.16 17.75 12.17
CA PHE A 221 -32.78 17.59 10.76
C PHE A 221 -33.91 16.90 9.99
N ASN A 222 -35.02 17.63 9.82
CA ASN A 222 -36.23 17.04 9.25
C ASN A 222 -36.36 17.09 7.72
N ASP A 223 -35.74 18.08 7.07
CA ASP A 223 -35.69 18.14 5.61
C ASP A 223 -35.22 16.83 5.00
N MET A 224 -34.07 16.32 5.47
CA MET A 224 -33.55 15.07 4.90
C MET A 224 -34.50 13.89 5.09
N ILE A 225 -35.26 13.91 6.18
CA ILE A 225 -36.19 12.82 6.50
C ILE A 225 -37.39 12.84 5.55
N LYS A 226 -37.96 14.02 5.34
CA LYS A 226 -39.04 14.17 4.37
C LYS A 226 -38.59 13.71 2.99
N ILE A 227 -37.39 14.12 2.59
CA ILE A 227 -36.85 13.70 1.31
C ILE A 227 -36.73 12.19 1.26
N ALA A 228 -36.14 11.58 2.29
CA ALA A 228 -35.95 10.13 2.29
C ALA A 228 -37.28 9.40 2.16
N LEU A 229 -38.27 9.84 2.92
CA LEU A 229 -39.53 9.12 2.97
C LEU A 229 -40.32 9.29 1.68
N GLU A 230 -40.39 10.52 1.18
CA GLU A 230 -41.09 10.76 -0.09
C GLU A 230 -40.39 10.03 -1.23
N SER A 231 -39.06 9.90 -1.13
CA SER A 231 -38.31 9.25 -2.20
C SER A 231 -38.67 7.76 -2.29
N VAL A 232 -38.97 7.16 -1.14
CA VAL A 232 -39.42 5.77 -1.13
C VAL A 232 -40.71 5.59 -1.93
N LEU A 233 -41.66 6.49 -1.70
CA LEU A 233 -42.96 6.43 -2.41
C LEU A 233 -42.78 6.62 -3.91
N LEU A 234 -41.83 7.47 -4.30
CA LEU A 234 -41.52 7.59 -5.73
C LEU A 234 -40.96 6.27 -6.27
N GLY A 235 -40.08 5.65 -5.47
CA GLY A 235 -39.52 4.36 -5.82
C GLY A 235 -40.54 3.26 -6.02
N ASP A 236 -41.59 3.25 -5.19
CA ASP A 236 -42.66 2.26 -5.32
C ASP A 236 -43.45 2.48 -6.61
N LYS A 237 -43.38 3.71 -7.10
CA LYS A 237 -44.04 4.23 -8.33
C LYS A 237 -45.36 4.97 -8.07
N ALA B 1 24.01 -28.31 12.73
CA ALA B 1 24.45 -27.10 12.04
C ALA B 1 23.36 -26.53 11.14
N THR B 2 23.38 -25.22 10.93
CA THR B 2 22.45 -24.55 10.02
C THR B 2 23.30 -23.70 9.09
N PRO B 3 22.70 -23.12 8.03
CA PRO B 3 23.60 -22.46 7.06
C PRO B 3 24.43 -21.30 7.62
N HIS B 4 24.04 -20.69 8.74
CA HIS B 4 24.81 -19.56 9.27
C HIS B 4 25.34 -19.80 10.68
N ILE B 5 25.11 -21.01 11.20
CA ILE B 5 25.60 -21.38 12.53
C ILE B 5 26.22 -22.78 12.52
N ASN B 6 27.54 -22.85 12.69
CA ASN B 6 28.19 -24.15 12.71
C ASN B 6 28.32 -24.68 14.13
N ALA B 7 27.26 -25.33 14.60
CA ALA B 7 27.19 -25.82 15.97
C ALA B 7 26.15 -26.93 15.96
N GLU B 8 26.00 -27.65 17.07
CA GLU B 8 24.98 -28.69 17.11
C GLU B 8 24.01 -28.46 18.26
N MET B 9 22.88 -29.18 18.23
CA MET B 9 21.92 -29.13 19.32
C MET B 9 22.69 -29.33 20.62
N GLY B 10 22.37 -28.55 21.65
CA GLY B 10 23.08 -28.63 22.92
C GLY B 10 24.13 -27.55 23.10
N ASP B 11 24.69 -27.06 21.99
CA ASP B 11 25.72 -26.02 22.08
C ASP B 11 25.20 -24.68 22.57
N PHE B 12 23.90 -24.45 22.41
CA PHE B 12 23.25 -23.23 22.92
C PHE B 12 22.33 -23.55 24.08
N ALA B 13 22.25 -22.63 25.04
CA ALA B 13 21.26 -22.75 26.11
C ALA B 13 19.89 -22.50 25.50
N ASP B 14 18.82 -22.74 26.26
CA ASP B 14 17.49 -22.47 25.73
C ASP B 14 17.16 -20.98 25.71
N VAL B 15 18.06 -20.16 26.26
CA VAL B 15 17.94 -18.72 26.10
CA VAL B 15 17.97 -18.69 26.22
C VAL B 15 19.26 -18.15 25.61
N VAL B 16 19.16 -17.20 24.67
CA VAL B 16 20.33 -16.59 24.04
C VAL B 16 20.23 -15.08 24.15
N LEU B 17 21.26 -14.44 24.73
CA LEU B 17 21.32 -12.97 24.69
C LEU B 17 21.91 -12.60 23.34
N MET B 18 21.45 -11.52 22.73
CA MET B 18 21.93 -11.13 21.41
C MET B 18 22.20 -9.64 21.24
N PRO B 19 23.48 -9.25 21.24
CA PRO B 19 23.82 -7.88 20.86
C PRO B 19 24.00 -7.87 19.35
N GLY B 20 24.05 -6.69 18.73
CA GLY B 20 24.26 -6.63 17.28
C GLY B 20 25.69 -6.97 16.94
N ASP B 21 26.61 -6.43 17.73
CA ASP B 21 28.04 -6.59 17.53
C ASP B 21 28.51 -7.93 18.12
N PRO B 22 29.11 -8.81 17.29
CA PRO B 22 29.62 -10.08 17.81
C PRO B 22 30.77 -9.89 18.81
N LEU B 23 31.54 -8.83 18.64
CA LEU B 23 32.60 -8.51 19.60
C LEU B 23 32.02 -8.15 20.98
N ARG B 24 30.78 -7.68 21.01
CA ARG B 24 30.11 -7.43 22.28
CA ARG B 24 30.10 -7.44 22.28
C ARG B 24 29.62 -8.74 22.90
N ALA B 25 29.28 -9.71 22.06
CA ALA B 25 28.87 -11.02 22.57
C ALA B 25 30.08 -11.67 23.25
N LYS B 26 31.25 -11.44 22.67
CA LYS B 26 32.49 -11.93 23.26
C LYS B 26 32.79 -11.26 24.60
N TYR B 27 32.53 -9.95 24.69
CA TYR B 27 32.74 -9.22 25.93
C TYR B 27 31.80 -9.74 27.02
N ILE B 28 30.54 -9.94 26.66
CA ILE B 28 29.55 -10.47 27.60
C ILE B 28 29.96 -11.84 28.14
N ALA B 29 30.43 -12.71 27.25
CA ALA B 29 30.82 -14.06 27.62
C ALA B 29 31.99 -14.02 28.60
N GLU B 30 33.00 -13.25 28.25
CA GLU B 30 34.20 -13.10 29.08
C GLU B 30 33.91 -12.40 30.40
N THR B 31 32.97 -11.46 30.39
CA THR B 31 32.72 -10.63 31.57
C THR B 31 31.72 -11.25 32.54
N PHE B 32 30.67 -11.85 32.00
CA PHE B 32 29.53 -12.28 32.83
C PHE B 32 29.35 -13.79 32.95
N LEU B 33 29.89 -14.56 32.02
CA LEU B 33 29.63 -16.00 32.00
C LEU B 33 30.80 -16.79 32.54
N GLU B 34 30.51 -17.78 33.38
CA GLU B 34 31.55 -18.67 33.84
C GLU B 34 31.74 -19.79 32.82
N ASP B 35 33.00 -20.17 32.62
CA ASP B 35 33.37 -21.29 31.76
C ASP B 35 32.86 -21.12 30.34
N ALA B 36 32.86 -19.89 29.83
CA ALA B 36 32.35 -19.61 28.51
C ALA B 36 33.15 -20.34 27.44
N ARG B 37 32.48 -20.97 26.49
CA ARG B 37 33.15 -21.52 25.32
C ARG B 37 32.53 -20.97 24.05
N GLU B 38 33.34 -20.79 23.01
CA GLU B 38 32.85 -20.27 21.75
C GLU B 38 32.18 -21.38 20.98
N VAL B 39 30.95 -21.14 20.50
CA VAL B 39 30.19 -22.19 19.83
C VAL B 39 29.86 -21.89 18.36
N ASN B 40 30.15 -20.67 17.92
CA ASN B 40 29.99 -20.29 16.52
C ASN B 40 30.98 -19.21 16.13
N ASN B 41 31.50 -19.30 14.91
CA ASN B 41 32.29 -18.22 14.33
C ASN B 41 32.05 -18.06 12.83
N VAL B 42 31.01 -18.72 12.31
CA VAL B 42 30.64 -18.53 10.90
C VAL B 42 30.38 -17.07 10.60
N ARG B 43 30.94 -16.58 9.50
CA ARG B 43 30.83 -15.17 9.13
C ARG B 43 31.29 -14.22 10.23
N GLY B 44 32.09 -14.75 11.16
CA GLY B 44 32.56 -13.96 12.28
C GLY B 44 31.48 -13.60 13.29
N MET B 45 30.33 -14.26 13.20
CA MET B 45 29.24 -13.92 14.12
C MET B 45 29.34 -14.76 15.39
N LEU B 46 30.28 -14.36 16.24
CA LEU B 46 30.64 -15.06 17.48
C LEU B 46 29.46 -15.37 18.38
N GLY B 47 29.37 -16.64 18.77
CA GLY B 47 28.44 -17.07 19.79
C GLY B 47 29.15 -17.86 20.87
N PHE B 48 28.68 -17.72 22.10
CA PHE B 48 29.30 -18.38 23.26
C PHE B 48 28.25 -18.98 24.17
N THR B 49 28.64 -20.03 24.90
CA THR B 49 27.78 -20.59 25.94
C THR B 49 28.59 -20.79 27.22
N GLY B 50 27.97 -20.47 28.36
CA GLY B 50 28.57 -20.65 29.66
C GLY B 50 27.46 -20.64 30.69
N THR B 51 27.79 -20.30 31.94
CA THR B 51 26.78 -20.23 32.97
C THR B 51 26.80 -18.89 33.70
N TYR B 52 25.64 -18.49 34.19
CA TYR B 52 25.52 -17.33 35.03
C TYR B 52 24.77 -17.79 36.27
N LYS B 53 25.48 -17.79 37.40
CA LYS B 53 24.90 -18.26 38.65
C LYS B 53 24.35 -19.68 38.52
N GLY B 54 25.08 -20.53 37.81
CA GLY B 54 24.71 -21.92 37.66
C GLY B 54 23.79 -22.20 36.48
N ARG B 55 23.21 -21.14 35.93
CA ARG B 55 22.24 -21.29 34.85
C ARG B 55 22.93 -21.19 33.49
N LYS B 56 22.75 -22.21 32.64
CA LYS B 56 23.31 -22.24 31.29
C LYS B 56 22.74 -21.09 30.46
N ILE B 57 23.61 -20.31 29.83
CA ILE B 57 23.21 -19.09 29.12
C ILE B 57 24.08 -18.98 27.87
N SER B 58 23.50 -18.56 26.75
CA SER B 58 24.30 -18.33 25.56
C SER B 58 24.25 -16.86 25.15
N VAL B 59 25.25 -16.41 24.41
CA VAL B 59 25.27 -15.07 23.89
C VAL B 59 25.90 -15.12 22.49
N MET B 60 25.31 -14.41 21.55
CA MET B 60 25.73 -14.47 20.16
C MET B 60 25.31 -13.18 19.46
N GLY B 61 26.16 -12.65 18.57
CA GLY B 61 25.80 -11.45 17.83
C GLY B 61 24.69 -11.74 16.83
N HIS B 62 23.90 -10.73 16.45
CA HIS B 62 22.88 -10.93 15.43
C HIS B 62 23.13 -10.09 14.17
N GLY B 63 24.16 -9.26 14.20
CA GLY B 63 24.46 -8.40 13.08
C GLY B 63 23.49 -7.23 12.98
N MET B 64 23.64 -6.41 11.95
CA MET B 64 22.84 -5.20 11.84
C MET B 64 21.63 -5.35 10.91
N GLY B 65 20.44 -5.04 11.43
CA GLY B 65 19.26 -4.99 10.59
C GLY B 65 18.34 -6.19 10.70
N ILE B 66 17.08 -5.95 10.38
CA ILE B 66 16.04 -6.99 10.43
C ILE B 66 16.38 -8.27 9.63
N PRO B 67 16.85 -8.14 8.37
CA PRO B 67 17.16 -9.36 7.62
C PRO B 67 18.27 -10.18 8.28
N SER B 68 19.25 -9.52 8.86
CA SER B 68 20.36 -10.24 9.47
C SER B 68 19.91 -10.99 10.73
N CYS B 69 19.27 -10.29 11.66
CA CYS B 69 18.85 -10.94 12.91
C CYS B 69 17.73 -11.96 12.68
N SER B 70 16.98 -11.82 11.60
CA SER B 70 15.88 -12.74 11.32
C SER B 70 16.43 -14.13 10.99
N ILE B 71 17.58 -14.15 10.31
CA ILE B 71 18.25 -15.40 9.94
C ILE B 71 18.73 -16.15 11.19
N TYR B 72 19.45 -15.44 12.06
CA TYR B 72 20.04 -16.09 13.23
C TYR B 72 18.98 -16.55 14.20
N THR B 73 18.00 -15.69 14.47
CA THR B 73 16.95 -16.03 15.41
C THR B 73 16.10 -17.20 14.88
N LYS B 74 15.80 -17.20 13.58
CA LYS B 74 15.08 -18.35 13.03
C LYS B 74 15.86 -19.64 13.25
N GLU B 75 17.15 -19.63 12.93
CA GLU B 75 17.94 -20.87 13.00
C GLU B 75 18.06 -21.42 14.43
N LEU B 76 18.19 -20.53 15.40
CA LEU B 76 18.30 -20.94 16.79
C LEU B 76 17.02 -21.60 17.23
N ILE B 77 15.90 -21.05 16.78
CA ILE B 77 14.60 -21.57 17.16
C ILE B 77 14.31 -22.94 16.54
N THR B 78 14.51 -23.10 15.24
CA THR B 78 14.09 -24.34 14.56
C THR B 78 15.09 -25.48 14.70
N ASP B 79 16.33 -25.16 15.03
CA ASP B 79 17.37 -26.18 15.03
C ASP B 79 18.23 -26.27 16.29
N PHE B 80 18.11 -25.31 17.18
CA PHE B 80 18.92 -25.34 18.41
C PHE B 80 18.10 -25.37 19.70
N GLY B 81 16.79 -25.50 19.55
CA GLY B 81 15.89 -25.66 20.68
C GLY B 81 15.75 -24.40 21.52
N VAL B 82 16.16 -23.26 20.97
CA VAL B 82 16.09 -22.03 21.75
C VAL B 82 14.64 -21.60 21.95
N LYS B 83 14.32 -21.20 23.19
CA LYS B 83 12.97 -20.87 23.61
C LYS B 83 12.78 -19.36 23.78
N LYS B 84 13.88 -18.70 24.17
CA LYS B 84 13.83 -17.29 24.50
C LYS B 84 15.02 -16.59 23.88
N ILE B 85 14.76 -15.44 23.26
CA ILE B 85 15.84 -14.61 22.76
C ILE B 85 15.76 -13.22 23.40
N ILE B 86 16.87 -12.75 23.96
CA ILE B 86 16.88 -11.40 24.52
C ILE B 86 17.86 -10.56 23.74
N ARG B 87 17.35 -9.65 22.93
CA ARG B 87 18.22 -8.71 22.24
C ARG B 87 18.69 -7.66 23.24
N VAL B 88 20.00 -7.41 23.27
CA VAL B 88 20.53 -6.38 24.17
C VAL B 88 21.29 -5.36 23.35
N GLY B 89 20.72 -4.17 23.19
CA GLY B 89 21.31 -3.24 22.25
C GLY B 89 21.34 -1.79 22.66
N SER B 90 21.70 -0.95 21.71
CA SER B 90 21.66 0.48 21.91
C SER B 90 20.53 1.03 21.06
N CYS B 91 20.02 2.21 21.42
CA CYS B 91 18.97 2.86 20.67
C CYS B 91 19.12 4.37 20.75
N GLY B 92 18.52 5.08 19.79
CA GLY B 92 18.49 6.54 19.81
C GLY B 92 17.13 7.06 20.26
N ALA B 93 17.14 8.09 21.12
CA ALA B 93 15.89 8.64 21.63
C ALA B 93 15.35 9.78 20.77
N VAL B 94 14.03 9.93 20.72
CA VAL B 94 13.42 11.06 20.03
C VAL B 94 12.64 11.95 21.00
N LEU B 95 12.23 11.39 22.13
CA LEU B 95 11.46 12.13 23.14
C LEU B 95 12.37 12.99 24.02
N PRO B 96 11.94 14.23 24.33
CA PRO B 96 12.74 15.18 25.10
C PRO B 96 13.05 14.67 26.51
N HIS B 97 12.16 13.88 27.07
CA HIS B 97 12.35 13.43 28.44
C HIS B 97 12.88 12.00 28.58
N VAL B 98 13.22 11.39 27.44
CA VAL B 98 14.02 10.17 27.43
C VAL B 98 15.50 10.58 27.33
N LYS B 99 16.27 10.21 28.34
CA LYS B 99 17.64 10.71 28.47
C LYS B 99 18.67 9.66 28.09
N LEU B 100 19.89 10.13 27.78
CA LEU B 100 21.02 9.23 27.59
C LEU B 100 21.12 8.33 28.82
N ARG B 101 21.53 7.08 28.59
CA ARG B 101 21.72 6.07 29.64
C ARG B 101 20.42 5.46 30.17
N ASP B 102 19.26 6.00 29.79
CA ASP B 102 18.00 5.36 30.15
C ASP B 102 17.95 3.94 29.58
N VAL B 103 17.30 3.03 30.32
CA VAL B 103 17.08 1.67 29.83
C VAL B 103 15.66 1.58 29.28
N VAL B 104 15.52 1.12 28.05
CA VAL B 104 14.19 0.99 27.47
C VAL B 104 13.91 -0.46 27.11
N ILE B 105 12.73 -0.92 27.52
CA ILE B 105 12.31 -2.27 27.23
C ILE B 105 11.21 -2.18 26.17
N GLY B 106 11.41 -2.84 25.04
CA GLY B 106 10.46 -2.75 23.96
C GLY B 106 9.34 -3.77 24.05
N MET B 107 8.27 -3.46 24.75
CA MET B 107 7.15 -4.40 24.81
CA MET B 107 7.12 -4.38 24.82
C MET B 107 6.52 -4.52 23.42
N GLY B 108 6.69 -3.46 22.63
CA GLY B 108 6.26 -3.44 21.23
C GLY B 108 7.38 -2.87 20.38
N ALA B 109 7.34 -3.18 19.08
CA ALA B 109 8.29 -2.61 18.13
C ALA B 109 7.59 -2.18 16.84
N CYS B 110 7.60 -0.87 16.56
CA CYS B 110 7.13 -0.34 15.29
C CYS B 110 8.21 -0.59 14.26
N THR B 111 7.90 -0.46 12.97
CA THR B 111 8.92 -0.63 11.93
C THR B 111 8.50 -0.04 10.59
N ASP B 112 9.50 0.27 9.76
CA ASP B 112 9.24 0.63 8.36
C ASP B 112 9.66 -0.49 7.41
N SER B 113 9.92 -1.65 8.00
CA SER B 113 10.21 -2.87 7.23
C SER B 113 8.91 -3.42 6.69
N LYS B 114 8.99 -4.16 5.58
CA LYS B 114 7.81 -4.81 5.02
C LYS B 114 7.69 -6.26 5.49
N VAL B 115 8.63 -6.74 6.29
CA VAL B 115 8.65 -8.18 6.60
C VAL B 115 7.39 -8.70 7.30
N ASN B 116 6.83 -7.93 8.22
CA ASN B 116 5.65 -8.41 8.92
C ASN B 116 4.39 -8.33 8.05
N ARG B 117 4.31 -7.31 7.20
CA ARG B 117 3.21 -7.23 6.25
C ARG B 117 3.23 -8.42 5.29
N ILE B 118 4.43 -8.85 4.91
CA ILE B 118 4.56 -10.05 4.09
C ILE B 118 4.02 -11.28 4.82
N ARG B 119 4.31 -11.38 6.13
CA ARG B 119 3.82 -12.49 6.94
C ARG B 119 2.31 -12.39 7.17
N PHE B 120 1.80 -11.16 7.28
CA PHE B 120 0.46 -10.96 7.84
C PHE B 120 -0.57 -10.46 6.83
N LYS B 121 -0.44 -10.93 5.58
CA LYS B 121 -1.37 -10.57 4.50
C LYS B 121 -1.53 -9.09 4.31
N ASP B 122 -0.45 -8.34 4.42
CA ASP B 122 -0.48 -6.88 4.25
C ASP B 122 -1.36 -6.14 5.27
N HIS B 123 -1.66 -6.76 6.41
CA HIS B 123 -2.33 -6.05 7.49
C HIS B 123 -1.32 -5.63 8.57
N ASP B 124 -1.80 -5.04 9.67
CA ASP B 124 -0.89 -4.56 10.70
C ASP B 124 -0.63 -5.67 11.71
N PHE B 125 0.59 -6.20 11.75
CA PHE B 125 0.92 -7.12 12.82
C PHE B 125 1.60 -6.33 13.92
N ALA B 126 1.05 -6.44 15.13
CA ALA B 126 1.68 -5.76 16.25
C ALA B 126 2.86 -6.59 16.76
N ALA B 127 4.07 -6.17 16.40
CA ALA B 127 5.26 -6.88 16.82
C ALA B 127 5.49 -6.70 18.30
N ILE B 128 5.16 -7.72 19.09
CA ILE B 128 5.30 -7.62 20.54
C ILE B 128 6.26 -8.64 21.16
N ALA B 129 6.79 -8.25 22.32
CA ALA B 129 7.60 -9.13 23.15
C ALA B 129 6.72 -10.11 23.90
N ASP B 130 7.32 -11.12 24.50
CA ASP B 130 6.60 -11.98 25.42
C ASP B 130 6.34 -11.22 26.74
N PHE B 131 5.11 -11.25 27.26
CA PHE B 131 4.79 -10.45 28.45
C PHE B 131 5.60 -10.82 29.69
N ASP B 132 5.75 -12.12 29.96
CA ASP B 132 6.49 -12.51 31.15
C ASP B 132 7.94 -12.05 31.06
N MET B 133 8.54 -12.14 29.88
CA MET B 133 9.92 -11.66 29.71
C MET B 133 10.02 -10.15 29.99
N VAL B 134 9.01 -9.39 29.56
CA VAL B 134 9.00 -7.94 29.82
C VAL B 134 8.96 -7.71 31.34
N ARG B 135 8.02 -8.39 32.00
CA ARG B 135 7.84 -8.24 33.43
C ARG B 135 9.07 -8.69 34.21
N ASN B 136 9.65 -9.82 33.82
CA ASN B 136 10.91 -10.29 34.38
C ASN B 136 12.00 -9.23 34.31
N ALA B 137 12.09 -8.54 33.17
CA ALA B 137 13.12 -7.52 32.97
C ALA B 137 12.85 -6.29 33.82
N VAL B 138 11.59 -5.87 33.91
CA VAL B 138 11.23 -4.73 34.78
C VAL B 138 11.58 -5.03 36.23
N ASP B 139 11.20 -6.22 36.71
CA ASP B 139 11.46 -6.62 38.09
C ASP B 139 12.95 -6.73 38.36
N ALA B 140 13.71 -7.25 37.40
CA ALA B 140 15.15 -7.39 37.58
C ALA B 140 15.83 -6.02 37.64
N ALA B 141 15.38 -5.11 36.78
CA ALA B 141 15.91 -3.75 36.78
C ALA B 141 15.59 -3.09 38.11
N LYS B 142 14.40 -3.35 38.62
CA LYS B 142 14.00 -2.75 39.90
C LYS B 142 14.88 -3.24 41.04
N ALA B 143 15.10 -4.55 41.12
CA ALA B 143 15.97 -5.13 42.14
C ALA B 143 17.39 -4.58 42.07
N LEU B 144 17.77 -4.07 40.91
CA LEU B 144 19.08 -3.46 40.73
C LEU B 144 19.05 -1.94 40.92
N GLY B 145 17.90 -1.42 41.32
CA GLY B 145 17.76 0.01 41.56
C GLY B 145 17.64 0.86 40.32
N ILE B 146 17.11 0.26 39.25
CA ILE B 146 16.95 0.95 37.97
C ILE B 146 15.48 0.95 37.53
N ASP B 147 14.96 2.10 37.12
CA ASP B 147 13.60 2.16 36.61
C ASP B 147 13.65 2.19 35.08
N ALA B 148 13.25 1.10 34.45
CA ALA B 148 13.27 1.02 33.00
C ALA B 148 11.97 1.57 32.44
N ARG B 149 12.05 2.20 31.28
CA ARG B 149 10.85 2.62 30.56
C ARG B 149 10.36 1.44 29.74
N VAL B 150 9.05 1.24 29.69
CA VAL B 150 8.47 0.16 28.90
C VAL B 150 7.49 0.76 27.89
N GLY B 151 7.72 0.48 26.61
CA GLY B 151 6.86 0.99 25.57
C GLY B 151 7.28 0.52 24.19
N ASN B 152 7.21 1.42 23.20
CA ASN B 152 7.54 1.05 21.83
C ASN B 152 8.96 1.38 21.41
N LEU B 153 9.60 0.45 20.72
CA LEU B 153 10.79 0.79 19.97
C LEU B 153 10.34 1.06 18.53
N PHE B 154 11.21 1.66 17.74
CA PHE B 154 11.02 1.67 16.29
C PHE B 154 12.20 0.99 15.65
N SER B 155 11.93 -0.04 14.85
CA SER B 155 12.98 -0.76 14.15
C SER B 155 13.08 -0.27 12.71
N ALA B 156 14.18 0.40 12.41
CA ALA B 156 14.37 1.06 11.12
C ALA B 156 15.20 0.20 10.17
N ASP B 157 14.88 0.24 8.89
CA ASP B 157 15.69 -0.42 7.87
C ASP B 157 16.86 0.47 7.51
N LEU B 158 16.67 1.78 7.61
CA LEU B 158 17.73 2.72 7.21
C LEU B 158 18.35 3.50 8.38
N PHE B 159 19.56 3.11 8.78
CA PHE B 159 20.33 3.88 9.75
C PHE B 159 20.50 5.31 9.24
N TYR B 160 20.85 5.43 7.96
CA TYR B 160 20.96 6.73 7.31
C TYR B 160 19.70 7.02 6.49
N SER B 161 18.68 7.55 7.15
CA SER B 161 17.38 7.73 6.52
C SER B 161 17.33 9.04 5.75
N PRO B 162 16.68 9.02 4.58
CA PRO B 162 16.45 10.28 3.85
C PRO B 162 15.17 10.97 4.31
N ASP B 163 14.44 10.34 5.24
CA ASP B 163 13.18 10.90 5.72
C ASP B 163 13.30 11.35 7.19
N GLY B 164 13.89 12.52 7.40
CA GLY B 164 14.06 13.08 8.73
C GLY B 164 12.75 13.29 9.46
N GLU B 165 11.69 13.59 8.69
CA GLU B 165 10.38 13.87 9.28
C GLU B 165 9.79 12.69 10.06
N MET B 166 10.16 11.46 9.71
CA MET B 166 9.62 10.28 10.40
C MET B 166 9.95 10.32 11.90
N PHE B 167 11.07 10.94 12.26
CA PHE B 167 11.44 11.06 13.67
C PHE B 167 10.41 11.88 14.43
N ASP B 168 9.88 12.92 13.79
CA ASP B 168 8.84 13.74 14.39
C ASP B 168 7.60 12.89 14.63
N VAL B 169 7.29 12.03 13.66
CA VAL B 169 6.16 11.12 13.76
C VAL B 169 6.38 10.13 14.92
N MET B 170 7.58 9.56 14.98
CA MET B 170 7.93 8.69 16.11
C MET B 170 7.75 9.39 17.45
N GLU B 171 8.25 10.61 17.55
CA GLU B 171 8.17 11.36 18.79
C GLU B 171 6.71 11.59 19.16
N LYS B 172 5.89 11.89 18.16
CA LYS B 172 4.48 12.21 18.38
C LYS B 172 3.70 11.02 18.96
N TYR B 173 4.01 9.82 18.50
CA TYR B 173 3.29 8.66 19.01
C TYR B 173 4.06 7.91 20.10
N GLY B 174 5.02 8.60 20.71
CA GLY B 174 5.65 8.13 21.94
C GLY B 174 6.68 7.02 21.87
N ILE B 175 7.31 6.87 20.71
CA ILE B 175 8.39 5.88 20.54
C ILE B 175 9.56 6.18 21.51
N LEU B 176 10.01 5.15 22.24
CA LEU B 176 11.02 5.34 23.29
C LEU B 176 12.44 5.31 22.74
N GLY B 177 12.67 4.48 21.74
CA GLY B 177 14.00 4.34 21.16
C GLY B 177 13.95 3.83 19.74
N VAL B 178 14.93 4.25 18.94
CA VAL B 178 15.06 3.83 17.55
C VAL B 178 16.22 2.87 17.46
N GLU B 179 15.98 1.68 16.94
CA GLU B 179 17.07 0.76 16.63
C GLU B 179 16.75 0.07 15.30
N MET B 180 17.22 -1.15 15.09
CA MET B 180 17.08 -1.75 13.76
C MET B 180 16.73 -3.24 13.75
N GLU B 181 16.29 -3.79 14.87
CA GLU B 181 16.10 -5.25 14.92
C GLU B 181 14.84 -5.79 15.58
N ALA B 182 14.38 -5.13 16.63
CA ALA B 182 13.30 -5.66 17.50
C ALA B 182 12.09 -6.18 16.73
N ALA B 183 11.54 -5.36 15.83
CA ALA B 183 10.32 -5.77 15.13
C ALA B 183 10.53 -7.05 14.31
N GLY B 184 11.73 -7.22 13.77
CA GLY B 184 12.06 -8.43 13.03
C GLY B 184 12.17 -9.67 13.90
N ILE B 185 12.77 -9.50 15.08
CA ILE B 185 12.89 -10.61 16.04
C ILE B 185 11.52 -11.05 16.56
N TYR B 186 10.69 -10.06 16.89
CA TYR B 186 9.34 -10.34 17.37
C TYR B 186 8.52 -11.06 16.29
N GLY B 187 8.72 -10.66 15.05
CA GLY B 187 8.07 -11.31 13.92
C GLY B 187 8.50 -12.75 13.76
N VAL B 188 9.81 -13.01 13.91
CA VAL B 188 10.34 -14.38 13.84
C VAL B 188 9.79 -15.23 14.97
N ALA B 189 9.74 -14.65 16.16
CA ALA B 189 9.32 -15.40 17.35
C ALA B 189 7.87 -15.84 17.21
N ALA B 190 7.04 -14.95 16.66
CA ALA B 190 5.65 -15.29 16.43
C ALA B 190 5.52 -16.33 15.31
N GLU B 191 6.30 -16.16 14.24
CA GLU B 191 6.22 -17.12 13.11
C GLU B 191 6.64 -18.53 13.52
N PHE B 192 7.72 -18.65 14.28
CA PHE B 192 8.27 -19.97 14.58
C PHE B 192 7.95 -20.47 15.99
N GLY B 193 7.17 -19.69 16.74
CA GLY B 193 6.65 -20.13 18.04
C GLY B 193 7.64 -20.10 19.20
N ALA B 194 8.30 -18.96 19.38
CA ALA B 194 9.21 -18.77 20.51
C ALA B 194 8.95 -17.43 21.18
N LYS B 195 9.77 -17.11 22.17
CA LYS B 195 9.59 -15.88 22.95
C LYS B 195 10.78 -14.93 22.79
N ALA B 196 10.50 -13.63 22.74
CA ALA B 196 11.61 -12.70 22.60
C ALA B 196 11.36 -11.41 23.35
N LEU B 197 12.45 -10.69 23.58
CA LEU B 197 12.39 -9.42 24.25
C LEU B 197 13.56 -8.60 23.74
N THR B 198 13.38 -7.30 23.59
CA THR B 198 14.50 -6.44 23.24
C THR B 198 14.64 -5.43 24.35
N ILE B 199 15.84 -5.35 24.92
CA ILE B 199 16.16 -4.29 25.86
C ILE B 199 17.22 -3.45 25.20
N CYS B 200 17.08 -2.12 25.27
CA CYS B 200 18.10 -1.21 24.76
C CYS B 200 18.47 -0.19 25.81
N THR B 201 19.69 0.34 25.71
CA THR B 201 20.09 1.51 26.49
C THR B 201 20.16 2.67 25.51
N VAL B 202 19.70 3.85 25.90
CA VAL B 202 19.78 4.97 24.97
C VAL B 202 21.18 5.57 24.96
N SER B 203 21.84 5.46 23.81
CA SER B 203 23.22 5.86 23.67
C SER B 203 23.33 7.11 22.80
N ALA B 204 22.20 7.55 22.28
CA ALA B 204 22.17 8.73 21.43
C ALA B 204 20.83 9.45 21.58
N HIS B 205 20.85 10.77 21.48
CA HIS B 205 19.60 11.50 21.31
C HIS B 205 19.56 12.06 19.90
N ILE B 206 18.58 11.64 19.12
CA ILE B 206 18.54 11.94 17.69
C ILE B 206 18.44 13.44 17.42
N ARG B 207 17.73 14.16 18.29
CA ARG B 207 17.53 15.59 18.11
C ARG B 207 18.75 16.40 18.57
N THR B 208 19.18 16.18 19.81
CA THR B 208 20.31 16.92 20.37
C THR B 208 21.62 16.45 19.75
N HIS B 209 21.56 15.29 19.08
CA HIS B 209 22.73 14.63 18.51
C HIS B 209 23.80 14.35 19.55
N GLU B 210 23.35 14.20 20.79
CA GLU B 210 24.25 13.81 21.86
C GLU B 210 24.51 12.32 21.86
N GLN B 211 25.62 11.97 22.50
CA GLN B 211 26.21 10.68 22.36
C GLN B 211 26.83 10.33 23.71
N THR B 212 26.53 9.14 24.19
CA THR B 212 27.03 8.67 25.49
C THR B 212 28.57 8.62 25.44
N THR B 213 29.24 8.89 26.55
CA THR B 213 30.69 8.70 26.59
C THR B 213 31.03 7.23 26.74
N ALA B 214 32.28 6.87 26.51
CA ALA B 214 32.70 5.47 26.60
C ALA B 214 32.57 4.90 28.01
N ALA B 215 32.89 5.70 29.02
CA ALA B 215 32.80 5.26 30.42
C ALA B 215 31.35 5.02 30.86
N GLU B 216 30.45 5.92 30.47
CA GLU B 216 29.04 5.73 30.81
C GLU B 216 28.44 4.66 29.91
N ALA B 217 28.95 4.54 28.69
CA ALA B 217 28.51 3.47 27.78
C ALA B 217 28.78 2.10 28.37
N GLN B 218 29.99 1.89 28.88
CA GLN B 218 30.38 0.61 29.45
C GLN B 218 29.56 0.32 30.71
N THR B 219 29.38 1.35 31.52
CA THR B 219 28.59 1.23 32.74
C THR B 219 27.15 0.80 32.45
N THR B 220 26.45 1.58 31.63
CA THR B 220 25.04 1.30 31.36
C THR B 220 24.86 0.03 30.54
N PHE B 221 25.82 -0.27 29.67
CA PHE B 221 25.81 -1.57 28.99
C PHE B 221 25.82 -2.70 30.01
N ASN B 222 26.77 -2.64 30.94
CA ASN B 222 26.83 -3.66 31.97
C ASN B 222 25.52 -3.75 32.75
N ASP B 223 24.89 -2.61 33.03
CA ASP B 223 23.61 -2.62 33.74
C ASP B 223 22.55 -3.35 32.92
N MET B 224 22.53 -3.09 31.61
CA MET B 224 21.58 -3.76 30.72
C MET B 224 21.80 -5.26 30.73
N ILE B 225 23.06 -5.68 30.68
CA ILE B 225 23.33 -7.11 30.68
C ILE B 225 22.92 -7.77 32.00
N LYS B 226 23.21 -7.11 33.11
CA LYS B 226 22.75 -7.60 34.42
C LYS B 226 21.23 -7.75 34.43
N ILE B 227 20.52 -6.75 33.92
CA ILE B 227 19.07 -6.83 33.86
C ILE B 227 18.63 -8.05 33.06
N ALA B 228 19.18 -8.21 31.87
CA ALA B 228 18.87 -9.36 31.01
C ALA B 228 19.07 -10.70 31.73
N LEU B 229 20.28 -10.91 32.24
CA LEU B 229 20.63 -12.16 32.93
C LEU B 229 19.74 -12.47 34.14
N GLU B 230 19.58 -11.50 35.03
CA GLU B 230 18.73 -11.68 36.21
C GLU B 230 17.27 -11.90 35.80
N SER B 231 16.85 -11.31 34.68
CA SER B 231 15.48 -11.54 34.23
C SER B 231 15.28 -13.01 33.85
N VAL B 232 16.31 -13.63 33.30
CA VAL B 232 16.23 -15.04 32.96
C VAL B 232 16.01 -15.88 34.23
N LEU B 233 16.77 -15.58 35.28
CA LEU B 233 16.61 -16.29 36.56
C LEU B 233 15.19 -16.14 37.11
N LEU B 234 14.66 -14.92 37.08
CA LEU B 234 13.28 -14.68 37.51
C LEU B 234 12.30 -15.52 36.70
N GLY B 235 12.55 -15.62 35.40
CA GLY B 235 11.69 -16.40 34.51
C GLY B 235 11.76 -17.90 34.79
N ASP B 236 12.88 -18.35 35.33
CA ASP B 236 13.05 -19.77 35.62
C ASP B 236 12.17 -20.22 36.79
N LYS B 237 11.81 -19.28 37.66
CA LYS B 237 10.95 -19.59 38.79
C LYS B 237 9.49 -19.67 38.38
N ALA C 1 -5.09 -11.43 -37.10
CA ALA C 1 -5.44 -10.10 -36.60
C ALA C 1 -5.71 -10.16 -35.11
N THR C 2 -5.51 -9.04 -34.43
CA THR C 2 -5.81 -8.90 -33.01
C THR C 2 -6.79 -7.74 -32.89
N PRO C 3 -7.43 -7.54 -31.72
CA PRO C 3 -8.39 -6.44 -31.59
C PRO C 3 -7.83 -5.06 -31.95
N HIS C 4 -6.52 -4.88 -31.89
CA HIS C 4 -5.93 -3.56 -32.13
C HIS C 4 -4.96 -3.50 -33.31
N ILE C 5 -4.77 -4.62 -34.00
CA ILE C 5 -3.86 -4.60 -35.14
C ILE C 5 -4.47 -5.42 -36.28
N ASN C 6 -4.82 -4.77 -37.40
CA ASN C 6 -5.35 -5.56 -38.51
CA ASN C 6 -5.36 -5.45 -38.57
C ASN C 6 -4.27 -5.97 -39.50
N ALA C 7 -3.56 -7.02 -39.13
CA ALA C 7 -2.50 -7.58 -39.94
C ALA C 7 -2.41 -9.06 -39.62
N GLU C 8 -1.57 -9.78 -40.35
CA GLU C 8 -1.38 -11.21 -40.11
C GLU C 8 0.10 -11.47 -39.86
N MET C 9 0.38 -12.64 -39.27
CA MET C 9 1.75 -13.07 -39.01
C MET C 9 2.56 -12.95 -40.30
N GLY C 10 3.77 -12.41 -40.18
CA GLY C 10 4.59 -12.16 -41.36
C GLY C 10 4.54 -10.72 -41.83
N ASP C 11 3.49 -9.99 -41.48
CA ASP C 11 3.39 -8.59 -41.89
C ASP C 11 4.39 -7.71 -41.18
N PHE C 12 4.78 -8.12 -39.97
CA PHE C 12 5.76 -7.38 -39.19
C PHE C 12 7.09 -8.08 -39.20
N ALA C 13 8.17 -7.30 -39.25
CA ALA C 13 9.51 -7.83 -39.06
C ALA C 13 9.62 -8.35 -37.63
N ASP C 14 10.74 -9.00 -37.29
CA ASP C 14 10.86 -9.55 -35.95
C ASP C 14 11.38 -8.53 -34.95
N VAL C 15 11.66 -7.33 -35.46
CA VAL C 15 12.10 -6.17 -34.67
C VAL C 15 11.19 -5.03 -35.08
N VAL C 16 10.64 -4.31 -34.10
CA VAL C 16 9.78 -3.16 -34.36
C VAL C 16 10.24 -1.90 -33.63
N LEU C 17 10.51 -0.83 -34.38
CA LEU C 17 10.78 0.47 -33.76
C LEU C 17 9.44 1.12 -33.45
N MET C 18 9.29 1.69 -32.26
CA MET C 18 8.01 2.28 -31.90
C MET C 18 8.16 3.67 -31.31
N PRO C 19 7.77 4.71 -32.07
CA PRO C 19 7.61 6.02 -31.45
C PRO C 19 6.22 6.08 -30.83
N GLY C 20 5.94 7.10 -30.01
CA GLY C 20 4.60 7.24 -29.47
C GLY C 20 3.60 7.71 -30.52
N ASP C 21 4.07 8.60 -31.40
CA ASP C 21 3.24 9.27 -32.38
C ASP C 21 3.17 8.43 -33.67
N PRO C 22 1.96 8.02 -34.07
CA PRO C 22 1.88 7.22 -35.31
C PRO C 22 2.34 8.01 -36.55
N LEU C 23 2.25 9.34 -36.51
CA LEU C 23 2.68 10.14 -37.67
C LEU C 23 4.20 10.16 -37.75
N ARG C 24 4.85 9.98 -36.60
CA ARG C 24 6.29 9.88 -36.54
C ARG C 24 6.71 8.50 -37.04
N ALA C 25 5.86 7.50 -36.82
CA ALA C 25 6.12 6.18 -37.40
C ALA C 25 6.12 6.30 -38.93
N LYS C 26 5.09 6.96 -39.46
CA LYS C 26 4.99 7.19 -40.91
C LYS C 26 6.22 7.92 -41.42
N TYR C 27 6.60 8.98 -40.71
CA TYR C 27 7.81 9.70 -41.06
C TYR C 27 9.04 8.78 -41.10
N ILE C 28 9.18 7.92 -40.09
CA ILE C 28 10.32 7.03 -40.03
C ILE C 28 10.30 6.10 -41.24
N ALA C 29 9.12 5.56 -41.54
CA ALA C 29 8.96 4.62 -42.63
C ALA C 29 9.36 5.24 -43.97
N GLU C 30 8.88 6.46 -44.21
CA GLU C 30 9.12 7.15 -45.46
C GLU C 30 10.56 7.64 -45.60
N THR C 31 11.25 7.82 -44.48
CA THR C 31 12.56 8.46 -44.50
C THR C 31 13.72 7.47 -44.50
N PHE C 32 13.55 6.37 -43.76
CA PHE C 32 14.66 5.46 -43.51
C PHE C 32 14.50 4.13 -44.21
N LEU C 33 13.25 3.78 -44.55
CA LEU C 33 12.96 2.45 -45.07
C LEU C 33 12.79 2.45 -46.58
N GLU C 34 13.16 1.32 -47.19
CA GLU C 34 12.90 1.07 -48.59
C GLU C 34 11.63 0.25 -48.71
N ASP C 35 10.81 0.55 -49.71
CA ASP C 35 9.58 -0.22 -49.98
C ASP C 35 8.64 -0.27 -48.78
N ALA C 36 8.58 0.80 -48.02
CA ALA C 36 7.74 0.84 -46.83
C ALA C 36 6.29 0.62 -47.22
N ARG C 37 5.61 -0.27 -46.50
CA ARG C 37 4.20 -0.54 -46.74
C ARG C 37 3.42 -0.41 -45.43
N GLU C 38 2.25 0.23 -45.47
CA GLU C 38 1.40 0.32 -44.28
C GLU C 38 0.79 -1.04 -43.97
N VAL C 39 1.05 -1.54 -42.76
CA VAL C 39 0.55 -2.86 -42.37
C VAL C 39 -0.50 -2.83 -41.25
N ASN C 40 -0.63 -1.70 -40.57
CA ASN C 40 -1.74 -1.50 -39.64
C ASN C 40 -2.29 -0.07 -39.69
N ASN C 41 -3.60 0.08 -39.55
CA ASN C 41 -4.17 1.40 -39.33
C ASN C 41 -5.36 1.41 -38.37
N VAL C 42 -5.60 0.29 -37.68
CA VAL C 42 -6.66 0.24 -36.66
C VAL C 42 -6.43 1.33 -35.62
N ARG C 43 -7.50 2.05 -35.27
CA ARG C 43 -7.45 3.20 -34.38
C ARG C 43 -6.49 4.27 -34.85
N GLY C 44 -6.11 4.23 -36.12
CA GLY C 44 -5.15 5.21 -36.63
C GLY C 44 -3.72 4.97 -36.15
N MET C 45 -3.48 3.85 -35.48
CA MET C 45 -2.13 3.58 -34.96
C MET C 45 -1.22 2.99 -36.04
N LEU C 46 -0.69 3.87 -36.88
CA LEU C 46 -0.04 3.47 -38.12
C LEU C 46 1.19 2.60 -37.87
N GLY C 47 1.24 1.47 -38.57
CA GLY C 47 2.41 0.60 -38.54
C GLY C 47 2.88 0.31 -39.95
N PHE C 48 4.20 0.21 -40.11
CA PHE C 48 4.79 0.01 -41.43
C PHE C 48 5.86 -1.07 -41.40
N THR C 49 6.09 -1.71 -42.56
CA THR C 49 7.19 -2.65 -42.69
C THR C 49 7.94 -2.37 -44.01
N GLY C 50 9.27 -2.39 -43.95
CA GLY C 50 10.09 -2.23 -45.15
C GLY C 50 11.47 -2.77 -44.86
N THR C 51 12.48 -2.26 -45.56
CA THR C 51 13.83 -2.71 -45.27
C THR C 51 14.79 -1.57 -45.02
N TYR C 52 15.73 -1.81 -44.11
CA TYR C 52 16.83 -0.90 -43.86
C TYR C 52 18.13 -1.63 -44.18
N LYS C 53 18.81 -1.19 -45.23
CA LYS C 53 20.02 -1.86 -45.71
C LYS C 53 19.79 -3.38 -45.93
N GLY C 54 18.66 -3.73 -46.54
CA GLY C 54 18.35 -5.12 -46.83
C GLY C 54 17.72 -5.88 -45.68
N ARG C 55 17.67 -5.25 -44.51
CA ARG C 55 17.16 -5.93 -43.33
C ARG C 55 15.70 -5.55 -43.12
N LYS C 56 14.84 -6.55 -42.97
CA LYS C 56 13.42 -6.31 -42.75
C LYS C 56 13.21 -5.63 -41.38
N ILE C 57 12.54 -4.48 -41.39
CA ILE C 57 12.30 -3.69 -40.18
C ILE C 57 10.84 -3.20 -40.17
N SER C 58 10.20 -3.19 -39.00
CA SER C 58 8.87 -2.59 -38.90
C SER C 58 8.93 -1.37 -37.99
N VAL C 59 8.00 -0.43 -38.19
CA VAL C 59 7.91 0.73 -37.31
C VAL C 59 6.42 1.06 -37.08
N MET C 60 6.04 1.28 -35.83
CA MET C 60 4.62 1.48 -35.53
C MET C 60 4.47 2.32 -34.28
N GLY C 61 3.52 3.25 -34.28
CA GLY C 61 3.26 4.06 -33.10
C GLY C 61 2.74 3.21 -31.94
N HIS C 62 2.98 3.64 -30.71
CA HIS C 62 2.47 2.89 -29.56
C HIS C 62 1.50 3.69 -28.67
N GLY C 63 1.23 4.94 -29.06
CA GLY C 63 0.35 5.80 -28.28
C GLY C 63 0.98 6.29 -26.98
N MET C 64 0.27 7.14 -26.26
CA MET C 64 0.84 7.71 -25.04
C MET C 64 0.46 6.93 -23.80
N GLY C 65 1.46 6.62 -22.98
CA GLY C 65 1.19 6.05 -21.67
C GLY C 65 1.42 4.56 -21.64
N ILE C 66 1.69 4.05 -20.43
CA ILE C 66 1.89 2.62 -20.21
C ILE C 66 0.75 1.70 -20.70
N PRO C 67 -0.53 2.00 -20.36
CA PRO C 67 -1.60 1.13 -20.84
C PRO C 67 -1.69 1.00 -22.37
N SER C 68 -1.50 2.10 -23.08
CA SER C 68 -1.58 2.04 -24.53
C SER C 68 -0.46 1.18 -25.10
N CYS C 69 0.78 1.47 -24.75
CA CYS C 69 1.90 0.76 -25.35
C CYS C 69 1.97 -0.70 -24.87
N SER C 70 1.31 -0.99 -23.76
CA SER C 70 1.28 -2.37 -23.25
C SER C 70 0.44 -3.28 -24.14
N ILE C 71 -0.64 -2.73 -24.67
CA ILE C 71 -1.50 -3.45 -25.59
C ILE C 71 -0.73 -3.78 -26.86
N TYR C 72 -0.11 -2.77 -27.47
CA TYR C 72 0.55 -2.99 -28.75
C TYR C 72 1.76 -3.91 -28.66
N THR C 73 2.59 -3.70 -27.65
CA THR C 73 3.78 -4.53 -27.49
C THR C 73 3.42 -5.99 -27.20
N LYS C 74 2.42 -6.21 -26.36
CA LYS C 74 1.99 -7.58 -26.09
C LYS C 74 1.55 -8.26 -27.38
N GLU C 75 0.62 -7.63 -28.11
CA GLU C 75 0.10 -8.24 -29.33
C GLU C 75 1.19 -8.53 -30.36
N LEU C 76 2.10 -7.60 -30.55
CA LEU C 76 3.23 -7.83 -31.44
C LEU C 76 4.01 -9.10 -31.04
N ILE C 77 4.31 -9.21 -29.75
CA ILE C 77 5.11 -10.31 -29.23
C ILE C 77 4.37 -11.65 -29.34
N THR C 78 3.12 -11.69 -28.90
CA THR C 78 2.39 -12.98 -28.84
C THR C 78 1.75 -13.37 -30.15
N ASP C 79 1.40 -12.39 -30.98
CA ASP C 79 0.66 -12.70 -32.19
C ASP C 79 1.37 -12.43 -33.51
N PHE C 80 2.46 -11.67 -33.48
CA PHE C 80 3.18 -11.38 -34.74
C PHE C 80 4.66 -11.78 -34.75
N GLY C 81 5.07 -12.58 -33.77
CA GLY C 81 6.40 -13.17 -33.75
C GLY C 81 7.52 -12.19 -33.48
N VAL C 82 7.20 -11.03 -32.94
CA VAL C 82 8.21 -10.01 -32.73
C VAL C 82 9.13 -10.37 -31.56
N LYS C 83 10.44 -10.24 -31.74
CA LYS C 83 11.39 -10.65 -30.71
C LYS C 83 11.96 -9.46 -29.95
N LYS C 84 12.03 -8.33 -30.63
CA LYS C 84 12.65 -7.13 -30.07
C LYS C 84 11.79 -5.91 -30.35
N ILE C 85 11.62 -5.10 -29.32
CA ILE C 85 10.94 -3.82 -29.46
C ILE C 85 11.92 -2.71 -29.06
N ILE C 86 12.09 -1.72 -29.93
CA ILE C 86 12.86 -0.54 -29.57
C ILE C 86 11.98 0.69 -29.57
N ARG C 87 11.70 1.23 -28.38
CA ARG C 87 10.93 2.47 -28.33
C ARG C 87 11.86 3.60 -28.67
N VAL C 88 11.41 4.50 -29.55
CA VAL C 88 12.20 5.66 -29.92
C VAL C 88 11.39 6.91 -29.61
N GLY C 89 11.67 7.53 -28.48
CA GLY C 89 10.81 8.60 -28.00
C GLY C 89 11.53 9.88 -27.64
N SER C 90 10.80 10.79 -27.00
CA SER C 90 11.40 11.99 -26.44
C SER C 90 11.27 11.89 -24.94
N CYS C 91 12.06 12.67 -24.21
CA CYS C 91 11.93 12.73 -22.76
C CYS C 91 12.34 14.11 -22.27
N GLY C 92 11.92 14.46 -21.06
CA GLY C 92 12.38 15.69 -20.44
C GLY C 92 13.49 15.36 -19.45
N ALA C 93 14.53 16.19 -19.39
CA ALA C 93 15.64 15.92 -18.48
C ALA C 93 15.56 16.70 -17.17
N VAL C 94 16.03 16.09 -16.08
CA VAL C 94 16.10 16.80 -14.80
C VAL C 94 17.54 17.10 -14.38
N LEU C 95 18.49 16.27 -14.83
CA LEU C 95 19.89 16.44 -14.46
C LEU C 95 20.54 17.55 -15.28
N PRO C 96 21.26 18.45 -14.60
CA PRO C 96 21.95 19.58 -15.25
C PRO C 96 22.93 19.15 -16.35
N HIS C 97 23.78 18.16 -16.10
CA HIS C 97 24.81 17.80 -17.08
C HIS C 97 24.31 16.75 -18.08
N VAL C 98 22.99 16.68 -18.20
CA VAL C 98 22.31 15.91 -19.23
C VAL C 98 21.67 16.90 -20.20
N LYS C 99 22.12 16.89 -21.46
CA LYS C 99 21.92 18.03 -22.35
C LYS C 99 20.68 17.99 -23.26
N LEU C 100 20.29 19.18 -23.73
CA LEU C 100 19.02 19.42 -24.42
C LEU C 100 18.87 18.78 -25.81
N ARG C 101 19.89 18.10 -26.32
CA ARG C 101 19.64 17.23 -27.47
C ARG C 101 20.36 15.89 -27.34
N ASP C 102 20.74 15.54 -26.11
CA ASP C 102 21.40 14.28 -25.81
C ASP C 102 20.51 13.09 -26.12
N VAL C 103 21.15 11.96 -26.39
CA VAL C 103 20.44 10.71 -26.53
C VAL C 103 20.65 9.91 -25.24
N VAL C 104 19.56 9.54 -24.58
CA VAL C 104 19.66 8.70 -23.40
C VAL C 104 19.09 7.30 -23.65
N ILE C 105 19.75 6.31 -23.09
CA ILE C 105 19.32 4.94 -23.22
C ILE C 105 18.86 4.45 -21.85
N GLY C 106 17.60 4.01 -21.76
CA GLY C 106 17.04 3.58 -20.49
C GLY C 106 17.35 2.14 -20.19
N MET C 107 18.49 1.89 -19.54
CA MET C 107 18.78 0.54 -19.10
CA MET C 107 18.81 0.55 -19.08
C MET C 107 17.78 0.14 -18.02
N GLY C 108 17.31 1.12 -17.26
CA GLY C 108 16.26 0.87 -16.28
C GLY C 108 15.13 1.86 -16.47
N ALA C 109 13.95 1.56 -15.92
CA ALA C 109 12.86 2.52 -15.96
C ALA C 109 12.04 2.53 -14.68
N CYS C 110 12.12 3.63 -13.93
CA CYS C 110 11.26 3.85 -12.77
C CYS C 110 9.83 4.15 -13.24
N THR C 111 8.87 4.12 -12.31
CA THR C 111 7.49 4.43 -12.66
C THR C 111 6.63 4.70 -11.43
N ASP C 112 5.53 5.43 -11.63
CA ASP C 112 4.52 5.58 -10.57
C ASP C 112 3.26 4.82 -10.96
N SER C 113 3.39 4.00 -12.00
CA SER C 113 2.33 3.10 -12.42
C SER C 113 2.22 1.94 -11.44
N LYS C 114 1.03 1.34 -11.35
CA LYS C 114 0.86 0.12 -10.55
C LYS C 114 0.97 -1.18 -11.35
N VAL C 115 1.27 -1.12 -12.65
CA VAL C 115 1.17 -2.34 -13.48
C VAL C 115 2.16 -3.44 -13.10
N ASN C 116 3.37 -3.06 -12.74
CA ASN C 116 4.37 -4.06 -12.38
C ASN C 116 4.15 -4.57 -10.96
N ARG C 117 3.59 -3.74 -10.09
CA ARG C 117 3.22 -4.22 -8.75
C ARG C 117 2.14 -5.29 -8.87
N ILE C 118 1.20 -5.08 -9.80
CA ILE C 118 0.19 -6.09 -10.11
C ILE C 118 0.86 -7.39 -10.60
N ARG C 119 1.90 -7.27 -11.43
CA ARG C 119 2.59 -8.44 -11.95
C ARG C 119 3.41 -9.14 -10.88
N PHE C 120 3.97 -8.37 -9.95
CA PHE C 120 5.04 -8.82 -9.08
C PHE C 120 4.63 -8.86 -7.60
N LYS C 121 3.36 -9.21 -7.33
CA LYS C 121 2.85 -9.34 -5.96
C LYS C 121 3.14 -8.14 -5.06
N ASP C 122 2.94 -6.94 -5.60
CA ASP C 122 3.17 -5.70 -4.87
C ASP C 122 4.59 -5.51 -4.36
N HIS C 123 5.55 -6.22 -4.93
CA HIS C 123 6.95 -5.95 -4.63
C HIS C 123 7.57 -5.03 -5.70
N ASP C 124 8.86 -4.73 -5.59
CA ASP C 124 9.52 -3.84 -6.55
C ASP C 124 10.08 -4.66 -7.69
N PHE C 125 9.55 -4.47 -8.88
CA PHE C 125 10.12 -5.06 -10.07
C PHE C 125 11.00 -4.02 -10.74
N ALA C 126 12.28 -4.35 -10.91
CA ALA C 126 13.21 -3.44 -11.57
C ALA C 126 12.92 -3.55 -13.06
N ALA C 127 12.21 -2.58 -13.61
CA ALA C 127 11.89 -2.65 -15.03
C ALA C 127 13.13 -2.36 -15.86
N ILE C 128 13.69 -3.41 -16.47
CA ILE C 128 14.95 -3.26 -17.18
C ILE C 128 14.87 -3.63 -18.65
N ALA C 129 15.77 -3.03 -19.43
CA ALA C 129 15.93 -3.37 -20.84
C ALA C 129 16.77 -4.65 -21.01
N ASP C 130 16.79 -5.17 -22.23
CA ASP C 130 17.69 -6.27 -22.57
C ASP C 130 19.12 -5.73 -22.68
N PHE C 131 20.08 -6.37 -22.00
CA PHE C 131 21.45 -5.84 -21.96
C PHE C 131 22.14 -5.78 -23.32
N ASP C 132 22.07 -6.85 -24.10
CA ASP C 132 22.68 -6.83 -25.43
C ASP C 132 22.13 -5.68 -26.29
N MET C 133 20.84 -5.38 -26.17
CA MET C 133 20.25 -4.27 -26.95
C MET C 133 20.81 -2.92 -26.50
N VAL C 134 21.03 -2.77 -25.19
CA VAL C 134 21.61 -1.54 -24.66
C VAL C 134 23.00 -1.39 -25.25
N ARG C 135 23.75 -2.49 -25.22
CA ARG C 135 25.11 -2.54 -25.73
C ARG C 135 25.12 -2.19 -27.22
N ASN C 136 24.23 -2.81 -27.98
CA ASN C 136 24.17 -2.54 -29.42
C ASN C 136 23.88 -1.06 -29.69
N ALA C 137 23.04 -0.46 -28.85
CA ALA C 137 22.67 0.94 -29.03
C ALA C 137 23.83 1.86 -28.71
N VAL C 138 24.55 1.56 -27.63
CA VAL C 138 25.73 2.35 -27.27
C VAL C 138 26.78 2.33 -28.39
N ASP C 139 27.08 1.14 -28.90
CA ASP C 139 28.10 0.98 -29.93
C ASP C 139 27.68 1.65 -31.25
N ALA C 140 26.41 1.48 -31.61
CA ALA C 140 25.89 2.12 -32.81
C ALA C 140 26.04 3.63 -32.73
N ALA C 141 25.67 4.20 -31.59
CA ALA C 141 25.85 5.63 -31.35
C ALA C 141 27.33 6.04 -31.44
N LYS C 142 28.20 5.20 -30.88
CA LYS C 142 29.63 5.49 -30.86
C LYS C 142 30.20 5.56 -32.28
N ALA C 143 29.79 4.61 -33.11
CA ALA C 143 30.21 4.61 -34.51
C ALA C 143 29.69 5.84 -35.27
N LEU C 144 28.64 6.46 -34.74
CA LEU C 144 28.09 7.67 -35.35
C LEU C 144 28.61 8.93 -34.66
N GLY C 145 29.59 8.77 -33.77
CA GLY C 145 30.18 9.90 -33.08
C GLY C 145 29.26 10.54 -32.04
N ILE C 146 28.39 9.73 -31.43
CA ILE C 146 27.50 10.21 -30.39
C ILE C 146 27.77 9.45 -29.10
N ASP C 147 27.98 10.18 -28.01
CA ASP C 147 28.10 9.56 -26.70
C ASP C 147 26.73 9.56 -26.04
N ALA C 148 26.04 8.42 -26.09
CA ALA C 148 24.75 8.31 -25.45
C ALA C 148 24.95 8.11 -23.96
N ARG C 149 24.02 8.61 -23.15
CA ARG C 149 24.08 8.34 -21.72
C ARG C 149 23.16 7.17 -21.38
N VAL C 150 23.66 6.28 -20.55
CA VAL C 150 22.90 5.09 -20.19
C VAL C 150 22.53 5.13 -18.72
N GLY C 151 21.24 4.98 -18.41
CA GLY C 151 20.82 5.02 -17.01
C GLY C 151 19.33 4.81 -16.86
N ASN C 152 18.73 5.49 -15.87
CA ASN C 152 17.32 5.31 -15.53
C ASN C 152 16.41 6.35 -16.21
N LEU C 153 15.28 5.87 -16.71
CA LEU C 153 14.21 6.77 -17.12
C LEU C 153 13.17 6.75 -16.01
N PHE C 154 12.27 7.71 -16.04
CA PHE C 154 11.08 7.61 -15.19
C PHE C 154 9.87 7.62 -16.12
N SER C 155 9.04 6.57 -15.99
CA SER C 155 7.83 6.46 -16.79
C SER C 155 6.61 6.91 -15.99
N ALA C 156 6.08 8.09 -16.34
CA ALA C 156 4.97 8.69 -15.59
C ALA C 156 3.60 8.29 -16.13
N ASP C 157 2.64 8.12 -15.22
CA ASP C 157 1.23 7.98 -15.62
C ASP C 157 0.62 9.36 -15.83
N LEU C 158 1.10 10.35 -15.10
CA LEU C 158 0.50 11.68 -15.19
C LEU C 158 1.47 12.71 -15.77
N PHE C 159 1.29 12.99 -17.05
CA PHE C 159 1.99 14.08 -17.71
C PHE C 159 1.74 15.38 -16.95
N TYR C 160 0.51 15.54 -16.47
CA TYR C 160 0.15 16.71 -15.67
C TYR C 160 0.01 16.29 -14.22
N SER C 161 1.10 16.40 -13.48
CA SER C 161 1.14 15.94 -12.10
C SER C 161 0.33 16.89 -11.23
N PRO C 162 -0.37 16.35 -10.22
CA PRO C 162 -1.18 17.22 -9.36
C PRO C 162 -0.30 18.09 -8.46
N ASP C 163 0.93 17.67 -8.19
CA ASP C 163 1.76 18.41 -7.23
C ASP C 163 3.24 18.54 -7.63
N GLY C 164 3.69 17.73 -8.58
CA GLY C 164 5.06 17.80 -9.08
C GLY C 164 6.10 17.41 -8.05
N GLU C 165 5.67 16.68 -7.03
CA GLU C 165 6.53 16.26 -5.93
C GLU C 165 7.73 15.41 -6.39
N MET C 166 7.56 14.69 -7.50
CA MET C 166 8.57 13.72 -7.89
C MET C 166 9.78 14.31 -8.61
N PHE C 167 9.66 15.52 -9.14
CA PHE C 167 10.74 16.07 -9.96
C PHE C 167 12.07 16.22 -9.21
N ASP C 168 12.03 16.73 -7.99
CA ASP C 168 13.24 16.84 -7.17
C ASP C 168 13.76 15.45 -6.79
N VAL C 169 12.84 14.53 -6.53
CA VAL C 169 13.20 13.16 -6.18
C VAL C 169 13.90 12.45 -7.35
N MET C 170 13.39 12.66 -8.56
CA MET C 170 14.03 12.10 -9.75
C MET C 170 15.45 12.65 -9.92
N GLU C 171 15.61 13.93 -9.65
CA GLU C 171 16.91 14.58 -9.79
C GLU C 171 17.86 14.02 -8.74
N LYS C 172 17.36 13.88 -7.51
CA LYS C 172 18.17 13.37 -6.40
C LYS C 172 18.69 11.96 -6.64
N TYR C 173 17.89 11.10 -7.26
CA TYR C 173 18.33 9.72 -7.48
C TYR C 173 18.82 9.45 -8.92
N GLY C 174 19.14 10.51 -9.64
CA GLY C 174 19.89 10.41 -10.86
C GLY C 174 19.15 9.98 -12.12
N ILE C 175 17.83 10.17 -12.15
CA ILE C 175 17.03 9.85 -13.33
C ILE C 175 17.45 10.71 -14.53
N LEU C 176 17.70 10.05 -15.66
CA LEU C 176 18.22 10.74 -16.84
C LEU C 176 17.14 11.47 -17.62
N GLY C 177 15.92 10.94 -17.60
CA GLY C 177 14.85 11.51 -18.38
C GLY C 177 13.48 11.02 -17.98
N VAL C 178 12.48 11.86 -18.26
CA VAL C 178 11.11 11.57 -17.90
C VAL C 178 10.27 11.33 -19.15
N GLU C 179 9.64 10.16 -19.23
CA GLU C 179 8.73 9.89 -20.35
C GLU C 179 7.55 9.12 -19.78
N MET C 180 6.84 8.35 -20.60
CA MET C 180 5.59 7.75 -20.15
C MET C 180 5.36 6.31 -20.56
N GLU C 181 6.40 5.59 -21.01
CA GLU C 181 6.17 4.25 -21.55
C GLU C 181 7.16 3.14 -21.14
N ALA C 182 8.42 3.49 -20.91
CA ALA C 182 9.48 2.48 -20.78
C ALA C 182 9.21 1.35 -19.78
N ALA C 183 8.81 1.71 -18.56
CA ALA C 183 8.59 0.73 -17.50
C ALA C 183 7.50 -0.26 -17.91
N GLY C 184 6.53 0.25 -18.68
CA GLY C 184 5.46 -0.58 -19.16
C GLY C 184 5.94 -1.56 -20.23
N ILE C 185 6.69 -1.05 -21.19
CA ILE C 185 7.23 -1.91 -22.25
C ILE C 185 8.15 -2.98 -21.66
N TYR C 186 8.97 -2.60 -20.68
CA TYR C 186 9.90 -3.54 -20.08
C TYR C 186 9.17 -4.62 -19.28
N GLY C 187 8.06 -4.24 -18.66
CA GLY C 187 7.23 -5.21 -17.96
C GLY C 187 6.61 -6.22 -18.90
N VAL C 188 6.11 -5.74 -20.04
CA VAL C 188 5.56 -6.63 -21.08
C VAL C 188 6.62 -7.59 -21.59
N ALA C 189 7.83 -7.06 -21.77
CA ALA C 189 8.91 -7.86 -22.36
C ALA C 189 9.27 -9.01 -21.43
N ALA C 190 9.32 -8.70 -20.14
CA ALA C 190 9.57 -9.72 -19.12
C ALA C 190 8.40 -10.70 -19.02
N GLU C 191 7.17 -10.19 -19.03
CA GLU C 191 6.01 -11.08 -18.88
C GLU C 191 5.88 -12.07 -20.04
N PHE C 192 6.16 -11.63 -21.26
CA PHE C 192 5.95 -12.49 -22.41
C PHE C 192 7.23 -13.02 -23.07
N GLY C 193 8.37 -12.87 -22.39
CA GLY C 193 9.61 -13.45 -22.86
C GLY C 193 10.14 -12.89 -24.18
N ALA C 194 10.20 -11.58 -24.27
CA ALA C 194 10.84 -10.93 -25.41
C ALA C 194 11.84 -9.92 -24.90
N LYS C 195 12.43 -9.15 -25.82
CA LYS C 195 13.45 -8.18 -25.47
C LYS C 195 13.02 -6.77 -25.87
N ALA C 196 13.35 -5.78 -25.07
CA ALA C 196 12.91 -4.42 -25.31
C ALA C 196 14.02 -3.43 -24.95
N LEU C 197 13.97 -2.28 -25.60
CA LEU C 197 14.86 -1.16 -25.29
C LEU C 197 14.13 0.13 -25.56
N THR C 198 14.32 1.12 -24.68
CA THR C 198 13.81 2.46 -24.94
C THR C 198 14.99 3.40 -25.12
N ILE C 199 14.96 4.14 -26.24
CA ILE C 199 15.91 5.19 -26.51
C ILE C 199 15.14 6.51 -26.62
N CYS C 200 15.66 7.56 -26.00
CA CYS C 200 14.96 8.85 -26.04
C CYS C 200 15.88 10.01 -26.39
N THR C 201 15.32 10.99 -27.09
CA THR C 201 15.98 12.26 -27.33
CA THR C 201 16.01 12.26 -27.30
C THR C 201 15.49 13.26 -26.27
N VAL C 202 16.41 13.94 -25.60
CA VAL C 202 16.04 14.94 -24.60
C VAL C 202 15.39 16.14 -25.27
N SER C 203 14.07 16.23 -25.18
CA SER C 203 13.31 17.24 -25.91
C SER C 203 13.16 18.50 -25.09
N ALA C 204 13.42 18.38 -23.79
CA ALA C 204 13.19 19.46 -22.84
C ALA C 204 14.06 19.32 -21.60
N HIS C 205 14.36 20.44 -20.97
CA HIS C 205 15.24 20.46 -19.81
C HIS C 205 14.74 21.46 -18.77
N THR C 219 18.89 16.99 -36.98
CA THR C 219 18.40 16.26 -35.81
C THR C 219 19.24 14.98 -35.62
N THR C 220 19.65 14.60 -34.42
CA THR C 220 18.94 14.63 -33.13
C THR C 220 17.83 13.59 -33.17
N PHE C 221 16.68 13.93 -33.74
CA PHE C 221 15.66 12.91 -33.96
C PHE C 221 16.17 11.89 -34.98
N ASN C 222 16.64 12.37 -36.12
CA ASN C 222 17.17 11.45 -37.13
C ASN C 222 18.33 10.61 -36.60
N ASP C 223 19.20 11.24 -35.83
CA ASP C 223 20.32 10.54 -35.18
C ASP C 223 19.85 9.40 -34.29
N MET C 224 18.82 9.66 -33.47
CA MET C 224 18.27 8.62 -32.60
C MET C 224 17.77 7.44 -33.41
N ILE C 225 17.06 7.73 -34.49
CA ILE C 225 16.54 6.67 -35.36
C ILE C 225 17.68 5.86 -35.99
N LYS C 226 18.71 6.55 -36.47
CA LYS C 226 19.86 5.84 -37.05
C LYS C 226 20.49 4.93 -36.00
N ILE C 227 20.66 5.46 -34.79
CA ILE C 227 21.18 4.66 -33.69
C ILE C 227 20.33 3.40 -33.51
N ALA C 228 19.02 3.57 -33.39
CA ALA C 228 18.13 2.40 -33.24
C ALA C 228 18.31 1.38 -34.35
N LEU C 229 18.21 1.85 -35.60
CA LEU C 229 18.33 0.96 -36.75
C LEU C 229 19.70 0.28 -36.83
N GLU C 230 20.77 1.04 -36.67
CA GLU C 230 22.10 0.44 -36.73
C GLU C 230 22.32 -0.53 -35.56
N SER C 231 21.68 -0.27 -34.42
CA SER C 231 21.85 -1.18 -33.28
C SER C 231 21.24 -2.54 -33.60
N VAL C 232 20.17 -2.54 -34.40
CA VAL C 232 19.57 -3.80 -34.82
C VAL C 232 20.59 -4.62 -35.63
N LEU C 233 21.29 -3.94 -36.54
CA LEU C 233 22.22 -4.62 -37.44
C LEU C 233 23.41 -5.20 -36.67
N LEU C 234 23.80 -4.53 -35.59
CA LEU C 234 24.85 -5.04 -34.71
C LEU C 234 24.33 -6.26 -33.98
N GLY C 235 23.07 -6.21 -33.55
CA GLY C 235 22.45 -7.34 -32.89
C GLY C 235 22.36 -8.56 -33.76
N ASP C 236 22.17 -8.35 -35.06
CA ASP C 236 22.02 -9.48 -36.00
C ASP C 236 23.33 -10.26 -36.13
N LYS C 237 24.44 -9.62 -35.80
CA LYS C 237 25.74 -10.30 -35.83
C LYS C 237 26.16 -10.80 -34.44
N ALA D 1 -18.77 20.41 27.22
CA ALA D 1 -19.31 19.26 26.47
C ALA D 1 -18.62 19.10 25.11
N THR D 2 -18.81 17.93 24.51
CA THR D 2 -18.30 17.66 23.17
C THR D 2 -19.49 17.29 22.27
N PRO D 3 -19.27 17.17 20.94
CA PRO D 3 -20.41 16.77 20.10
C PRO D 3 -21.00 15.41 20.49
N HIS D 4 -20.21 14.56 21.12
CA HIS D 4 -20.65 13.20 21.41
C HIS D 4 -20.84 12.90 22.89
N ILE D 5 -20.49 13.85 23.75
CA ILE D 5 -20.64 13.67 25.18
C ILE D 5 -21.23 14.93 25.85
N ASN D 6 -22.44 14.81 26.39
CA ASN D 6 -23.07 15.94 27.09
C ASN D 6 -22.74 15.98 28.59
N ALA D 7 -21.49 16.34 28.89
CA ALA D 7 -21.02 16.43 30.27
C ALA D 7 -19.96 17.53 30.33
N GLU D 8 -19.41 17.80 31.52
CA GLU D 8 -18.35 18.80 31.66
C GLU D 8 -17.18 18.21 32.46
N MET D 9 -16.02 18.85 32.40
CA MET D 9 -14.87 18.42 33.18
C MET D 9 -15.23 18.17 34.65
N GLY D 10 -14.92 16.98 35.15
CA GLY D 10 -15.25 16.62 36.52
C GLY D 10 -16.34 15.59 36.60
N ASP D 11 -17.17 15.50 35.56
CA ASP D 11 -18.25 14.51 35.55
C ASP D 11 -17.69 13.08 35.48
N PHE D 12 -16.51 12.93 34.85
CA PHE D 12 -15.86 11.63 34.73
C PHE D 12 -14.71 11.47 35.72
N ALA D 13 -14.54 10.25 36.21
CA ALA D 13 -13.33 9.87 36.93
C ALA D 13 -12.14 9.92 35.97
N ASP D 14 -10.93 9.82 36.50
CA ASP D 14 -9.76 9.83 35.64
C ASP D 14 -9.47 8.44 35.05
N VAL D 15 -10.26 7.46 35.47
CA VAL D 15 -10.24 6.13 34.89
C VAL D 15 -11.66 5.81 34.38
N VAL D 16 -11.75 5.30 33.17
CA VAL D 16 -13.06 4.92 32.59
C VAL D 16 -13.02 3.51 32.02
N LEU D 17 -13.93 2.64 32.50
CA LEU D 17 -14.09 1.32 31.91
C LEU D 17 -15.05 1.47 30.75
N MET D 18 -14.80 0.78 29.64
CA MET D 18 -15.70 0.88 28.49
C MET D 18 -15.98 -0.45 27.81
N PRO D 19 -17.22 -0.94 27.93
CA PRO D 19 -17.65 -2.04 27.07
C PRO D 19 -18.20 -1.43 25.77
N GLY D 20 -18.47 -2.27 24.78
CA GLY D 20 -19.00 -1.74 23.53
C GLY D 20 -20.47 -1.38 23.68
N ASP D 21 -21.17 -2.18 24.47
CA ASP D 21 -22.61 -2.05 24.64
C ASP D 21 -22.92 -1.06 25.79
N PRO D 22 -23.65 0.03 25.47
CA PRO D 22 -23.96 1.00 26.54
C PRO D 22 -24.86 0.40 27.61
N LEU D 23 -25.61 -0.64 27.26
CA LEU D 23 -26.46 -1.30 28.23
C LEU D 23 -25.62 -2.09 29.25
N ARG D 24 -24.44 -2.52 28.83
CA ARG D 24 -23.51 -3.18 29.75
C ARG D 24 -22.91 -2.15 30.67
N ALA D 25 -22.70 -0.95 30.15
CA ALA D 25 -22.19 0.14 30.96
C ALA D 25 -23.18 0.38 32.09
N LYS D 26 -24.46 0.43 31.76
CA LYS D 26 -25.50 0.63 32.76
C LYS D 26 -25.50 -0.53 33.75
N TYR D 27 -25.34 -1.74 33.23
CA TYR D 27 -25.27 -2.91 34.10
C TYR D 27 -24.13 -2.78 35.12
N ILE D 28 -22.94 -2.43 34.64
CA ILE D 28 -21.77 -2.29 35.50
C ILE D 28 -22.00 -1.25 36.58
N ALA D 29 -22.51 -0.08 36.18
CA ALA D 29 -22.78 0.99 37.11
C ALA D 29 -23.74 0.54 38.22
N GLU D 30 -24.82 -0.12 37.82
CA GLU D 30 -25.83 -0.63 38.75
C GLU D 30 -25.30 -1.74 39.65
N THR D 31 -24.49 -2.62 39.10
CA THR D 31 -24.05 -3.81 39.82
C THR D 31 -22.81 -3.60 40.69
N PHE D 32 -21.82 -2.88 40.18
CA PHE D 32 -20.53 -2.79 40.87
C PHE D 32 -20.18 -1.39 41.40
N LEU D 33 -20.93 -0.37 41.01
CA LEU D 33 -20.65 0.99 41.46
C LEU D 33 -21.64 1.45 42.53
N GLU D 34 -21.17 2.28 43.46
CA GLU D 34 -22.04 2.87 44.46
C GLU D 34 -22.31 4.31 44.05
N ASP D 35 -23.50 4.82 44.38
CA ASP D 35 -23.86 6.20 44.10
C ASP D 35 -23.62 6.57 42.62
N ALA D 36 -23.91 5.62 41.74
CA ALA D 36 -23.69 5.82 40.32
C ALA D 36 -24.62 6.91 39.78
N ARG D 37 -24.08 7.78 38.95
CA ARG D 37 -24.86 8.83 38.32
C ARG D 37 -24.60 8.80 36.81
N GLU D 38 -25.67 8.86 36.01
CA GLU D 38 -25.52 8.93 34.56
C GLU D 38 -24.97 10.30 34.17
N VAL D 39 -23.89 10.31 33.39
CA VAL D 39 -23.22 11.57 33.03
C VAL D 39 -23.22 11.82 31.52
N ASN D 40 -23.61 10.81 30.75
CA ASN D 40 -23.79 11.01 29.31
C ASN D 40 -24.92 10.19 28.74
N ASN D 41 -25.63 10.75 27.76
CA ASN D 41 -26.62 9.98 27.03
C ASN D 41 -26.78 10.41 25.57
N VAL D 42 -25.87 11.27 25.09
CA VAL D 42 -25.85 11.65 23.69
C VAL D 42 -25.76 10.38 22.82
N ARG D 43 -26.61 10.29 21.80
CA ARG D 43 -26.65 9.11 20.91
C ARG D 43 -26.90 7.83 21.69
N GLY D 44 -27.42 7.95 22.90
CA GLY D 44 -27.71 6.77 23.70
C GLY D 44 -26.47 6.05 24.19
N MET D 45 -25.30 6.69 24.10
CA MET D 45 -24.08 6.02 24.53
C MET D 45 -23.87 6.25 26.01
N LEU D 46 -24.59 5.49 26.83
CA LEU D 46 -24.66 5.76 28.27
C LEU D 46 -23.30 5.74 28.95
N GLY D 47 -23.07 6.73 29.82
CA GLY D 47 -21.88 6.78 30.63
C GLY D 47 -22.24 7.16 32.06
N PHE D 48 -21.57 6.55 33.02
CA PHE D 48 -21.89 6.69 34.44
C PHE D 48 -20.64 6.95 35.25
N THR D 49 -20.80 7.69 36.34
CA THR D 49 -19.71 7.91 37.30
C THR D 49 -20.20 7.49 38.69
N GLY D 50 -19.35 6.80 39.43
CA GLY D 50 -19.69 6.32 40.76
C GLY D 50 -18.41 6.00 41.49
N THR D 51 -18.48 5.16 42.51
CA THR D 51 -17.28 4.76 43.24
C THR D 51 -17.21 3.25 43.43
N TYR D 52 -15.99 2.72 43.43
CA TYR D 52 -15.74 1.31 43.72
C TYR D 52 -14.78 1.24 44.89
N LYS D 53 -15.27 0.79 46.04
CA LYS D 53 -14.47 0.74 47.25
C LYS D 53 -13.81 2.09 47.55
N GLY D 54 -14.58 3.16 47.37
CA GLY D 54 -14.14 4.50 47.73
C GLY D 54 -13.45 5.23 46.60
N ARG D 55 -13.05 4.49 45.56
CA ARG D 55 -12.33 5.06 44.44
C ARG D 55 -13.31 5.51 43.37
N LYS D 56 -13.21 6.77 42.93
CA LYS D 56 -14.10 7.29 41.89
C LYS D 56 -13.81 6.56 40.58
N ILE D 57 -14.86 6.07 39.92
CA ILE D 57 -14.75 5.29 38.68
C ILE D 57 -15.85 5.68 37.70
N SER D 58 -15.53 5.70 36.40
CA SER D 58 -16.54 5.89 35.37
C SER D 58 -16.65 4.67 34.47
N VAL D 59 -17.82 4.46 33.89
CA VAL D 59 -18.04 3.41 32.91
C VAL D 59 -18.96 3.92 31.80
N MET D 60 -18.57 3.71 30.54
CA MET D 60 -19.32 4.24 29.40
C MET D 60 -19.10 3.35 28.20
N GLY D 61 -20.16 3.10 27.43
CA GLY D 61 -20.05 2.32 26.20
C GLY D 61 -19.17 2.99 25.16
N HIS D 62 -18.57 2.22 24.25
CA HIS D 62 -17.78 2.86 23.19
C HIS D 62 -18.30 2.59 21.77
N GLY D 63 -19.33 1.76 21.67
CA GLY D 63 -19.87 1.40 20.38
C GLY D 63 -19.02 0.34 19.69
N MET D 64 -19.41 -0.04 18.47
CA MET D 64 -18.70 -1.10 17.78
C MET D 64 -17.80 -0.53 16.69
N GLY D 65 -16.55 -0.99 16.69
CA GLY D 65 -15.59 -0.64 15.65
C GLY D 65 -14.58 0.40 16.10
N ILE D 66 -13.41 0.40 15.46
CA ILE D 66 -12.39 1.40 15.71
C ILE D 66 -12.84 2.87 15.59
N PRO D 67 -13.59 3.23 14.52
CA PRO D 67 -14.00 4.63 14.41
C PRO D 67 -14.91 5.11 15.56
N SER D 68 -15.84 4.27 16.00
CA SER D 68 -16.74 4.63 17.09
C SER D 68 -15.96 4.87 18.38
N CYS D 69 -15.19 3.89 18.82
CA CYS D 69 -14.47 4.02 20.08
C CYS D 69 -13.38 5.09 20.02
N SER D 70 -12.86 5.39 18.84
CA SER D 70 -11.81 6.40 18.71
C SER D 70 -12.32 7.79 19.06
N ILE D 71 -13.57 8.06 18.69
CA ILE D 71 -14.23 9.32 19.03
C ILE D 71 -14.34 9.46 20.53
N TYR D 72 -14.90 8.44 21.20
CA TYR D 72 -15.18 8.57 22.63
C TYR D 72 -13.91 8.64 23.46
N THR D 73 -12.92 7.82 23.12
CA THR D 73 -11.69 7.80 23.89
C THR D 73 -10.87 9.08 23.69
N LYS D 74 -10.88 9.62 22.47
CA LYS D 74 -10.21 10.89 22.24
C LYS D 74 -10.85 11.95 23.13
N GLU D 75 -12.17 12.09 23.04
CA GLU D 75 -12.86 13.16 23.75
C GLU D 75 -12.68 13.04 25.27
N LEU D 76 -12.75 11.82 25.76
CA LEU D 76 -12.55 11.58 27.18
C LEU D 76 -11.18 12.11 27.63
N ILE D 77 -10.16 11.83 26.82
CA ILE D 77 -8.78 12.19 27.16
C ILE D 77 -8.49 13.68 27.06
N THR D 78 -8.93 14.33 25.99
CA THR D 78 -8.54 15.72 25.75
C THR D 78 -9.45 16.70 26.48
N ASP D 79 -10.69 16.28 26.75
CA ASP D 79 -11.68 17.19 27.26
C ASP D 79 -12.20 16.83 28.66
N PHE D 80 -11.94 15.62 29.12
CA PHE D 80 -12.47 15.20 30.41
C PHE D 80 -11.41 14.73 31.40
N GLY D 81 -10.15 14.99 31.10
CA GLY D 81 -9.06 14.68 32.02
C GLY D 81 -8.83 13.21 32.27
N VAL D 82 -9.37 12.36 31.39
CA VAL D 82 -9.25 10.92 31.58
C VAL D 82 -7.81 10.46 31.33
N LYS D 83 -7.25 9.73 32.31
CA LYS D 83 -5.85 9.30 32.24
C LYS D 83 -5.71 7.84 31.80
N LYS D 84 -6.69 7.01 32.17
CA LYS D 84 -6.66 5.58 31.83
C LYS D 84 -7.98 5.12 31.25
N ILE D 85 -7.90 4.36 30.16
CA ILE D 85 -9.08 3.72 29.56
C ILE D 85 -8.92 2.21 29.66
N ILE D 86 -9.92 1.52 30.19
CA ILE D 86 -9.92 0.06 30.16
C ILE D 86 -11.13 -0.45 29.39
N ARG D 87 -10.89 -0.96 28.19
CA ARG D 87 -11.97 -1.55 27.43
C ARG D 87 -12.24 -2.92 28.02
N VAL D 88 -13.51 -3.25 28.21
CA VAL D 88 -13.91 -4.56 28.72
C VAL D 88 -14.92 -5.19 27.76
N GLY D 89 -14.43 -5.98 26.81
CA GLY D 89 -15.28 -6.41 25.72
C GLY D 89 -15.40 -7.91 25.56
N SER D 90 -15.92 -8.33 24.41
CA SER D 90 -15.99 -9.74 24.07
C SER D 90 -15.09 -9.97 22.84
N CYS D 91 -14.72 -11.23 22.60
CA CYS D 91 -13.92 -11.54 21.41
C CYS D 91 -14.19 -12.96 20.93
N GLY D 92 -13.73 -13.27 19.73
CA GLY D 92 -13.85 -14.61 19.20
C GLY D 92 -12.47 -15.23 19.15
N ALA D 93 -12.37 -16.51 19.47
CA ALA D 93 -11.09 -17.20 19.51
C ALA D 93 -10.82 -17.96 18.22
N VAL D 94 -9.55 -18.06 17.83
CA VAL D 94 -9.15 -18.86 16.68
C VAL D 94 -8.18 -19.97 17.10
N LEU D 95 -7.58 -19.82 18.28
CA LEU D 95 -6.66 -20.84 18.80
C LEU D 95 -7.44 -22.02 19.40
N PRO D 96 -6.95 -23.25 19.19
CA PRO D 96 -7.68 -24.45 19.63
C PRO D 96 -7.77 -24.58 21.14
N HIS D 97 -6.75 -24.12 21.87
CA HIS D 97 -6.73 -24.22 23.33
C HIS D 97 -7.32 -23.00 24.03
N VAL D 98 -7.76 -22.00 23.26
CA VAL D 98 -8.48 -20.87 23.87
C VAL D 98 -9.97 -21.16 23.86
N LYS D 99 -10.57 -21.23 25.05
CA LYS D 99 -11.93 -21.72 25.17
C LYS D 99 -12.91 -20.61 25.50
N LEU D 100 -14.19 -20.86 25.22
CA LEU D 100 -15.25 -19.97 25.66
C LEU D 100 -15.03 -19.61 27.13
N ARG D 101 -15.30 -18.36 27.48
CA ARG D 101 -15.21 -17.84 28.86
C ARG D 101 -13.78 -17.50 29.31
N ASP D 102 -12.78 -17.87 28.51
CA ASP D 102 -11.39 -17.50 28.81
C ASP D 102 -11.23 -15.98 28.80
N VAL D 103 -10.37 -15.48 29.67
CA VAL D 103 -10.09 -14.05 29.72
C VAL D 103 -8.78 -13.78 29.00
N VAL D 104 -8.81 -12.88 28.02
CA VAL D 104 -7.59 -12.49 27.33
C VAL D 104 -7.31 -11.00 27.52
N ILE D 105 -6.03 -10.69 27.69
CA ILE D 105 -5.59 -9.33 27.90
C ILE D 105 -4.70 -8.95 26.71
N GLY D 106 -5.10 -7.91 25.99
CA GLY D 106 -4.37 -7.52 24.78
C GLY D 106 -3.18 -6.61 25.09
N MET D 107 -2.00 -7.22 25.19
CA MET D 107 -0.79 -6.43 25.37
C MET D 107 -0.56 -5.62 24.10
N GLY D 108 -0.90 -6.22 22.97
CA GLY D 108 -0.88 -5.52 21.70
C GLY D 108 -2.14 -5.83 20.93
N ALA D 109 -2.36 -5.12 19.82
CA ALA D 109 -3.49 -5.43 18.97
C ALA D 109 -3.16 -5.24 17.51
N CYS D 110 -3.22 -6.34 16.76
CA CYS D 110 -3.09 -6.29 15.31
C CYS D 110 -4.38 -5.70 14.75
N THR D 111 -4.37 -5.31 13.47
CA THR D 111 -5.58 -4.76 12.87
C THR D 111 -5.52 -4.77 11.33
N ASP D 112 -6.68 -4.76 10.68
CA ASP D 112 -6.74 -4.57 9.23
C ASP D 112 -7.30 -3.18 8.91
N SER D 113 -7.44 -2.38 9.96
CA SER D 113 -7.80 -0.97 9.83
C SER D 113 -6.62 -0.18 9.29
N LYS D 114 -6.92 0.95 8.65
CA LYS D 114 -5.87 1.84 8.16
C LYS D 114 -5.56 3.01 9.10
N VAL D 115 -6.20 3.09 10.27
CA VAL D 115 -6.05 4.30 11.10
C VAL D 115 -4.63 4.56 11.59
N ASN D 116 -3.94 3.50 11.97
CA ASN D 116 -2.59 3.66 12.46
C ASN D 116 -1.59 3.90 11.34
N ARG D 117 -1.85 3.35 10.16
CA ARG D 117 -1.01 3.70 9.00
C ARG D 117 -1.19 5.16 8.63
N ILE D 118 -2.41 5.67 8.78
CA ILE D 118 -2.63 7.10 8.55
C ILE D 118 -1.82 7.92 9.55
N ARG D 119 -1.81 7.50 10.82
CA ARG D 119 -1.03 8.22 11.83
C ARG D 119 0.47 8.13 11.56
N PHE D 120 0.91 6.97 11.11
CA PHE D 120 2.32 6.61 11.18
C PHE D 120 3.00 6.57 9.81
N LYS D 121 2.58 7.45 8.90
CA LYS D 121 3.21 7.55 7.57
C LYS D 121 3.26 6.23 6.83
N ASP D 122 2.17 5.48 6.89
CA ASP D 122 2.04 4.19 6.20
C ASP D 122 3.05 3.12 6.66
N HIS D 123 3.66 3.33 7.82
CA HIS D 123 4.54 2.29 8.36
C HIS D 123 3.79 1.45 9.40
N ASP D 124 4.46 0.48 10.02
CA ASP D 124 3.83 -0.37 11.03
C ASP D 124 3.92 0.27 12.41
N PHE D 125 2.78 0.74 12.94
CA PHE D 125 2.73 1.15 14.32
C PHE D 125 2.26 -0.05 15.15
N ALA D 126 3.05 -0.43 16.14
CA ALA D 126 2.65 -1.51 17.03
C ALA D 126 1.65 -0.96 18.03
N ALA D 127 0.37 -1.28 17.85
CA ALA D 127 -0.65 -0.78 18.77
C ALA D 127 -0.55 -1.54 20.10
N ILE D 128 -0.06 -0.88 21.14
CA ILE D 128 0.14 -1.57 22.41
C ILE D 128 -0.52 -0.88 23.59
N ALA D 129 -0.85 -1.69 24.60
CA ALA D 129 -1.37 -1.20 25.87
C ALA D 129 -0.29 -0.56 26.72
N ASP D 130 -0.71 0.03 27.82
CA ASP D 130 0.22 0.48 28.84
C ASP D 130 0.69 -0.72 29.68
N PHE D 131 2.00 -0.90 29.85
CA PHE D 131 2.52 -2.07 30.56
C PHE D 131 2.03 -2.18 32.01
N ASP D 132 2.05 -1.08 32.76
CA ASP D 132 1.62 -1.12 34.15
C ASP D 132 0.16 -1.57 34.23
N MET D 133 -0.66 -1.07 33.32
CA MET D 133 -2.07 -1.48 33.31
C MET D 133 -2.20 -2.97 33.02
N VAL D 134 -1.38 -3.50 32.10
CA VAL D 134 -1.42 -4.92 31.80
C VAL D 134 -1.02 -5.71 33.05
N ARG D 135 0.07 -5.29 33.68
CA ARG D 135 0.56 -5.93 34.89
CA ARG D 135 0.56 -5.95 34.87
C ARG D 135 -0.49 -5.89 35.99
N ASN D 136 -1.09 -4.71 36.19
CA ASN D 136 -2.14 -4.56 37.20
C ASN D 136 -3.28 -5.57 36.94
N ALA D 137 -3.66 -5.73 35.67
CA ALA D 137 -4.75 -6.66 35.33
C ALA D 137 -4.37 -8.11 35.59
N VAL D 138 -3.14 -8.47 35.24
CA VAL D 138 -2.64 -9.82 35.50
C VAL D 138 -2.62 -10.11 37.00
N ASP D 139 -2.13 -9.17 37.78
CA ASP D 139 -2.07 -9.35 39.24
C ASP D 139 -3.47 -9.38 39.85
N ALA D 140 -4.36 -8.53 39.37
CA ALA D 140 -5.74 -8.53 39.86
C ALA D 140 -6.40 -9.86 39.53
N ALA D 141 -6.15 -10.35 38.33
CA ALA D 141 -6.70 -11.63 37.89
C ALA D 141 -6.22 -12.75 38.81
N LYS D 142 -4.93 -12.76 39.10
CA LYS D 142 -4.37 -13.78 39.98
C LYS D 142 -5.00 -13.76 41.38
N ALA D 143 -5.15 -12.58 41.96
CA ALA D 143 -5.75 -12.43 43.28
C ALA D 143 -7.21 -12.90 43.35
N LEU D 144 -7.90 -12.89 42.21
CA LEU D 144 -9.27 -13.39 42.15
C LEU D 144 -9.31 -14.86 41.72
N GLY D 145 -8.14 -15.47 41.55
CA GLY D 145 -8.08 -16.85 41.10
C GLY D 145 -8.61 -17.04 39.69
N ILE D 146 -8.32 -16.08 38.82
CA ILE D 146 -8.75 -16.18 37.43
C ILE D 146 -7.55 -16.26 36.51
N ASP D 147 -7.52 -17.29 35.66
CA ASP D 147 -6.44 -17.43 34.70
C ASP D 147 -6.68 -16.46 33.56
N ALA D 148 -5.60 -15.96 32.97
CA ALA D 148 -5.70 -15.03 31.86
C ALA D 148 -4.50 -15.17 30.96
N ARG D 149 -4.74 -15.15 29.65
CA ARG D 149 -3.64 -15.09 28.70
C ARG D 149 -3.32 -13.64 28.33
N VAL D 150 -2.03 -13.35 28.15
CA VAL D 150 -1.60 -12.03 27.74
C VAL D 150 -0.92 -12.13 26.37
N GLY D 151 -1.32 -11.30 25.42
CA GLY D 151 -0.75 -11.36 24.09
C GLY D 151 -1.44 -10.44 23.11
N ASN D 152 -1.48 -10.86 21.84
CA ASN D 152 -2.09 -10.04 20.78
C ASN D 152 -3.57 -10.28 20.59
N LEU D 153 -4.35 -9.20 20.48
CA LEU D 153 -5.69 -9.28 19.92
C LEU D 153 -5.61 -8.95 18.44
N PHE D 154 -6.70 -9.20 17.71
CA PHE D 154 -6.85 -8.67 16.35
C PHE D 154 -8.11 -7.81 16.29
N SER D 155 -7.94 -6.54 15.97
CA SER D 155 -9.09 -5.64 15.87
C SER D 155 -9.51 -5.56 14.41
N ALA D 156 -10.67 -6.12 14.10
CA ALA D 156 -11.16 -6.23 12.72
C ALA D 156 -12.12 -5.11 12.38
N ASP D 157 -12.08 -4.63 11.13
CA ASP D 157 -13.05 -3.65 10.65
C ASP D 157 -14.32 -4.35 10.19
N LEU D 158 -14.18 -5.58 9.70
CA LEU D 158 -15.34 -6.29 9.17
C LEU D 158 -15.68 -7.52 10.01
N PHE D 159 -16.74 -7.40 10.80
CA PHE D 159 -17.30 -8.52 11.55
C PHE D 159 -17.65 -9.64 10.58
N TYR D 160 -18.28 -9.27 9.46
CA TYR D 160 -18.57 -10.24 8.40
C TYR D 160 -17.49 -10.12 7.34
N SER D 161 -16.38 -10.80 7.56
CA SER D 161 -15.22 -10.65 6.70
C SER D 161 -15.38 -11.53 5.48
N PRO D 162 -15.04 -10.99 4.29
CA PRO D 162 -15.05 -11.79 3.06
C PRO D 162 -13.75 -12.60 2.94
N ASP D 163 -12.82 -12.38 3.85
CA ASP D 163 -11.53 -13.06 3.83
C ASP D 163 -11.40 -14.07 4.97
N GLY D 164 -12.03 -15.23 4.83
CA GLY D 164 -11.98 -16.27 5.84
C GLY D 164 -10.58 -16.78 6.10
N GLU D 165 -9.73 -16.73 5.08
CA GLU D 165 -8.36 -17.21 5.20
C GLU D 165 -7.55 -16.44 6.26
N MET D 166 -7.85 -15.16 6.43
CA MET D 166 -7.12 -14.37 7.43
C MET D 166 -7.19 -14.98 8.83
N PHE D 167 -8.24 -15.72 9.14
CA PHE D 167 -8.36 -16.31 10.47
C PHE D 167 -7.28 -17.38 10.71
N ASP D 168 -6.91 -18.08 9.65
CA ASP D 168 -5.82 -19.05 9.74
C ASP D 168 -4.51 -18.36 10.02
N VAL D 169 -4.33 -17.20 9.39
CA VAL D 169 -3.12 -16.41 9.57
C VAL D 169 -3.06 -15.89 11.01
N MET D 170 -4.19 -15.42 11.52
CA MET D 170 -4.24 -14.97 12.92
C MET D 170 -3.87 -16.12 13.85
N GLU D 171 -4.43 -17.31 13.60
CA GLU D 171 -4.14 -18.47 14.43
C GLU D 171 -2.66 -18.82 14.38
N LYS D 172 -2.08 -18.72 13.18
CA LYS D 172 -0.68 -19.06 12.97
C LYS D 172 0.22 -18.11 13.75
N TYR D 173 -0.20 -16.86 13.88
CA TYR D 173 0.60 -15.88 14.59
C TYR D 173 0.22 -15.65 16.06
N GLY D 174 -0.59 -16.56 16.60
CA GLY D 174 -0.87 -16.57 18.04
C GLY D 174 -1.89 -15.56 18.56
N ILE D 175 -2.77 -15.10 17.69
CA ILE D 175 -3.78 -14.12 18.10
C ILE D 175 -4.74 -14.75 19.11
N LEU D 176 -4.92 -14.10 20.25
CA LEU D 176 -5.73 -14.65 21.35
C LEU D 176 -7.23 -14.44 21.16
N GLY D 177 -7.61 -13.27 20.64
CA GLY D 177 -9.01 -12.97 20.40
C GLY D 177 -9.18 -11.99 19.26
N VAL D 178 -10.30 -12.11 18.56
CA VAL D 178 -10.67 -11.17 17.51
C VAL D 178 -11.79 -10.30 18.04
N GLU D 179 -11.55 -8.99 18.11
CA GLU D 179 -12.58 -8.04 18.48
C GLU D 179 -12.54 -6.90 17.46
N MET D 180 -13.00 -5.70 17.83
CA MET D 180 -13.08 -4.62 16.84
C MET D 180 -12.65 -3.23 17.34
N GLU D 181 -11.85 -3.16 18.40
CA GLU D 181 -11.59 -1.86 19.02
C GLU D 181 -10.17 -1.58 19.50
N ALA D 182 -9.51 -2.59 20.05
CA ALA D 182 -8.26 -2.37 20.80
C ALA D 182 -7.18 -1.57 20.07
N ALA D 183 -6.91 -1.92 18.81
CA ALA D 183 -5.84 -1.25 18.08
C ALA D 183 -6.18 0.23 17.92
N GLY D 184 -7.46 0.52 17.82
CA GLY D 184 -7.92 1.90 17.68
C GLY D 184 -7.76 2.68 18.97
N ILE D 185 -8.11 2.07 20.09
CA ILE D 185 -7.95 2.72 21.40
C ILE D 185 -6.47 2.94 21.69
N TYR D 186 -5.66 1.97 21.32
CA TYR D 186 -4.23 2.06 21.58
C TYR D 186 -3.57 3.16 20.73
N GLY D 187 -4.09 3.38 19.52
CA GLY D 187 -3.58 4.46 18.68
C GLY D 187 -3.96 5.83 19.25
N VAL D 188 -5.19 5.95 19.75
CA VAL D 188 -5.63 7.16 20.42
C VAL D 188 -4.82 7.44 21.69
N ALA D 189 -4.54 6.41 22.46
CA ALA D 189 -3.75 6.56 23.68
C ALA D 189 -2.37 7.11 23.35
N ALA D 190 -1.79 6.61 22.26
CA ALA D 190 -0.47 7.06 21.83
C ALA D 190 -0.56 8.48 21.26
N GLU D 191 -1.58 8.76 20.47
CA GLU D 191 -1.69 10.07 19.83
C GLU D 191 -1.86 11.20 20.86
N PHE D 192 -2.66 10.95 21.88
CA PHE D 192 -3.03 11.99 22.84
C PHE D 192 -2.38 11.83 24.22
N GLY D 193 -1.48 10.86 24.33
CA GLY D 193 -0.65 10.72 25.53
C GLY D 193 -1.37 10.22 26.77
N ALA D 194 -2.20 9.20 26.61
CA ALA D 194 -2.85 8.59 27.75
C ALA D 194 -2.53 7.11 27.81
N LYS D 195 -3.19 6.37 28.69
CA LYS D 195 -2.90 4.95 28.87
C LYS D 195 -4.14 4.12 28.68
N ALA D 196 -3.98 2.97 28.03
CA ALA D 196 -5.14 2.14 27.73
C ALA D 196 -4.80 0.66 27.84
N LEU D 197 -5.85 -0.14 28.01
CA LEU D 197 -5.74 -1.58 28.14
C LEU D 197 -7.05 -2.12 27.61
N THR D 198 -6.99 -3.21 26.88
CA THR D 198 -8.19 -3.93 26.52
C THR D 198 -8.14 -5.34 27.13
N ILE D 199 -9.21 -5.70 27.84
CA ILE D 199 -9.39 -7.03 28.36
C ILE D 199 -10.62 -7.60 27.68
N CYS D 200 -10.58 -8.85 27.22
CA CYS D 200 -11.76 -9.45 26.63
C CYS D 200 -12.06 -10.81 27.22
N THR D 201 -13.31 -11.24 27.13
CA THR D 201 -13.67 -12.60 27.47
C THR D 201 -14.09 -13.28 26.18
N VAL D 202 -13.71 -14.55 26.00
CA VAL D 202 -14.04 -15.26 24.76
C VAL D 202 -15.52 -15.65 24.75
N SER D 203 -16.29 -15.10 23.81
CA SER D 203 -17.72 -15.38 23.75
C SER D 203 -18.08 -16.25 22.55
N ALA D 204 -17.10 -16.54 21.71
CA ALA D 204 -17.35 -17.36 20.54
C ALA D 204 -16.08 -18.02 20.07
N HIS D 205 -16.19 -19.21 19.52
CA HIS D 205 -15.06 -19.81 18.87
C HIS D 205 -15.33 -19.77 17.38
N ILE D 206 -14.61 -18.90 16.69
CA ILE D 206 -14.73 -18.75 15.26
C ILE D 206 -14.43 -20.10 14.60
N ARG D 207 -15.15 -20.42 13.54
CA ARG D 207 -15.20 -21.76 12.92
C ARG D 207 -15.93 -22.81 13.78
N THR D 208 -17.02 -22.40 14.43
CA THR D 208 -17.94 -23.35 15.07
C THR D 208 -19.35 -22.78 15.09
N HIS D 209 -19.84 -22.48 16.30
CA HIS D 209 -21.24 -22.15 16.57
C HIS D 209 -21.43 -22.19 18.08
N GLU D 210 -20.36 -22.52 18.79
CA GLU D 210 -20.45 -22.81 20.22
C GLU D 210 -20.78 -21.58 21.06
N GLN D 211 -21.68 -21.76 22.02
CA GLN D 211 -22.01 -20.69 22.96
C GLN D 211 -22.27 -21.26 24.34
N THR D 212 -22.27 -20.39 25.34
CA THR D 212 -22.60 -20.79 26.70
C THR D 212 -23.95 -20.23 27.10
N THR D 213 -24.38 -20.57 28.32
CA THR D 213 -25.64 -20.07 28.85
C THR D 213 -25.55 -18.59 29.22
N ALA D 214 -26.66 -17.88 29.09
CA ALA D 214 -26.81 -16.57 29.70
C ALA D 214 -26.90 -16.77 31.21
N ALA D 215 -25.73 -16.77 31.84
CA ALA D 215 -25.52 -17.04 33.26
C ALA D 215 -24.04 -17.30 33.40
N GLU D 216 -23.56 -18.31 32.66
CA GLU D 216 -22.14 -18.54 32.50
C GLU D 216 -21.53 -17.27 31.90
N ALA D 217 -22.22 -16.70 30.92
CA ALA D 217 -21.77 -15.48 30.26
C ALA D 217 -21.76 -14.29 31.23
N GLN D 218 -22.83 -14.14 32.00
CA GLN D 218 -22.91 -13.03 32.94
C GLN D 218 -21.87 -13.15 34.06
N THR D 219 -21.69 -14.37 34.56
CA THR D 219 -20.69 -14.64 35.59
C THR D 219 -19.30 -14.28 35.07
N THR D 220 -19.03 -14.69 33.84
CA THR D 220 -17.74 -14.46 33.22
C THR D 220 -17.54 -12.96 32.95
N PHE D 221 -18.59 -12.31 32.45
CA PHE D 221 -18.58 -10.87 32.29
C PHE D 221 -18.22 -10.22 33.63
N ASN D 222 -18.89 -10.65 34.69
CA ASN D 222 -18.63 -10.09 36.02
C ASN D 222 -17.17 -10.27 36.44
N ASP D 223 -16.63 -11.44 36.12
CA ASP D 223 -15.23 -11.72 36.43
C ASP D 223 -14.29 -10.70 35.78
N MET D 224 -14.55 -10.40 34.51
CA MET D 224 -13.74 -9.42 33.79
C MET D 224 -13.85 -8.02 34.43
N ILE D 225 -15.06 -7.64 34.81
CA ILE D 225 -15.28 -6.32 35.40
C ILE D 225 -14.50 -6.23 36.71
N LYS D 226 -14.52 -7.31 37.49
CA LYS D 226 -13.81 -7.31 38.77
C LYS D 226 -12.30 -7.19 38.56
N ILE D 227 -11.76 -7.94 37.61
CA ILE D 227 -10.35 -7.81 37.23
C ILE D 227 -10.03 -6.37 36.87
N ALA D 228 -10.87 -5.76 36.04
CA ALA D 228 -10.61 -4.39 35.60
C ALA D 228 -10.64 -3.44 36.79
N LEU D 229 -11.69 -3.52 37.60
CA LEU D 229 -11.83 -2.65 38.77
C LEU D 229 -10.72 -2.86 39.80
N GLU D 230 -10.36 -4.11 40.07
CA GLU D 230 -9.28 -4.37 41.03
C GLU D 230 -7.92 -3.92 40.46
N SER D 231 -7.76 -4.01 39.14
CA SER D 231 -6.51 -3.57 38.51
C SER D 231 -6.29 -2.08 38.72
N VAL D 232 -7.38 -1.29 38.71
CA VAL D 232 -7.27 0.14 38.95
C VAL D 232 -6.74 0.44 40.36
N LEU D 233 -7.30 -0.25 41.36
CA LEU D 233 -6.87 -0.06 42.75
C LEU D 233 -5.39 -0.38 42.92
N LEU D 234 -4.93 -1.43 42.24
CA LEU D 234 -3.50 -1.78 42.23
C LEU D 234 -2.65 -0.66 41.63
N GLY D 235 -3.09 -0.14 40.49
CA GLY D 235 -2.41 0.98 39.84
C GLY D 235 -2.29 2.20 40.73
N ASP D 236 -3.31 2.45 41.55
CA ASP D 236 -3.30 3.59 42.46
C ASP D 236 -2.19 3.45 43.51
N LYS D 237 -1.73 2.20 43.67
CA LYS D 237 -0.65 1.78 44.57
C LYS D 237 -1.14 1.42 45.95
N ALA E 1 37.23 8.26 10.99
CA ALA E 1 36.38 7.13 11.39
C ALA E 1 34.89 7.46 11.23
N THR E 2 34.09 6.44 10.90
CA THR E 2 32.64 6.56 10.83
C THR E 2 32.06 5.67 11.91
N PRO E 3 30.74 5.78 12.19
CA PRO E 3 30.21 5.00 13.31
C PRO E 3 30.42 3.48 13.19
N HIS E 4 30.71 2.97 11.99
CA HIS E 4 30.92 1.53 11.81
C HIS E 4 32.23 1.16 11.12
N ILE E 5 33.09 2.14 10.87
CA ILE E 5 34.37 1.87 10.24
C ILE E 5 35.47 2.67 10.92
N ASN E 6 36.37 1.96 11.62
CA ASN E 6 37.48 2.63 12.28
C ASN E 6 38.65 2.72 11.32
N ALA E 7 38.62 3.72 10.47
CA ALA E 7 39.67 3.94 9.49
C ALA E 7 39.67 5.41 9.16
N GLU E 8 40.63 5.84 8.35
CA GLU E 8 40.73 7.25 7.96
C GLU E 8 40.79 7.35 6.46
N MET E 9 40.44 8.53 5.95
CA MET E 9 40.50 8.81 4.51
C MET E 9 41.83 8.37 3.93
N GLY E 10 41.79 7.58 2.86
CA GLY E 10 43.01 7.05 2.26
C GLY E 10 43.22 5.57 2.54
N ASP E 11 42.65 5.07 3.63
CA ASP E 11 42.85 3.66 3.98
C ASP E 11 42.18 2.72 2.99
N PHE E 12 41.14 3.23 2.33
CA PHE E 12 40.44 2.46 1.31
C PHE E 12 40.78 2.96 -0.07
N ALA E 13 40.90 2.03 -1.02
CA ALA E 13 40.96 2.39 -2.42
C ALA E 13 39.64 3.03 -2.85
N ASP E 14 39.59 3.54 -4.08
CA ASP E 14 38.37 4.19 -4.55
C ASP E 14 37.40 3.18 -5.14
N VAL E 15 37.80 1.91 -5.13
CA VAL E 15 36.95 0.80 -5.55
C VAL E 15 37.02 -0.25 -4.43
N VAL E 16 35.87 -0.70 -3.95
CA VAL E 16 35.83 -1.69 -2.88
C VAL E 16 35.02 -2.90 -3.31
N LEU E 17 35.62 -4.08 -3.25
CA LEU E 17 34.86 -5.32 -3.44
C LEU E 17 34.21 -5.70 -2.12
N MET E 18 32.96 -6.17 -2.15
CA MET E 18 32.27 -6.55 -0.90
C MET E 18 31.52 -7.88 -0.97
N PRO E 19 32.03 -8.89 -0.26
CA PRO E 19 31.27 -10.12 -0.03
C PRO E 19 30.43 -9.91 1.25
N GLY E 20 29.48 -10.80 1.52
CA GLY E 20 28.71 -10.67 2.74
C GLY E 20 29.53 -11.03 3.98
N ASP E 21 30.39 -12.03 3.81
CA ASP E 21 31.15 -12.65 4.89
C ASP E 21 32.50 -11.94 5.06
N PRO E 22 32.76 -11.34 6.24
CA PRO E 22 34.06 -10.70 6.44
C PRO E 22 35.22 -11.68 6.30
N LEU E 23 34.99 -12.95 6.62
CA LEU E 23 36.05 -13.97 6.51
C LEU E 23 36.32 -14.24 5.04
N ARG E 24 35.30 -14.03 4.21
CA ARG E 24 35.49 -14.14 2.77
C ARG E 24 36.29 -12.96 2.29
N ALA E 25 36.08 -11.79 2.88
CA ALA E 25 36.90 -10.64 2.52
C ALA E 25 38.36 -10.92 2.86
N LYS E 26 38.58 -11.52 4.03
CA LYS E 26 39.91 -11.97 4.43
C LYS E 26 40.53 -12.91 3.38
N TYR E 27 39.75 -13.91 2.96
CA TYR E 27 40.23 -14.86 1.95
C TYR E 27 40.59 -14.17 0.64
N ILE E 28 39.78 -13.21 0.22
CA ILE E 28 40.02 -12.49 -1.02
C ILE E 28 41.31 -11.67 -0.92
N ALA E 29 41.48 -11.01 0.22
CA ALA E 29 42.68 -10.21 0.48
C ALA E 29 43.96 -11.06 0.37
N GLU E 30 43.96 -12.21 1.04
CA GLU E 30 45.13 -13.08 1.09
C GLU E 30 45.41 -13.77 -0.24
N THR E 31 44.36 -14.11 -0.97
CA THR E 31 44.47 -14.87 -2.21
C THR E 31 44.80 -13.99 -3.43
N PHE E 32 44.28 -12.77 -3.44
CA PHE E 32 44.38 -11.93 -4.64
C PHE E 32 45.18 -10.64 -4.45
N LEU E 33 45.22 -10.11 -3.23
CA LEU E 33 45.86 -8.81 -3.05
C LEU E 33 47.33 -8.90 -2.65
N GLU E 34 48.11 -7.92 -3.08
CA GLU E 34 49.52 -7.82 -2.71
C GLU E 34 49.63 -6.81 -1.58
N ASP E 35 50.48 -7.11 -0.59
CA ASP E 35 50.75 -6.20 0.51
C ASP E 35 49.46 -5.77 1.19
N ALA E 36 48.54 -6.71 1.34
CA ALA E 36 47.24 -6.40 1.93
C ALA E 36 47.40 -6.11 3.42
N ARG E 37 46.67 -5.14 3.92
CA ARG E 37 46.58 -4.97 5.36
C ARG E 37 45.17 -4.62 5.80
N GLU E 38 44.86 -4.98 7.05
CA GLU E 38 43.54 -4.79 7.63
C GLU E 38 43.33 -3.31 7.90
N VAL E 39 42.20 -2.77 7.43
CA VAL E 39 41.90 -1.37 7.65
C VAL E 39 40.67 -1.17 8.55
N ASN E 40 39.92 -2.24 8.76
CA ASN E 40 38.77 -2.21 9.68
C ASN E 40 38.51 -3.57 10.32
N ASN E 41 38.07 -3.54 11.59
CA ASN E 41 37.61 -4.73 12.28
C ASN E 41 36.43 -4.44 13.24
N VAL E 42 35.90 -3.22 13.16
CA VAL E 42 34.71 -2.84 13.93
C VAL E 42 33.59 -3.85 13.65
N ARG E 43 33.02 -4.39 14.72
CA ARG E 43 31.97 -5.42 14.63
C ARG E 43 32.44 -6.65 13.87
N GLY E 44 33.76 -6.81 13.78
CA GLY E 44 34.34 -7.93 13.06
C GLY E 44 34.12 -7.85 11.56
N MET E 45 33.74 -6.69 11.07
CA MET E 45 33.52 -6.52 9.64
C MET E 45 34.84 -6.17 8.95
N LEU E 46 35.67 -7.20 8.77
CA LEU E 46 37.02 -7.05 8.28
C LEU E 46 37.08 -6.36 6.93
N GLY E 47 37.95 -5.37 6.83
CA GLY E 47 38.23 -4.71 5.57
C GLY E 47 39.73 -4.73 5.33
N PHE E 48 40.13 -4.88 4.07
CA PHE E 48 41.53 -4.93 3.71
C PHE E 48 41.83 -4.05 2.50
N THR E 49 43.05 -3.53 2.43
CA THR E 49 43.48 -2.76 1.27
C THR E 49 44.84 -3.27 0.80
N GLY E 50 44.97 -3.46 -0.51
CA GLY E 50 46.21 -3.92 -1.10
C GLY E 50 46.24 -3.59 -2.58
N THR E 51 47.05 -4.32 -3.34
CA THR E 51 47.13 -4.06 -4.76
C THR E 51 46.86 -5.32 -5.57
N TYR E 52 46.20 -5.14 -6.71
CA TYR E 52 46.02 -6.20 -7.68
C TYR E 52 46.61 -5.70 -8.98
N LYS E 53 47.69 -6.34 -9.43
CA LYS E 53 48.42 -5.92 -10.63
C LYS E 53 48.75 -4.43 -10.58
N GLY E 54 49.21 -3.97 -9.42
CA GLY E 54 49.60 -2.58 -9.25
C GLY E 54 48.47 -1.65 -8.88
N ARG E 55 47.24 -2.13 -9.02
CA ARG E 55 46.07 -1.27 -8.79
C ARG E 55 45.62 -1.37 -7.34
N LYS E 56 45.58 -0.23 -6.65
CA LYS E 56 45.10 -0.19 -5.27
C LYS E 56 43.63 -0.61 -5.24
N ILE E 57 43.34 -1.65 -4.47
CA ILE E 57 41.99 -2.21 -4.37
C ILE E 57 41.68 -2.56 -2.91
N SER E 58 40.42 -2.38 -2.50
CA SER E 58 39.99 -2.82 -1.17
C SER E 58 38.96 -3.94 -1.24
N VAL E 59 38.83 -4.68 -0.13
CA VAL E 59 37.79 -5.70 0.02
C VAL E 59 37.31 -5.73 1.48
N MET E 60 35.99 -5.73 1.67
CA MET E 60 35.44 -5.63 3.01
C MET E 60 34.06 -6.27 3.01
N GLY E 61 33.72 -6.99 4.07
CA GLY E 61 32.40 -7.57 4.21
C GLY E 61 31.32 -6.52 4.34
N HIS E 62 30.08 -6.86 3.95
CA HIS E 62 28.97 -5.91 4.13
C HIS E 62 27.87 -6.45 5.06
N GLY E 63 28.04 -7.68 5.54
CA GLY E 63 27.05 -8.29 6.42
C GLY E 63 25.89 -8.80 5.60
N MET E 64 24.84 -9.28 6.27
CA MET E 64 23.70 -9.85 5.56
C MET E 64 22.49 -8.92 5.54
N GLY E 65 21.97 -8.67 4.34
CA GLY E 65 20.71 -7.96 4.18
C GLY E 65 20.89 -6.50 3.81
N ILE E 66 19.85 -5.94 3.21
CA ILE E 66 19.84 -4.54 2.78
C ILE E 66 20.24 -3.50 3.85
N PRO E 67 19.68 -3.59 5.07
CA PRO E 67 20.05 -2.59 6.08
C PRO E 67 21.51 -2.65 6.49
N SER E 68 22.08 -3.83 6.60
CA SER E 68 23.50 -3.97 6.93
C SER E 68 24.39 -3.33 5.85
N CYS E 69 24.24 -3.76 4.60
CA CYS E 69 25.12 -3.27 3.55
C CYS E 69 24.85 -1.81 3.22
N SER E 70 23.65 -1.33 3.50
CA SER E 70 23.33 0.08 3.28
C SER E 70 24.16 0.98 4.16
N ILE E 71 24.41 0.53 5.39
CA ILE E 71 25.25 1.25 6.33
C ILE E 71 26.69 1.34 5.86
N TYR E 72 27.27 0.20 5.49
CA TYR E 72 28.68 0.17 5.09
C TYR E 72 28.94 0.94 3.79
N THR E 73 28.09 0.74 2.78
CA THR E 73 28.29 1.38 1.49
C THR E 73 28.13 2.90 1.58
N LYS E 74 27.13 3.36 2.33
CA LYS E 74 26.96 4.80 2.56
C LYS E 74 28.25 5.40 3.12
N GLU E 75 28.73 4.84 4.24
CA GLU E 75 29.90 5.38 4.93
C GLU E 75 31.17 5.41 4.05
N LEU E 76 31.39 4.34 3.29
CA LEU E 76 32.50 4.27 2.33
C LEU E 76 32.43 5.39 1.29
N ILE E 77 31.23 5.62 0.78
CA ILE E 77 31.03 6.63 -0.25
C ILE E 77 31.16 8.07 0.27
N THR E 78 30.50 8.39 1.38
CA THR E 78 30.49 9.76 1.88
C THR E 78 31.72 10.15 2.70
N ASP E 79 32.45 9.18 3.24
CA ASP E 79 33.54 9.52 4.16
C ASP E 79 34.89 8.92 3.82
N PHE E 80 34.94 8.03 2.82
CA PHE E 80 36.20 7.42 2.42
C PHE E 80 36.49 7.58 0.93
N GLY E 81 35.70 8.41 0.26
CA GLY E 81 35.96 8.75 -1.13
C GLY E 81 35.81 7.59 -2.10
N VAL E 82 35.08 6.55 -1.69
CA VAL E 82 34.86 5.40 -2.53
C VAL E 82 33.96 5.77 -3.71
N LYS E 83 34.34 5.33 -4.91
CA LYS E 83 33.64 5.72 -6.13
C LYS E 83 32.84 4.56 -6.67
N LYS E 84 33.39 3.35 -6.54
CA LYS E 84 32.76 2.16 -7.09
C LYS E 84 32.68 1.10 -6.00
N ILE E 85 31.52 0.46 -5.89
CA ILE E 85 31.37 -0.71 -5.04
C ILE E 85 31.00 -1.90 -5.91
N ILE E 86 31.71 -3.01 -5.73
CA ILE E 86 31.35 -4.23 -6.43
C ILE E 86 31.03 -5.29 -5.39
N ARG E 87 29.74 -5.61 -5.28
CA ARG E 87 29.36 -6.73 -4.45
C ARG E 87 29.73 -8.04 -5.15
N VAL E 88 30.40 -8.93 -4.42
CA VAL E 88 30.74 -10.25 -4.95
C VAL E 88 30.16 -11.30 -4.02
N GLY E 89 29.06 -11.89 -4.43
CA GLY E 89 28.36 -12.81 -3.54
C GLY E 89 27.91 -14.09 -4.19
N SER E 90 27.07 -14.82 -3.48
CA SER E 90 26.45 -16.02 -4.02
C SER E 90 24.97 -15.72 -4.18
N CYS E 91 24.29 -16.51 -4.99
CA CYS E 91 22.85 -16.35 -5.15
C CYS E 91 22.20 -17.70 -5.41
N GLY E 92 20.89 -17.78 -5.24
CA GLY E 92 20.16 -18.99 -5.59
C GLY E 92 19.42 -18.77 -6.88
N ALA E 93 19.37 -19.79 -7.74
CA ALA E 93 18.65 -19.64 -9.02
C ALA E 93 17.24 -20.20 -8.94
N VAL E 94 16.31 -19.55 -9.64
CA VAL E 94 14.94 -20.04 -9.72
C VAL E 94 14.65 -20.58 -11.12
N LEU E 95 15.54 -20.32 -12.07
CA LEU E 95 15.36 -20.82 -13.43
C LEU E 95 16.10 -22.15 -13.61
N PRO E 96 15.40 -23.18 -14.10
CA PRO E 96 16.00 -24.51 -14.25
C PRO E 96 17.22 -24.51 -15.16
N HIS E 97 17.21 -23.65 -16.18
CA HIS E 97 18.30 -23.61 -17.15
C HIS E 97 19.55 -22.86 -16.66
N VAL E 98 19.43 -22.13 -15.56
CA VAL E 98 20.60 -21.50 -14.95
C VAL E 98 21.39 -22.55 -14.19
N LYS E 99 22.71 -22.55 -14.36
CA LYS E 99 23.56 -23.61 -13.82
C LYS E 99 24.16 -23.27 -12.48
N LEU E 100 24.42 -24.29 -11.68
CA LEU E 100 25.27 -24.15 -10.50
C LEU E 100 26.59 -23.54 -10.95
N ARG E 101 27.10 -22.60 -10.16
CA ARG E 101 28.35 -21.88 -10.45
C ARG E 101 28.33 -20.97 -11.70
N ASP E 102 27.16 -20.78 -12.33
CA ASP E 102 27.03 -19.75 -13.35
C ASP E 102 27.32 -18.39 -12.70
N VAL E 103 27.84 -17.44 -13.47
CA VAL E 103 28.06 -16.10 -12.95
C VAL E 103 26.90 -15.21 -13.39
N VAL E 104 26.30 -14.51 -12.43
CA VAL E 104 25.17 -13.64 -12.73
C VAL E 104 25.57 -12.20 -12.45
N ILE E 105 25.32 -11.33 -13.42
CA ILE E 105 25.59 -9.91 -13.26
C ILE E 105 24.26 -9.16 -13.16
N GLY E 106 24.04 -8.49 -12.02
CA GLY E 106 22.78 -7.82 -11.77
C GLY E 106 22.71 -6.41 -12.32
N MET E 107 22.34 -6.28 -13.59
CA MET E 107 22.15 -4.96 -14.17
CA MET E 107 22.15 -4.97 -14.18
C MET E 107 20.99 -4.27 -13.48
N GLY E 108 20.06 -5.07 -12.94
CA GLY E 108 18.97 -4.57 -12.15
C GLY E 108 18.74 -5.46 -10.93
N ALA E 109 18.03 -4.94 -9.93
CA ALA E 109 17.76 -5.73 -8.74
C ALA E 109 16.36 -5.45 -8.23
N CYS E 110 15.49 -6.46 -8.35
CA CYS E 110 14.16 -6.40 -7.75
C CYS E 110 14.30 -6.58 -6.24
N THR E 111 13.27 -6.20 -5.47
CA THR E 111 13.31 -6.43 -4.03
C THR E 111 11.93 -6.48 -3.38
N ASP E 112 11.82 -7.11 -2.21
CA ASP E 112 10.60 -6.96 -1.41
C ASP E 112 10.85 -6.08 -0.19
N SER E 113 11.97 -5.37 -0.20
CA SER E 113 12.27 -4.40 0.84
C SER E 113 11.48 -3.12 0.58
N LYS E 114 11.26 -2.34 1.64
CA LYS E 114 10.61 -1.04 1.48
C LYS E 114 11.58 0.13 1.34
N VAL E 115 12.90 -0.12 1.36
CA VAL E 115 13.84 1.01 1.44
C VAL E 115 13.77 1.97 0.23
N ASN E 116 13.57 1.43 -0.97
CA ASN E 116 13.57 2.31 -2.13
C ASN E 116 12.23 3.06 -2.27
N ARG E 117 11.15 2.44 -1.81
CA ARG E 117 9.87 3.14 -1.76
C ARG E 117 9.92 4.31 -0.78
N ILE E 118 10.63 4.13 0.32
CA ILE E 118 10.88 5.22 1.26
C ILE E 118 11.66 6.35 0.57
N ARG E 119 12.66 5.99 -0.23
CA ARG E 119 13.41 7.00 -0.96
C ARG E 119 12.58 7.67 -2.05
N PHE E 120 11.69 6.90 -2.67
CA PHE E 120 11.09 7.29 -3.94
C PHE E 120 9.59 7.57 -3.78
N LYS E 121 9.19 8.06 -2.62
CA LYS E 121 7.80 8.48 -2.36
C LYS E 121 6.77 7.43 -2.71
N ASP E 122 7.09 6.19 -2.36
CA ASP E 122 6.21 5.03 -2.54
C ASP E 122 6.01 4.62 -3.99
N HIS E 123 6.88 5.09 -4.88
CA HIS E 123 6.80 4.66 -6.26
C HIS E 123 7.84 3.59 -6.57
N ASP E 124 7.90 3.16 -7.82
CA ASP E 124 8.80 2.10 -8.22
C ASP E 124 10.13 2.67 -8.67
N PHE E 125 11.14 2.57 -7.82
CA PHE E 125 12.51 2.88 -8.22
C PHE E 125 13.13 1.63 -8.82
N ALA E 126 13.62 1.76 -10.05
CA ALA E 126 14.38 0.69 -10.71
C ALA E 126 15.79 0.69 -10.18
N ALA E 127 16.10 -0.26 -9.31
CA ALA E 127 17.44 -0.31 -8.74
C ALA E 127 18.40 -0.93 -9.76
N ILE E 128 19.28 -0.11 -10.31
CA ILE E 128 20.17 -0.57 -11.38
C ILE E 128 21.63 -0.33 -11.08
N ALA E 129 22.47 -1.12 -11.74
CA ALA E 129 23.92 -0.99 -11.62
C ALA E 129 24.40 0.13 -12.54
N ASP E 130 25.68 0.45 -12.47
CA ASP E 130 26.29 1.37 -13.42
C ASP E 130 26.56 0.62 -14.73
N PHE E 131 26.15 1.17 -15.87
CA PHE E 131 26.27 0.42 -17.12
C PHE E 131 27.71 0.02 -17.50
N ASP E 132 28.63 0.97 -17.38
CA ASP E 132 30.04 0.69 -17.70
C ASP E 132 30.60 -0.42 -16.81
N MET E 133 30.23 -0.40 -15.53
CA MET E 133 30.66 -1.46 -14.62
C MET E 133 30.14 -2.83 -15.06
N VAL E 134 28.89 -2.87 -15.51
CA VAL E 134 28.26 -4.08 -16.03
C VAL E 134 29.02 -4.56 -17.26
N ARG E 135 29.26 -3.66 -18.20
CA ARG E 135 29.99 -4.04 -19.41
C ARG E 135 31.41 -4.48 -19.10
N ASN E 136 32.09 -3.79 -18.20
CA ASN E 136 33.44 -4.20 -17.79
C ASN E 136 33.43 -5.64 -17.28
N ALA E 137 32.44 -5.96 -16.45
CA ALA E 137 32.31 -7.31 -15.91
C ALA E 137 32.01 -8.32 -17.02
N VAL E 138 31.14 -7.95 -17.96
CA VAL E 138 30.83 -8.86 -19.06
C VAL E 138 32.09 -9.13 -19.88
N ASP E 139 32.84 -8.08 -20.18
CA ASP E 139 34.05 -8.24 -20.99
C ASP E 139 35.15 -9.02 -20.27
N ALA E 140 35.29 -8.77 -18.97
CA ALA E 140 36.26 -9.50 -18.16
C ALA E 140 35.95 -11.00 -18.11
N ALA E 141 34.68 -11.35 -17.97
CA ALA E 141 34.28 -12.76 -17.97
C ALA E 141 34.55 -13.38 -19.33
N LYS E 142 34.16 -12.68 -20.38
CA LYS E 142 34.35 -13.15 -21.75
C LYS E 142 35.82 -13.43 -22.04
N ALA E 143 36.68 -12.55 -21.56
CA ALA E 143 38.13 -12.72 -21.71
C ALA E 143 38.59 -14.03 -21.06
N LEU E 144 37.94 -14.40 -19.96
CA LEU E 144 38.28 -15.64 -19.27
C LEU E 144 37.47 -16.82 -19.80
N GLY E 145 36.72 -16.59 -20.88
CA GLY E 145 35.92 -17.64 -21.48
C GLY E 145 34.69 -18.05 -20.70
N ILE E 146 34.14 -17.11 -19.93
CA ILE E 146 32.90 -17.34 -19.18
C ILE E 146 31.79 -16.47 -19.76
N ASP E 147 30.65 -17.07 -20.06
CA ASP E 147 29.52 -16.32 -20.59
C ASP E 147 28.62 -15.95 -19.42
N ALA E 148 28.79 -14.74 -18.91
CA ALA E 148 28.02 -14.27 -17.78
C ALA E 148 26.59 -13.91 -18.20
N ARG E 149 25.64 -14.21 -17.33
CA ARG E 149 24.24 -13.88 -17.54
C ARG E 149 23.94 -12.50 -16.95
N VAL E 150 23.34 -11.64 -17.75
CA VAL E 150 23.09 -10.26 -17.34
C VAL E 150 21.59 -9.95 -17.32
N GLY E 151 21.07 -9.57 -16.15
CA GLY E 151 19.65 -9.33 -16.00
C GLY E 151 19.32 -8.94 -14.56
N ASN E 152 18.18 -9.40 -14.07
CA ASN E 152 17.69 -8.99 -12.75
C ASN E 152 18.07 -9.95 -11.63
N LEU E 153 18.53 -9.40 -10.52
CA LEU E 153 18.58 -10.17 -9.30
C LEU E 153 17.28 -9.88 -8.55
N PHE E 154 17.01 -10.66 -7.50
CA PHE E 154 15.97 -10.30 -6.55
C PHE E 154 16.62 -10.25 -5.18
N SER E 155 16.54 -9.09 -4.52
CA SER E 155 17.12 -8.92 -3.20
C SER E 155 16.04 -9.09 -2.13
N ALA E 156 16.10 -10.22 -1.46
CA ALA E 156 15.11 -10.59 -0.45
C ALA E 156 15.44 -9.99 0.93
N ASP E 157 14.41 -9.62 1.68
CA ASP E 157 14.57 -9.28 3.10
C ASP E 157 14.57 -10.54 3.97
N LEU E 158 13.84 -11.56 3.55
CA LEU E 158 13.74 -12.79 4.35
C LEU E 158 14.42 -14.00 3.68
N PHE E 159 15.56 -14.41 4.22
CA PHE E 159 16.22 -15.64 3.76
C PHE E 159 15.27 -16.81 3.95
N TYR E 160 14.52 -16.78 5.05
CA TYR E 160 13.47 -17.77 5.31
C TYR E 160 12.10 -17.17 5.04
N SER E 161 11.72 -17.13 3.76
CA SER E 161 10.51 -16.44 3.34
C SER E 161 9.27 -17.30 3.53
N PRO E 162 8.17 -16.71 4.01
CA PRO E 162 6.92 -17.47 4.15
C PRO E 162 6.14 -17.57 2.83
N ASP E 163 6.62 -16.91 1.79
CA ASP E 163 5.90 -16.84 0.52
C ASP E 163 6.67 -17.58 -0.59
N GLY E 164 6.58 -18.91 -0.60
CA GLY E 164 7.31 -19.72 -1.57
C GLY E 164 6.84 -19.44 -2.98
N GLU E 165 5.59 -19.03 -3.10
CA GLU E 165 5.00 -18.83 -4.41
C GLU E 165 5.62 -17.62 -5.12
N MET E 166 6.14 -16.66 -4.35
CA MET E 166 6.84 -15.53 -4.96
C MET E 166 8.02 -15.98 -5.84
N PHE E 167 8.63 -17.12 -5.51
CA PHE E 167 9.71 -17.65 -6.34
C PHE E 167 9.19 -18.06 -7.74
N ASP E 168 7.93 -18.50 -7.82
CA ASP E 168 7.33 -18.78 -9.13
C ASP E 168 7.23 -17.49 -9.94
N VAL E 169 6.86 -16.41 -9.26
CA VAL E 169 6.72 -15.11 -9.91
C VAL E 169 8.08 -14.62 -10.40
N MET E 170 9.11 -14.81 -9.57
CA MET E 170 10.48 -14.48 -9.96
C MET E 170 10.89 -15.25 -11.22
N GLU E 171 10.58 -16.53 -11.25
CA GLU E 171 10.93 -17.34 -12.41
C GLU E 171 10.20 -16.82 -13.65
N LYS E 172 8.90 -16.54 -13.49
CA LYS E 172 8.08 -16.04 -14.58
C LYS E 172 8.64 -14.74 -15.17
N TYR E 173 9.16 -13.86 -14.33
CA TYR E 173 9.70 -12.58 -14.82
C TYR E 173 11.20 -12.59 -15.08
N GLY E 174 11.80 -13.79 -15.09
CA GLY E 174 13.16 -13.97 -15.56
C GLY E 174 14.27 -13.61 -14.59
N ILE E 175 13.94 -13.55 -13.30
CA ILE E 175 14.96 -13.26 -12.28
C ILE E 175 16.08 -14.31 -12.34
N LEU E 176 17.33 -13.84 -12.36
CA LEU E 176 18.49 -14.71 -12.55
C LEU E 176 19.04 -15.33 -11.26
N GLY E 177 19.01 -14.53 -10.20
CA GLY E 177 19.54 -14.97 -8.92
C GLY E 177 18.83 -14.30 -7.77
N VAL E 178 18.73 -15.02 -6.66
CA VAL E 178 18.17 -14.45 -5.44
C VAL E 178 19.28 -14.23 -4.43
N GLU E 179 19.42 -13.00 -3.94
CA GLU E 179 20.35 -12.71 -2.86
C GLU E 179 19.68 -11.72 -1.91
N MET E 180 20.44 -10.93 -1.16
CA MET E 180 19.81 -10.09 -0.14
C MET E 180 20.35 -8.67 -0.04
N GLU E 181 21.09 -8.20 -1.05
CA GLU E 181 21.74 -6.89 -0.91
C GLU E 181 21.68 -5.93 -2.11
N ALA E 182 21.75 -6.46 -3.33
CA ALA E 182 21.95 -5.64 -4.53
C ALA E 182 21.05 -4.41 -4.62
N ALA E 183 19.74 -4.62 -4.45
CA ALA E 183 18.78 -3.51 -4.52
C ALA E 183 19.08 -2.40 -3.52
N GLY E 184 19.58 -2.78 -2.35
CA GLY E 184 19.94 -1.78 -1.34
C GLY E 184 21.20 -1.02 -1.72
N ILE E 185 22.18 -1.76 -2.21
CA ILE E 185 23.45 -1.13 -2.62
C ILE E 185 23.20 -0.16 -3.77
N TYR E 186 22.36 -0.58 -4.72
CA TYR E 186 22.01 0.27 -5.85
C TYR E 186 21.25 1.53 -5.40
N GLY E 187 20.43 1.41 -4.37
CA GLY E 187 19.72 2.56 -3.84
C GLY E 187 20.66 3.54 -3.18
N VAL E 188 21.60 3.03 -2.39
CA VAL E 188 22.63 3.86 -1.77
C VAL E 188 23.49 4.56 -2.82
N ALA E 189 23.89 3.81 -3.85
CA ALA E 189 24.73 4.39 -4.90
C ALA E 189 24.04 5.56 -5.57
N ALA E 190 22.75 5.42 -5.84
CA ALA E 190 22.01 6.48 -6.50
C ALA E 190 21.76 7.65 -5.54
N GLU E 191 21.44 7.33 -4.29
CA GLU E 191 21.22 8.36 -3.26
C GLU E 191 22.47 9.22 -3.02
N PHE E 192 23.64 8.59 -2.99
CA PHE E 192 24.85 9.33 -2.65
C PHE E 192 25.79 9.61 -3.83
N GLY E 193 25.34 9.26 -5.03
CA GLY E 193 26.06 9.63 -6.24
C GLY E 193 27.34 8.84 -6.47
N ALA E 194 27.28 7.53 -6.31
CA ALA E 194 28.41 6.67 -6.63
C ALA E 194 27.97 5.61 -7.62
N LYS E 195 28.85 4.66 -7.94
CA LYS E 195 28.51 3.62 -8.89
C LYS E 195 28.62 2.24 -8.24
N ALA E 196 27.71 1.33 -8.56
CA ALA E 196 27.72 0.00 -7.96
C ALA E 196 27.43 -1.10 -8.96
N LEU E 197 27.83 -2.30 -8.60
CA LEU E 197 27.55 -3.49 -9.39
C LEU E 197 27.51 -4.67 -8.43
N THR E 198 26.60 -5.60 -8.67
CA THR E 198 26.60 -6.85 -7.92
C THR E 198 26.87 -7.99 -8.87
N ILE E 199 27.86 -8.81 -8.53
CA ILE E 199 28.18 -10.00 -9.30
C ILE E 199 27.98 -11.16 -8.35
N CYS E 200 27.32 -12.21 -8.81
CA CYS E 200 27.07 -13.38 -7.97
C CYS E 200 27.42 -14.67 -8.70
N THR E 201 27.86 -15.67 -7.94
CA THR E 201 27.97 -17.03 -8.46
C THR E 201 26.80 -17.83 -7.91
N VAL E 202 26.19 -18.66 -8.76
CA VAL E 202 25.01 -19.42 -8.35
C VAL E 202 25.40 -20.59 -7.45
N SER E 203 24.94 -20.60 -6.21
CA SER E 203 25.35 -21.65 -5.28
C SER E 203 24.25 -22.67 -4.96
N ALA E 204 23.05 -22.43 -5.48
CA ALA E 204 21.96 -23.38 -5.25
C ALA E 204 20.81 -23.17 -6.23
N HIS E 205 20.02 -24.22 -6.45
CA HIS E 205 18.74 -24.06 -7.13
C HIS E 205 17.65 -23.96 -6.08
N ILE E 206 16.86 -22.89 -6.17
CA ILE E 206 15.77 -22.69 -5.23
C ILE E 206 14.56 -23.45 -5.71
N ARG E 207 14.13 -24.40 -4.90
CA ARG E 207 12.92 -25.18 -5.11
C ARG E 207 13.06 -26.25 -6.19
N THR E 208 12.08 -27.14 -6.22
CA THR E 208 12.11 -28.34 -7.03
C THR E 208 11.40 -28.09 -8.34
N HIS E 209 12.06 -28.41 -9.44
CA HIS E 209 11.45 -28.26 -10.74
C HIS E 209 11.36 -29.59 -11.47
N GLU E 210 10.16 -29.83 -12.02
CA GLU E 210 9.87 -30.99 -12.84
C GLU E 210 10.98 -31.30 -13.83
N GLN E 211 11.39 -30.27 -14.57
CA GLN E 211 12.37 -30.37 -15.66
C GLN E 211 13.57 -31.27 -15.34
N THR E 212 14.39 -30.74 -14.43
CA THR E 212 15.80 -31.08 -14.17
C THR E 212 16.61 -29.86 -14.58
N THR E 213 17.55 -29.49 -13.73
CA THR E 213 18.41 -28.35 -13.97
C THR E 213 19.38 -28.70 -15.10
N ALA E 214 19.80 -27.69 -15.86
CA ALA E 214 20.68 -27.91 -17.02
C ALA E 214 21.84 -28.85 -16.73
N ALA E 215 22.70 -28.42 -15.81
CA ALA E 215 23.90 -29.16 -15.42
C ALA E 215 24.60 -28.32 -14.35
N GLU E 216 25.93 -28.35 -14.39
CA GLU E 216 26.73 -27.50 -13.50
C GLU E 216 27.97 -27.00 -14.24
N ALA E 217 28.24 -25.70 -14.11
CA ALA E 217 29.33 -25.06 -14.83
C ALA E 217 30.70 -25.35 -14.22
N GLN E 218 31.76 -25.15 -14.99
CA GLN E 218 33.12 -25.40 -14.52
C GLN E 218 33.68 -24.19 -13.78
N THR E 219 32.95 -23.08 -13.89
CA THR E 219 33.35 -21.83 -13.27
C THR E 219 33.57 -22.02 -11.78
N THR E 220 34.51 -21.28 -11.21
CA THR E 220 34.80 -21.43 -9.80
C THR E 220 34.53 -20.13 -9.04
N PHE E 221 34.57 -20.20 -7.72
CA PHE E 221 34.37 -19.01 -6.91
C PHE E 221 35.47 -18.02 -7.20
N ASN E 222 36.70 -18.52 -7.33
CA ASN E 222 37.84 -17.66 -7.64
C ASN E 222 37.69 -16.97 -9.00
N ASP E 223 37.02 -17.64 -9.94
CA ASP E 223 36.77 -17.08 -11.25
C ASP E 223 35.92 -15.80 -11.12
N MET E 224 34.91 -15.85 -10.25
CA MET E 224 34.06 -14.68 -10.06
C MET E 224 34.87 -13.50 -9.54
N ILE E 225 35.70 -13.76 -8.53
CA ILE E 225 36.52 -12.69 -7.96
C ILE E 225 37.46 -12.10 -9.04
N LYS E 226 38.06 -12.95 -9.85
CA LYS E 226 38.92 -12.47 -10.95
C LYS E 226 38.16 -11.57 -11.92
N ILE E 227 36.96 -12.00 -12.30
CA ILE E 227 36.11 -11.18 -13.17
C ILE E 227 35.94 -9.79 -12.55
N ALA E 228 35.63 -9.76 -11.25
CA ALA E 228 35.41 -8.50 -10.55
C ALA E 228 36.66 -7.63 -10.57
N LEU E 229 37.79 -8.19 -10.18
CA LEU E 229 39.06 -7.46 -10.16
C LEU E 229 39.44 -7.02 -11.56
N GLU E 230 39.37 -7.93 -12.52
CA GLU E 230 39.74 -7.59 -13.90
C GLU E 230 38.79 -6.52 -14.47
N SER E 231 37.54 -6.54 -14.03
CA SER E 231 36.55 -5.58 -14.53
C SER E 231 36.95 -4.17 -14.11
N VAL E 232 37.63 -4.07 -12.98
CA VAL E 232 38.13 -2.79 -12.48
C VAL E 232 39.26 -2.23 -13.33
N LEU E 233 40.16 -3.12 -13.77
CA LEU E 233 41.27 -2.71 -14.62
C LEU E 233 40.75 -2.20 -15.98
N LEU E 234 39.72 -2.86 -16.51
CA LEU E 234 39.09 -2.39 -17.74
C LEU E 234 38.46 -1.01 -17.54
N GLY E 235 37.81 -0.80 -16.39
CA GLY E 235 37.18 0.47 -16.11
C GLY E 235 38.19 1.59 -16.06
N ASP E 236 39.41 1.25 -15.65
CA ASP E 236 40.46 2.25 -15.49
C ASP E 236 40.95 2.83 -16.83
N LYS E 237 40.69 2.11 -17.92
CA LYS E 237 41.21 2.50 -19.24
C LYS E 237 40.32 3.49 -20.00
N ALA F 1 -2.98 27.11 -28.11
CA ALA F 1 -2.77 25.67 -28.29
C ALA F 1 -2.23 25.04 -27.01
N THR F 2 -2.29 23.71 -26.93
CA THR F 2 -1.70 22.97 -25.82
C THR F 2 -0.74 21.93 -26.41
N PRO F 3 0.12 21.32 -25.58
CA PRO F 3 1.13 20.43 -26.16
C PRO F 3 0.59 19.31 -27.07
N HIS F 4 -0.65 18.86 -26.87
CA HIS F 4 -1.17 17.76 -27.70
C HIS F 4 -2.38 18.13 -28.53
N ILE F 5 -2.72 19.42 -28.56
CA ILE F 5 -3.87 19.86 -29.35
C ILE F 5 -3.55 21.16 -30.08
N ASN F 6 -3.45 21.11 -31.40
CA ASN F 6 -3.19 22.35 -32.14
C ASN F 6 -4.47 23.04 -32.56
N ALA F 7 -5.09 23.74 -31.62
CA ALA F 7 -6.32 24.48 -31.84
C ALA F 7 -6.29 25.71 -30.91
N GLU F 8 -7.28 26.58 -31.03
CA GLU F 8 -7.36 27.75 -30.14
C GLU F 8 -8.72 27.78 -29.46
N MET F 9 -8.83 28.55 -28.38
CA MET F 9 -10.08 28.68 -27.65
C MET F 9 -11.21 29.07 -28.60
N GLY F 10 -12.33 28.36 -28.52
CA GLY F 10 -13.44 28.60 -29.42
C GLY F 10 -13.57 27.51 -30.47
N ASP F 11 -12.46 26.83 -30.79
CA ASP F 11 -12.51 25.79 -31.83
C ASP F 11 -13.30 24.57 -31.36
N PHE F 12 -13.34 24.37 -30.05
CA PHE F 12 -14.14 23.33 -29.44
C PHE F 12 -15.43 23.87 -28.85
N ALA F 13 -16.50 23.10 -28.96
CA ALA F 13 -17.72 23.34 -28.20
C ALA F 13 -17.44 23.18 -26.71
N ASP F 14 -18.40 23.57 -25.87
CA ASP F 14 -18.22 23.41 -24.43
C ASP F 14 -18.53 21.98 -23.97
N VAL F 15 -19.02 21.18 -24.90
CA VAL F 15 -19.20 19.75 -24.68
C VAL F 15 -18.41 18.97 -25.72
N VAL F 16 -17.65 17.98 -25.27
CA VAL F 16 -16.87 17.17 -26.21
C VAL F 16 -17.19 15.69 -25.99
N LEU F 17 -17.65 15.01 -27.05
CA LEU F 17 -17.73 13.56 -27.04
C LEU F 17 -16.34 13.00 -27.30
N MET F 18 -15.94 11.96 -26.55
CA MET F 18 -14.61 11.39 -26.74
C MET F 18 -14.60 9.88 -26.72
N PRO F 19 -14.41 9.26 -27.89
CA PRO F 19 -14.09 7.83 -27.96
C PRO F 19 -12.58 7.66 -27.84
N GLY F 20 -12.10 6.45 -27.56
CA GLY F 20 -10.65 6.22 -27.53
C GLY F 20 -10.04 6.25 -28.93
N ASP F 21 -10.87 5.92 -29.92
CA ASP F 21 -10.41 5.73 -31.29
C ASP F 21 -10.66 7.00 -32.12
N PRO F 22 -9.58 7.67 -32.57
CA PRO F 22 -9.76 8.89 -33.37
C PRO F 22 -10.52 8.62 -34.68
N LEU F 23 -10.43 7.39 -35.19
CA LEU F 23 -11.17 7.03 -36.41
C LEU F 23 -12.66 6.99 -36.12
N ARG F 24 -13.01 6.63 -34.88
CA ARG F 24 -14.40 6.65 -34.48
C ARG F 24 -14.89 8.09 -34.33
N ALA F 25 -14.04 8.96 -33.80
CA ALA F 25 -14.39 10.38 -33.70
C ALA F 25 -14.71 10.93 -35.08
N LYS F 26 -13.90 10.53 -36.05
CA LYS F 26 -14.07 10.99 -37.42
C LYS F 26 -15.39 10.47 -37.99
N TYR F 27 -15.66 9.18 -37.78
CA TYR F 27 -16.93 8.63 -38.24
C TYR F 27 -18.12 9.34 -37.60
N ILE F 28 -18.04 9.61 -36.31
CA ILE F 28 -19.13 10.30 -35.62
C ILE F 28 -19.33 11.70 -36.20
N ALA F 29 -18.23 12.41 -36.42
CA ALA F 29 -18.29 13.76 -36.99
C ALA F 29 -18.95 13.76 -38.38
N GLU F 30 -18.57 12.81 -39.23
CA GLU F 30 -19.09 12.76 -40.59
C GLU F 30 -20.53 12.25 -40.64
N THR F 31 -20.93 11.49 -39.62
CA THR F 31 -22.24 10.85 -39.63
C THR F 31 -23.30 11.64 -38.85
N PHE F 32 -22.93 12.23 -37.73
CA PHE F 32 -23.92 12.86 -36.85
C PHE F 32 -23.92 14.38 -36.84
N LEU F 33 -22.80 15.00 -37.24
CA LEU F 33 -22.66 16.46 -37.15
C LEU F 33 -22.76 17.13 -38.52
N GLU F 34 -23.42 18.29 -38.56
CA GLU F 34 -23.46 19.08 -39.78
C GLU F 34 -22.32 20.06 -39.76
N ASP F 35 -21.81 20.40 -40.95
CA ASP F 35 -20.76 21.40 -41.11
C ASP F 35 -19.56 21.07 -40.25
N ALA F 36 -19.21 19.79 -40.18
CA ALA F 36 -18.12 19.36 -39.29
C ALA F 36 -16.80 19.85 -39.83
N ARG F 37 -15.90 20.28 -38.95
CA ARG F 37 -14.57 20.67 -39.37
CA ARG F 37 -14.57 20.62 -39.40
C ARG F 37 -13.52 20.08 -38.44
N GLU F 38 -12.37 19.72 -38.99
CA GLU F 38 -11.30 19.12 -38.22
C GLU F 38 -10.60 20.20 -37.41
N VAL F 39 -10.52 20.01 -36.10
CA VAL F 39 -9.93 21.03 -35.23
C VAL F 39 -8.62 20.58 -34.60
N ASN F 40 -8.31 19.28 -34.71
CA ASN F 40 -7.03 18.75 -34.26
C ASN F 40 -6.57 17.52 -35.05
N ASN F 41 -5.26 17.45 -35.29
CA ASN F 41 -4.67 16.26 -35.91
C ASN F 41 -3.27 15.93 -35.35
N VAL F 42 -2.90 16.58 -34.24
CA VAL F 42 -1.61 16.32 -33.58
C VAL F 42 -1.57 14.87 -33.10
N ARG F 43 -0.47 14.17 -33.42
CA ARG F 43 -0.36 12.73 -33.14
C ARG F 43 -1.46 11.89 -33.78
N GLY F 44 -2.12 12.44 -34.82
CA GLY F 44 -3.27 11.79 -35.43
C GLY F 44 -4.48 11.66 -34.52
N MET F 45 -4.51 12.40 -33.42
CA MET F 45 -5.64 12.30 -32.51
C MET F 45 -6.76 13.24 -32.98
N LEU F 46 -7.45 12.80 -34.03
CA LEU F 46 -8.47 13.61 -34.72
C LEU F 46 -9.55 14.15 -33.80
N GLY F 47 -9.85 15.43 -33.96
CA GLY F 47 -10.93 16.06 -33.24
C GLY F 47 -11.69 16.96 -34.19
N PHE F 48 -13.01 17.04 -34.03
CA PHE F 48 -13.85 17.78 -34.96
C PHE F 48 -14.87 18.59 -34.18
N THR F 49 -15.35 19.66 -34.80
CA THR F 49 -16.46 20.44 -34.25
C THR F 49 -17.48 20.65 -35.35
N GLY F 50 -18.76 20.48 -35.01
CA GLY F 50 -19.84 20.72 -35.94
C GLY F 50 -21.10 21.02 -35.14
N THR F 51 -22.27 20.84 -35.75
CA THR F 51 -23.51 21.05 -35.02
C THR F 51 -24.41 19.85 -35.10
N TYR F 52 -25.21 19.67 -34.05
CA TYR F 52 -26.18 18.61 -33.99
C TYR F 52 -27.49 19.27 -33.64
N LYS F 53 -28.45 19.24 -34.56
CA LYS F 53 -29.74 19.91 -34.35
C LYS F 53 -29.54 21.35 -33.86
N GLY F 54 -28.59 22.05 -34.50
CA GLY F 54 -28.35 23.44 -34.16
C GLY F 54 -27.38 23.67 -33.01
N ARG F 55 -27.05 22.61 -32.25
CA ARG F 55 -26.19 22.77 -31.09
C ARG F 55 -24.74 22.49 -31.45
N LYS F 56 -23.85 23.44 -31.12
CA LYS F 56 -22.41 23.27 -31.35
C LYS F 56 -21.88 22.15 -30.47
N ILE F 57 -21.25 21.16 -31.11
CA ILE F 57 -20.73 19.98 -30.43
C ILE F 57 -19.40 19.53 -31.04
N SER F 58 -18.48 19.07 -30.19
CA SER F 58 -17.21 18.54 -30.65
C SER F 58 -17.08 17.05 -30.34
N VAL F 59 -16.25 16.38 -31.13
CA VAL F 59 -15.89 14.99 -30.87
C VAL F 59 -14.40 14.79 -31.16
N MET F 60 -13.70 14.11 -30.26
CA MET F 60 -12.25 13.94 -30.43
C MET F 60 -11.77 12.67 -29.71
N GLY F 61 -10.83 11.95 -30.32
CA GLY F 61 -10.27 10.76 -29.70
C GLY F 61 -9.47 11.11 -28.45
N HIS F 62 -9.39 10.20 -27.49
CA HIS F 62 -8.54 10.44 -26.33
C HIS F 62 -7.45 9.38 -26.16
N GLY F 63 -7.39 8.42 -27.10
CA GLY F 63 -6.39 7.35 -27.06
C GLY F 63 -6.71 6.28 -26.02
N MET F 64 -5.89 5.24 -25.93
CA MET F 64 -6.20 4.16 -25.01
C MET F 64 -5.47 4.31 -23.68
N GLY F 65 -6.22 4.23 -22.59
CA GLY F 65 -5.62 4.22 -21.27
C GLY F 65 -5.80 5.50 -20.49
N ILE F 66 -5.74 5.37 -19.17
CA ILE F 66 -5.83 6.52 -18.27
C ILE F 66 -4.78 7.62 -18.56
N PRO F 67 -3.49 7.26 -18.73
CA PRO F 67 -2.54 8.35 -18.95
C PRO F 67 -2.79 9.11 -20.26
N SER F 68 -3.21 8.40 -21.29
CA SER F 68 -3.52 9.05 -22.56
C SER F 68 -4.70 10.03 -22.41
N CYS F 69 -5.84 9.55 -21.92
CA CYS F 69 -7.02 10.43 -21.85
C CYS F 69 -6.89 11.51 -20.79
N SER F 70 -6.04 11.28 -19.80
CA SER F 70 -5.82 12.30 -18.77
C SER F 70 -5.22 13.54 -19.37
N ILE F 71 -4.31 13.34 -20.33
CA ILE F 71 -3.67 14.42 -21.04
C ILE F 71 -4.69 15.28 -21.81
N TYR F 72 -5.54 14.63 -22.60
CA TYR F 72 -6.48 15.37 -23.44
C TYR F 72 -7.58 16.07 -22.64
N THR F 73 -8.13 15.39 -21.65
CA THR F 73 -9.17 15.96 -20.81
C THR F 73 -8.63 17.19 -20.07
N LYS F 74 -7.44 17.08 -19.48
CA LYS F 74 -6.84 18.23 -18.81
C LYS F 74 -6.75 19.40 -19.75
N GLU F 75 -6.20 19.17 -20.95
CA GLU F 75 -5.92 20.26 -21.88
C GLU F 75 -7.20 20.93 -22.38
N LEU F 76 -8.23 20.13 -22.65
CA LEU F 76 -9.52 20.69 -23.06
C LEU F 76 -10.13 21.58 -21.97
N ILE F 77 -10.04 21.13 -20.73
CA ILE F 77 -10.64 21.87 -19.60
C ILE F 77 -9.93 23.18 -19.26
N THR F 78 -8.60 23.17 -19.21
CA THR F 78 -7.87 24.36 -18.80
C THR F 78 -7.74 25.39 -19.91
N ASP F 79 -7.66 24.91 -21.16
CA ASP F 79 -7.33 25.79 -22.29
C ASP F 79 -8.43 25.96 -23.35
N PHE F 80 -9.47 25.12 -23.35
CA PHE F 80 -10.45 25.22 -24.42
C PHE F 80 -11.88 25.44 -23.92
N GLY F 81 -12.00 25.78 -22.64
CA GLY F 81 -13.29 26.12 -22.05
C GLY F 81 -14.29 24.99 -22.01
N VAL F 82 -13.81 23.76 -22.16
CA VAL F 82 -14.70 22.60 -22.10
C VAL F 82 -15.30 22.40 -20.70
N LYS F 83 -16.62 22.26 -20.64
CA LYS F 83 -17.33 22.14 -19.38
C LYS F 83 -17.83 20.72 -19.14
N LYS F 84 -18.10 20.00 -20.23
CA LYS F 84 -18.61 18.64 -20.14
C LYS F 84 -17.84 17.72 -21.06
N ILE F 85 -17.49 16.53 -20.56
CA ILE F 85 -16.88 15.52 -21.42
C ILE F 85 -17.73 14.25 -21.36
N ILE F 86 -18.15 13.75 -22.53
CA ILE F 86 -18.85 12.49 -22.59
C ILE F 86 -17.96 11.48 -23.28
N ARG F 87 -17.33 10.63 -22.50
CA ARG F 87 -16.59 9.53 -23.10
C ARG F 87 -17.58 8.57 -23.74
N VAL F 88 -17.33 8.20 -25.00
CA VAL F 88 -18.17 7.23 -25.69
C VAL F 88 -17.34 6.04 -26.15
N GLY F 89 -17.24 5.01 -25.31
CA GLY F 89 -16.28 3.94 -25.57
C GLY F 89 -16.84 2.55 -25.80
N SER F 90 -15.95 1.56 -25.71
CA SER F 90 -16.33 0.16 -25.75
C SER F 90 -15.88 -0.47 -24.45
N CYS F 91 -16.42 -1.64 -24.12
CA CYS F 91 -16.00 -2.30 -22.89
C CYS F 91 -16.23 -3.79 -23.00
N GLY F 92 -15.59 -4.57 -22.12
CA GLY F 92 -15.88 -5.99 -22.05
C GLY F 92 -16.79 -6.25 -20.87
N ALA F 93 -17.65 -7.24 -20.98
CA ALA F 93 -18.60 -7.54 -19.91
C ALA F 93 -18.17 -8.78 -19.13
N VAL F 94 -18.61 -8.85 -17.86
CA VAL F 94 -18.38 -10.02 -17.03
C VAL F 94 -19.70 -10.62 -16.54
N LEU F 95 -20.75 -9.79 -16.49
CA LEU F 95 -22.04 -10.23 -15.96
C LEU F 95 -22.81 -11.10 -16.97
N PRO F 96 -23.50 -12.15 -16.48
CA PRO F 96 -24.08 -13.12 -17.43
C PRO F 96 -25.28 -12.58 -18.22
N HIS F 97 -25.93 -11.53 -17.72
CA HIS F 97 -27.07 -10.94 -18.45
C HIS F 97 -26.68 -9.75 -19.34
N VAL F 98 -25.43 -9.32 -19.25
CA VAL F 98 -24.96 -8.24 -20.13
C VAL F 98 -24.53 -8.85 -21.45
N LYS F 99 -25.04 -8.30 -22.56
CA LYS F 99 -24.83 -8.86 -23.89
C LYS F 99 -23.98 -7.96 -24.77
N LEU F 100 -23.41 -8.53 -25.83
CA LEU F 100 -22.73 -7.74 -26.86
C LEU F 100 -23.64 -6.62 -27.37
N ARG F 101 -23.06 -5.42 -27.52
CA ARG F 101 -23.75 -4.24 -28.04
CA ARG F 101 -23.73 -4.23 -28.04
C ARG F 101 -24.71 -3.56 -27.06
N ASP F 102 -24.83 -4.10 -25.84
CA ASP F 102 -25.58 -3.41 -24.79
C ASP F 102 -24.88 -2.11 -24.47
N VAL F 103 -25.66 -1.09 -24.14
CA VAL F 103 -25.12 0.21 -23.75
C VAL F 103 -25.08 0.29 -22.22
N VAL F 104 -23.94 0.71 -21.68
CA VAL F 104 -23.82 0.87 -20.22
C VAL F 104 -23.36 2.28 -19.87
N ILE F 105 -23.89 2.80 -18.76
CA ILE F 105 -23.59 4.15 -18.30
C ILE F 105 -22.84 4.07 -16.98
N GLY F 106 -21.62 4.60 -16.94
CA GLY F 106 -20.78 4.51 -15.77
C GLY F 106 -20.99 5.63 -14.76
N MET F 107 -21.93 5.45 -13.85
CA MET F 107 -22.15 6.42 -12.79
C MET F 107 -20.90 6.49 -11.92
N GLY F 108 -20.25 5.34 -11.75
CA GLY F 108 -18.95 5.29 -11.10
C GLY F 108 -17.96 4.52 -11.94
N ALA F 109 -16.68 4.65 -11.60
CA ALA F 109 -15.66 3.83 -12.26
C ALA F 109 -14.62 3.36 -11.26
N CYS F 110 -14.57 2.04 -11.05
CA CYS F 110 -13.49 1.42 -10.28
C CYS F 110 -12.20 1.49 -11.10
N THR F 111 -11.05 1.20 -10.47
CA THR F 111 -9.80 1.16 -11.24
C THR F 111 -8.67 0.41 -10.52
N ASP F 112 -7.71 -0.11 -11.29
CA ASP F 112 -6.48 -0.65 -10.71
C ASP F 112 -5.28 0.25 -11.00
N SER F 113 -5.58 1.46 -11.49
CA SER F 113 -4.59 2.51 -11.69
C SER F 113 -4.21 3.12 -10.35
N LYS F 114 -3.04 3.74 -10.29
CA LYS F 114 -2.63 4.40 -9.07
C LYS F 114 -2.90 5.91 -9.13
N VAL F 115 -3.42 6.42 -10.25
CA VAL F 115 -3.47 7.89 -10.42
C VAL F 115 -4.36 8.62 -9.42
N ASN F 116 -5.47 7.99 -9.01
CA ASN F 116 -6.34 8.69 -8.07
C ASN F 116 -5.78 8.61 -6.66
N ARG F 117 -5.07 7.53 -6.35
CA ARG F 117 -4.38 7.46 -5.07
C ARG F 117 -3.29 8.54 -5.00
N ILE F 118 -2.61 8.76 -6.12
CA ILE F 118 -1.65 9.85 -6.24
C ILE F 118 -2.30 11.23 -5.97
N ARG F 119 -3.53 11.43 -6.46
CA ARG F 119 -4.25 12.68 -6.23
C ARG F 119 -4.75 12.85 -4.82
N PHE F 120 -5.11 11.72 -4.19
CA PHE F 120 -5.99 11.73 -3.03
C PHE F 120 -5.30 11.17 -1.79
N LYS F 121 -4.00 11.40 -1.69
CA LYS F 121 -3.23 11.01 -0.51
C LYS F 121 -3.29 9.52 -0.19
N ASP F 122 -3.35 8.69 -1.23
CA ASP F 122 -3.33 7.23 -1.10
C ASP F 122 -4.63 6.67 -0.49
N HIS F 123 -5.68 7.48 -0.49
CA HIS F 123 -7.01 7.03 -0.03
C HIS F 123 -7.88 6.64 -1.21
N ASP F 124 -9.11 6.21 -0.94
CA ASP F 124 -10.04 5.82 -1.99
C ASP F 124 -10.83 7.01 -2.47
N PHE F 125 -10.52 7.51 -3.65
CA PHE F 125 -11.37 8.48 -4.33
C PHE F 125 -12.45 7.71 -5.13
N ALA F 126 -13.71 8.00 -4.85
CA ALA F 126 -14.80 7.43 -5.62
C ALA F 126 -14.88 8.19 -6.92
N ALA F 127 -14.38 7.61 -7.99
CA ALA F 127 -14.41 8.27 -9.30
C ALA F 127 -15.83 8.17 -9.85
N ILE F 128 -16.54 9.30 -9.84
CA ILE F 128 -17.92 9.33 -10.29
C ILE F 128 -18.19 10.35 -11.39
N ALA F 129 -19.24 10.08 -12.15
CA ALA F 129 -19.76 10.98 -13.16
C ALA F 129 -20.55 12.13 -12.53
N ASP F 130 -20.90 13.12 -13.34
CA ASP F 130 -21.82 14.18 -12.90
C ASP F 130 -23.24 13.61 -12.88
N PHE F 131 -23.98 13.86 -11.81
CA PHE F 131 -25.32 13.26 -11.71
C PHE F 131 -26.28 13.72 -12.81
N ASP F 132 -26.31 15.02 -13.10
CA ASP F 132 -27.26 15.51 -14.10
C ASP F 132 -26.96 14.87 -15.46
N MET F 133 -25.67 14.70 -15.75
CA MET F 133 -25.29 14.11 -17.02
C MET F 133 -25.73 12.65 -17.12
N VAL F 134 -25.64 11.93 -15.99
CA VAL F 134 -26.12 10.55 -15.96
C VAL F 134 -27.62 10.51 -16.23
N ARG F 135 -28.35 11.37 -15.53
CA ARG F 135 -29.80 11.46 -15.68
CA ARG F 135 -29.80 11.43 -15.70
C ARG F 135 -30.17 11.84 -17.12
N ASN F 136 -29.44 12.80 -17.67
CA ASN F 136 -29.68 13.20 -19.06
C ASN F 136 -29.53 12.00 -20.01
N ALA F 137 -28.52 11.16 -19.77
CA ALA F 137 -28.30 10.01 -20.64
C ALA F 137 -29.41 8.98 -20.48
N VAL F 138 -29.82 8.74 -19.24
CA VAL F 138 -30.91 7.81 -18.96
C VAL F 138 -32.20 8.27 -19.64
N ASP F 139 -32.53 9.55 -19.50
CA ASP F 139 -33.77 10.07 -20.07
C ASP F 139 -33.73 10.04 -21.59
N ALA F 140 -32.60 10.41 -22.17
CA ALA F 140 -32.46 10.36 -23.62
C ALA F 140 -32.57 8.94 -24.16
N ALA F 141 -31.99 7.98 -23.43
CA ALA F 141 -32.04 6.59 -23.86
C ALA F 141 -33.50 6.11 -23.84
N LYS F 142 -34.22 6.50 -22.79
CA LYS F 142 -35.64 6.17 -22.69
C LYS F 142 -36.43 6.75 -23.86
N ALA F 143 -36.18 8.01 -24.20
CA ALA F 143 -36.89 8.64 -25.29
C ALA F 143 -36.57 7.98 -26.62
N LEU F 144 -35.36 7.42 -26.72
CA LEU F 144 -34.91 6.75 -27.94
C LEU F 144 -35.39 5.31 -28.00
N GLY F 145 -35.86 4.79 -26.88
CA GLY F 145 -36.24 3.38 -26.82
C GLY F 145 -35.03 2.46 -26.82
N ILE F 146 -33.92 2.94 -26.26
CA ILE F 146 -32.70 2.14 -26.17
C ILE F 146 -32.44 1.79 -24.70
N ASP F 147 -32.29 0.51 -24.40
CA ASP F 147 -32.01 0.11 -23.03
C ASP F 147 -30.60 0.51 -22.64
N ALA F 148 -30.40 0.79 -21.37
CA ALA F 148 -29.08 1.14 -20.85
C ALA F 148 -29.01 0.89 -19.36
N ARG F 149 -28.01 0.15 -18.93
CA ARG F 149 -27.79 -0.08 -17.51
CA ARG F 149 -27.79 -0.08 -17.51
C ARG F 149 -26.90 1.02 -16.92
N VAL F 150 -27.21 1.47 -15.72
CA VAL F 150 -26.41 2.48 -15.02
C VAL F 150 -25.71 1.84 -13.82
N GLY F 151 -24.41 2.09 -13.66
CA GLY F 151 -23.66 1.43 -12.60
C GLY F 151 -22.16 1.70 -12.63
N ASN F 152 -21.38 0.75 -12.11
CA ASN F 152 -19.93 0.88 -12.07
C ASN F 152 -19.25 0.30 -13.30
N LEU F 153 -18.28 1.04 -13.82
CA LEU F 153 -17.33 0.45 -14.77
C LEU F 153 -16.07 0.10 -13.98
N PHE F 154 -15.15 -0.64 -14.61
CA PHE F 154 -13.82 -0.85 -14.06
C PHE F 154 -12.82 -0.36 -15.10
N SER F 155 -11.96 0.59 -14.72
CA SER F 155 -10.96 1.11 -15.65
C SER F 155 -9.63 0.43 -15.39
N ALA F 156 -9.25 -0.46 -16.30
CA ALA F 156 -8.02 -1.25 -16.18
C ALA F 156 -6.82 -0.55 -16.81
N ASP F 157 -5.64 -0.73 -16.22
CA ASP F 157 -4.39 -0.32 -16.86
C ASP F 157 -3.93 -1.39 -17.85
N LEU F 158 -4.23 -2.64 -17.54
CA LEU F 158 -3.80 -3.75 -18.41
C LEU F 158 -4.97 -4.42 -19.10
N PHE F 159 -5.12 -4.16 -20.39
CA PHE F 159 -6.09 -4.89 -21.20
C PHE F 159 -5.78 -6.37 -21.11
N TYR F 160 -4.49 -6.71 -21.15
CA TYR F 160 -4.04 -8.10 -21.00
C TYR F 160 -3.57 -8.33 -19.56
N SER F 161 -4.53 -8.68 -18.71
CA SER F 161 -4.29 -8.78 -17.26
C SER F 161 -3.68 -10.12 -16.88
N PRO F 162 -2.65 -10.10 -16.02
CA PRO F 162 -2.15 -11.38 -15.50
C PRO F 162 -3.10 -11.93 -14.46
N ASP F 163 -3.92 -11.05 -13.88
CA ASP F 163 -4.83 -11.45 -12.80
C ASP F 163 -6.23 -11.74 -13.35
N GLY F 164 -6.41 -12.91 -13.96
CA GLY F 164 -7.70 -13.26 -14.52
C GLY F 164 -8.77 -13.38 -13.45
N GLU F 165 -8.35 -13.67 -12.23
CA GLU F 165 -9.28 -13.88 -11.15
C GLU F 165 -9.97 -12.58 -10.71
N MET F 166 -9.35 -11.46 -11.02
CA MET F 166 -9.97 -10.17 -10.69
C MET F 166 -11.32 -10.03 -11.41
N PHE F 167 -11.50 -10.71 -12.54
CA PHE F 167 -12.79 -10.67 -13.23
C PHE F 167 -13.92 -11.26 -12.39
N ASP F 168 -13.63 -12.28 -11.58
CA ASP F 168 -14.64 -12.84 -10.67
C ASP F 168 -15.04 -11.81 -9.60
N VAL F 169 -14.06 -11.04 -9.13
CA VAL F 169 -14.33 -10.03 -8.11
C VAL F 169 -15.13 -8.88 -8.71
N MET F 170 -14.77 -8.50 -9.94
CA MET F 170 -15.57 -7.49 -10.64
C MET F 170 -17.01 -7.96 -10.79
N GLU F 171 -17.20 -9.21 -11.19
CA GLU F 171 -18.54 -9.76 -11.45
C GLU F 171 -19.36 -9.80 -10.16
N LYS F 172 -18.74 -10.29 -9.09
CA LYS F 172 -19.35 -10.31 -7.77
C LYS F 172 -19.85 -8.92 -7.36
N TYR F 173 -19.07 -7.88 -7.64
CA TYR F 173 -19.42 -6.52 -7.23
C TYR F 173 -20.24 -5.74 -8.26
N GLY F 174 -20.73 -6.43 -9.28
CA GLY F 174 -21.70 -5.87 -10.20
C GLY F 174 -21.16 -4.96 -11.28
N ILE F 175 -19.87 -5.08 -11.56
CA ILE F 175 -19.25 -4.20 -12.56
C ILE F 175 -19.89 -4.45 -13.94
N LEU F 176 -20.29 -3.39 -14.62
CA LEU F 176 -21.04 -3.56 -15.87
C LEU F 176 -20.15 -3.76 -17.08
N GLY F 177 -18.96 -3.15 -17.03
CA GLY F 177 -18.08 -3.17 -18.17
C GLY F 177 -16.66 -2.83 -17.78
N VAL F 178 -15.72 -3.50 -18.42
CA VAL F 178 -14.29 -3.27 -18.21
C VAL F 178 -13.76 -2.44 -19.37
N GLU F 179 -13.28 -1.24 -19.07
CA GLU F 179 -12.66 -0.41 -20.09
C GLU F 179 -11.37 0.17 -19.53
N MET F 180 -10.88 1.29 -20.04
CA MET F 180 -9.54 1.73 -19.64
C MET F 180 -9.37 3.22 -19.40
N GLU F 181 -10.45 3.97 -19.14
CA GLU F 181 -10.36 5.43 -19.14
C GLU F 181 -11.24 6.16 -18.13
N ALA F 182 -12.45 5.66 -17.89
CA ALA F 182 -13.45 6.41 -17.15
C ALA F 182 -12.96 6.97 -15.79
N ALA F 183 -12.32 6.13 -14.99
CA ALA F 183 -11.89 6.55 -13.66
C ALA F 183 -10.86 7.67 -13.77
N GLY F 184 -10.06 7.62 -14.83
CA GLY F 184 -9.06 8.65 -15.08
C GLY F 184 -9.68 9.99 -15.48
N ILE F 185 -10.64 9.93 -16.39
CA ILE F 185 -11.36 11.14 -16.81
C ILE F 185 -12.13 11.75 -15.62
N TYR F 186 -12.78 10.90 -14.83
CA TYR F 186 -13.53 11.37 -13.66
C TYR F 186 -12.62 12.07 -12.64
N GLY F 187 -11.39 11.58 -12.47
CA GLY F 187 -10.45 12.22 -11.56
C GLY F 187 -9.96 13.56 -12.07
N VAL F 188 -9.72 13.65 -13.38
CA VAL F 188 -9.31 14.92 -13.99
C VAL F 188 -10.45 15.93 -13.88
N ALA F 189 -11.67 15.47 -14.17
CA ALA F 189 -12.85 16.33 -14.08
C ALA F 189 -12.99 16.91 -12.67
N ALA F 190 -12.82 16.07 -11.65
CA ALA F 190 -12.90 16.55 -10.28
C ALA F 190 -11.73 17.49 -9.96
N GLU F 191 -10.54 17.17 -10.47
CA GLU F 191 -9.35 17.97 -10.18
C GLU F 191 -9.48 19.38 -10.75
N PHE F 192 -9.95 19.47 -11.99
CA PHE F 192 -9.97 20.75 -12.70
C PHE F 192 -11.35 21.38 -12.72
N GLY F 193 -12.23 20.89 -11.85
CA GLY F 193 -13.59 21.38 -11.74
C GLY F 193 -14.41 21.37 -13.03
N ALA F 194 -14.55 20.22 -13.68
CA ALA F 194 -15.48 20.07 -14.81
C ALA F 194 -16.43 18.88 -14.62
N LYS F 195 -17.26 18.60 -15.61
CA LYS F 195 -18.22 17.50 -15.49
C LYS F 195 -17.96 16.42 -16.54
N ALA F 196 -18.10 15.15 -16.18
CA ALA F 196 -17.81 14.08 -17.12
C ALA F 196 -18.76 12.91 -16.98
N LEU F 197 -18.93 12.17 -18.07
CA LEU F 197 -19.74 10.95 -18.09
C LEU F 197 -19.14 9.97 -19.08
N THR F 198 -19.11 8.69 -18.72
CA THR F 198 -18.71 7.66 -19.67
C THR F 198 -19.91 6.79 -20.03
N ILE F 199 -20.15 6.63 -21.33
CA ILE F 199 -21.13 5.69 -21.83
C ILE F 199 -20.34 4.70 -22.65
N CYS F 200 -20.55 3.41 -22.45
CA CYS F 200 -19.86 2.42 -23.28
C CYS F 200 -20.77 1.42 -23.98
N THR F 201 -20.29 0.91 -25.12
CA THR F 201 -20.94 -0.22 -25.80
C THR F 201 -20.14 -1.50 -25.56
N VAL F 202 -20.80 -2.55 -25.10
CA VAL F 202 -20.12 -3.81 -24.82
C VAL F 202 -19.60 -4.41 -26.14
N SER F 203 -18.28 -4.44 -26.28
CA SER F 203 -17.65 -4.92 -27.52
C SER F 203 -17.12 -6.36 -27.39
N ALA F 204 -17.14 -6.89 -26.17
CA ALA F 204 -16.69 -8.26 -25.94
C ALA F 204 -17.27 -8.80 -24.63
N HIS F 205 -17.53 -10.09 -24.59
CA HIS F 205 -17.90 -10.72 -23.32
C HIS F 205 -16.77 -11.61 -22.82
N ILE F 206 -16.24 -11.28 -21.66
CA ILE F 206 -15.10 -11.97 -21.07
C ILE F 206 -15.42 -13.43 -20.69
N ARG F 207 -16.70 -13.72 -20.41
CA ARG F 207 -17.10 -15.08 -20.06
C ARG F 207 -17.46 -15.91 -21.30
N THR F 208 -18.28 -15.35 -22.18
CA THR F 208 -18.76 -16.09 -23.35
C THR F 208 -17.78 -16.06 -24.51
N HIS F 209 -16.83 -15.12 -24.45
CA HIS F 209 -15.78 -14.96 -25.48
C HIS F 209 -16.25 -14.29 -26.77
N GLU F 210 -17.54 -13.96 -26.84
CA GLU F 210 -18.07 -13.18 -27.95
C GLU F 210 -17.30 -11.87 -28.10
N GLN F 211 -17.22 -11.33 -29.31
CA GLN F 211 -16.37 -10.18 -29.59
C GLN F 211 -16.76 -9.53 -30.91
N THR F 212 -16.80 -8.20 -30.95
CA THR F 212 -17.06 -7.52 -32.21
C THR F 212 -15.71 -7.33 -32.91
N THR F 213 -15.74 -6.96 -34.19
CA THR F 213 -14.50 -6.72 -34.92
C THR F 213 -13.99 -5.30 -34.67
N ALA F 214 -12.73 -5.03 -35.00
CA ALA F 214 -12.20 -3.67 -34.90
C ALA F 214 -12.99 -2.73 -35.81
N ALA F 215 -13.38 -3.23 -36.98
CA ALA F 215 -14.17 -2.41 -37.89
C ALA F 215 -15.51 -2.03 -37.23
N GLU F 216 -16.17 -3.02 -36.63
CA GLU F 216 -17.45 -2.79 -35.97
C GLU F 216 -17.38 -1.75 -34.85
N ALA F 217 -16.30 -1.79 -34.06
CA ALA F 217 -16.11 -0.83 -32.97
C ALA F 217 -15.86 0.57 -33.50
N GLN F 218 -15.27 0.63 -34.69
CA GLN F 218 -14.86 1.91 -35.24
C GLN F 218 -16.05 2.74 -35.72
N THR F 219 -17.12 2.07 -36.13
CA THR F 219 -18.16 2.78 -36.87
C THR F 219 -19.61 2.36 -36.56
N THR F 220 -19.82 1.29 -35.80
CA THR F 220 -21.19 0.75 -35.74
C THR F 220 -21.90 0.87 -34.39
N PHE F 221 -21.19 1.37 -33.39
CA PHE F 221 -21.76 1.55 -32.05
C PHE F 221 -22.50 2.88 -31.96
N ASN F 222 -23.66 2.96 -32.62
CA ASN F 222 -24.35 4.22 -32.81
C ASN F 222 -25.40 4.56 -31.77
N ASP F 223 -25.96 3.55 -31.12
CA ASP F 223 -26.90 3.78 -30.03
C ASP F 223 -26.31 4.70 -28.95
N MET F 224 -25.10 4.40 -28.50
CA MET F 224 -24.47 5.22 -27.48
C MET F 224 -24.23 6.66 -27.92
N ILE F 225 -24.02 6.87 -29.21
CA ILE F 225 -23.76 8.21 -29.72
C ILE F 225 -25.05 9.01 -29.74
N LYS F 226 -26.13 8.37 -30.18
CA LYS F 226 -27.45 9.00 -30.18
C LYS F 226 -27.82 9.44 -28.77
N ILE F 227 -27.64 8.54 -27.81
CA ILE F 227 -27.92 8.82 -26.42
C ILE F 227 -27.10 10.01 -25.95
N ALA F 228 -25.80 10.00 -26.23
CA ALA F 228 -24.91 11.07 -25.78
C ALA F 228 -25.35 12.40 -26.33
N LEU F 229 -25.59 12.42 -27.64
CA LEU F 229 -25.97 13.64 -28.33
C LEU F 229 -27.29 14.19 -27.82
N GLU F 230 -28.30 13.31 -27.70
CA GLU F 230 -29.61 13.74 -27.19
C GLU F 230 -29.53 14.14 -25.72
N SER F 231 -28.62 13.52 -24.97
CA SER F 231 -28.45 13.85 -23.55
C SER F 231 -27.95 15.28 -23.39
N VAL F 232 -27.08 15.71 -24.30
CA VAL F 232 -26.60 17.08 -24.26
C VAL F 232 -27.77 18.08 -24.40
N LEU F 233 -28.67 17.79 -25.32
CA LEU F 233 -29.80 18.69 -25.57
C LEU F 233 -30.70 18.77 -24.34
N LEU F 234 -30.86 17.66 -23.63
CA LEU F 234 -31.62 17.67 -22.39
C LEU F 234 -30.90 18.51 -21.34
N GLY F 235 -29.59 18.33 -21.25
CA GLY F 235 -28.75 19.13 -20.39
C GLY F 235 -28.79 20.63 -20.62
N ASP F 236 -29.04 21.05 -21.86
CA ASP F 236 -29.15 22.48 -22.16
C ASP F 236 -30.54 22.96 -21.73
N LYS F 237 -31.43 21.99 -21.51
CA LYS F 237 -32.84 22.19 -21.15
C LYS F 237 -33.72 22.53 -22.35
N1 FMC G . -16.96 14.81 10.39
C2 FMC G . -17.19 13.48 10.37
N3 FMC G . -18.38 12.91 10.64
C4 FMC G . -19.43 13.69 10.96
C5 FMC G . -19.29 15.15 11.01
C6 FMC G . -17.94 15.70 10.69
N6 FMC G . -17.71 17.03 10.72
N7 FMC G . -20.47 15.68 11.34
N8 FMC G . -21.43 14.65 11.53
C9 FMC G . -20.86 13.44 11.30
C1' FMC G . -21.49 12.08 11.41
C2' FMC G . -20.59 10.87 11.07
O2' FMC G . -21.03 10.22 9.91
C3' FMC G . -20.64 10.01 12.34
O3' FMC G . -21.70 9.07 12.27
C4' FMC G . -20.93 11.03 13.43
O4' FMC G . -21.74 12.04 12.80
C5' FMC G . -19.75 11.69 14.07
O5' FMC G . -20.13 12.87 14.77
P PO4 H . -24.90 10.45 11.87
O1 PO4 H . -26.23 9.89 11.44
O2 PO4 H . -25.09 11.82 12.52
O3 PO4 H . -24.08 10.60 10.64
O4 PO4 H . -24.27 9.50 12.84
P PO4 I . 23.45 -2.86 18.60
O1 PO4 I . 22.11 -2.20 18.52
O2 PO4 I . 23.37 -4.05 19.53
O3 PO4 I . 23.89 -3.34 17.23
O4 PO4 I . 24.46 -1.83 19.10
N1 FMC J . 7.35 14.29 -19.69
C2 FMC J . 6.54 13.26 -19.95
N3 FMC J . 6.46 12.65 -21.15
C4 FMC J . 7.24 13.08 -22.16
C5 FMC J . 8.16 14.20 -21.97
C6 FMC J . 8.19 14.82 -20.62
N6 FMC J . 9.00 15.87 -20.34
N7 FMC J . 8.82 14.41 -23.13
N8 FMC J . 8.38 13.48 -24.10
C9 FMC J . 7.44 12.66 -23.57
C1' FMC J . 6.68 11.56 -24.23
C2' FMC J . 5.89 10.61 -23.32
O2' FMC J . 6.56 9.38 -23.16
C3' FMC J . 4.54 10.48 -24.03
O3' FMC J . 4.60 9.44 -24.99
C4' FMC J . 4.41 11.82 -24.74
O4' FMC J . 5.75 12.25 -25.03
C5' FMC J . 3.69 12.91 -24.00
O5' FMC J . 3.78 14.15 -24.70
P PO4 K . 6.92 10.02 -27.72
O1 PO4 K . 5.45 9.80 -27.45
O2 PO4 K . 7.70 9.78 -26.44
O3 PO4 K . 7.46 9.06 -28.76
O4 PO4 K . 7.12 11.44 -28.18
S SO4 L . 19.67 15.32 -40.44
O1 SO4 L . 19.06 16.46 -39.76
O2 SO4 L . 18.69 14.25 -40.54
O3 SO4 L . 20.05 15.71 -41.79
O4 SO4 L . 20.82 14.85 -39.70
S SO4 M . 17.20 27.03 -36.78
O1 SO4 M . 16.03 27.20 -35.93
O2 SO4 M . 16.80 26.55 -38.10
O3 SO4 M . 18.12 26.08 -36.17
O4 SO4 M . 17.87 28.32 -36.92
P PO4 N . -18.05 -5.56 22.97
O1 PO4 N . -19.08 -6.65 23.07
O2 PO4 N . -18.47 -4.56 21.93
O3 PO4 N . -16.72 -6.16 22.58
O4 PO4 N . -17.91 -4.89 24.31
N1 FMC O . -15.49 -11.16 16.17
C2 FMC O . -15.42 -9.81 16.20
N3 FMC O . -15.88 -9.06 17.21
C4 FMC O . -16.47 -9.66 18.29
C5 FMC O . -16.60 -11.12 18.34
C6 FMC O . -16.06 -11.87 17.18
N6 FMC O . -16.13 -13.22 17.13
N7 FMC O . -17.21 -11.44 19.50
N8 FMC O . -17.50 -10.27 20.23
C9 FMC O . -17.08 -9.17 19.56
C1' FMC O . -17.19 -7.72 19.94
C2' FMC O . -16.50 -6.72 18.99
O2' FMC O . -15.32 -6.20 19.56
C3' FMC O . -17.59 -5.67 18.73
O3' FMC O . -17.49 -4.62 19.69
C4' FMC O . -18.88 -6.44 18.92
O4' FMC O . -18.58 -7.48 19.87
C5' FMC O . -19.45 -7.09 17.68
O5' FMC O . -20.37 -8.12 18.02
S SO4 P . -1.85 -22.81 25.43
O1 SO4 P . -3.13 -22.26 25.88
O2 SO4 P . -1.90 -24.26 25.48
O3 SO4 P . -1.59 -22.41 24.04
O4 SO4 P . -0.80 -22.28 26.29
P PO4 Q . 27.23 -13.61 0.45
O1 PO4 Q . 26.13 -13.83 -0.54
O2 PO4 Q . 26.64 -13.11 1.75
O3 PO4 Q . 27.95 -14.91 0.69
O4 PO4 Q . 28.18 -12.58 -0.12
S SO4 R . 40.56 -21.99 -8.69
O1 SO4 R . 40.06 -21.47 -9.96
O2 SO4 R . 39.47 -22.24 -7.75
O3 SO4 R . 41.25 -23.25 -8.96
O4 SO4 R . 41.47 -21.02 -8.11
N1 FMC S . -11.43 -4.83 -21.83
C2 FMC S . -10.81 -3.63 -21.60
N3 FMC S . -10.98 -2.54 -22.39
C4 FMC S . -11.79 -2.63 -23.47
C5 FMC S . -12.50 -3.89 -23.78
C6 FMC S . -12.26 -5.03 -22.88
N6 FMC S . -12.87 -6.22 -23.10
N7 FMC S . -13.23 -3.69 -24.88
N8 FMC S . -13.05 -2.36 -25.35
C9 FMC S . -12.22 -1.68 -24.54
C1' FMC S . -11.77 -0.27 -24.68
C2' FMC S . -10.76 0.25 -23.63
O2' FMC S . -11.36 1.20 -22.80
C3' FMC S . -9.63 0.82 -24.49
O3' FMC S . -9.89 2.19 -24.82
C4' FMC S . -9.71 -0.02 -25.75
O4' FMC S . -11.10 -0.33 -25.92
C5' FMC S . -8.94 -1.31 -25.72
O5' FMC S . -9.46 -2.22 -26.69
P PO4 T . -12.62 2.84 -26.64
O1 PO4 T . -13.09 1.76 -27.56
O2 PO4 T . -13.00 2.49 -25.23
O3 PO4 T . -13.29 4.15 -26.95
O4 PO4 T . -11.13 3.04 -26.74
S SO4 U . -27.17 2.49 -38.11
O1 SO4 U . -27.54 3.91 -38.19
O2 SO4 U . -28.36 1.69 -37.84
O3 SO4 U . -26.59 2.10 -39.39
O4 SO4 U . -26.21 2.30 -37.03
#